data_3UKK
#
_entry.id   3UKK
#
_cell.length_a   70.660
_cell.length_b   123.660
_cell.length_c   156.370
_cell.angle_alpha   90.00
_cell.angle_beta   103.26
_cell.angle_gamma   90.00
#
_symmetry.space_group_name_H-M   'P 1 21 1'
#
loop_
_entity.id
_entity.type
_entity.pdbx_description
1 polymer 'UDP-galactopyranose mutase'
2 non-polymer 'DIHYDROFLAVINE-ADENINE DINUCLEOTIDE'
3 non-polymer "URIDINE-5'-DIPHOSPHATE"
4 non-polymer 'FLAVIN-ADENINE DINUCLEOTIDE'
5 water water
#
_entity_poly.entity_id   1
_entity_poly.type   'polypeptide(L)'
_entity_poly.pdbx_seq_one_letter_code
;THPDISVDVLVIGAGPTGLGAAKRLNQIDGPSWMIVDSNETPGGLASTDVTPEGFLYDVGGHVIFSHYKYFDDCLDEALP
KEDDWYTHQRISYVRCQGQWVPYPFQNNISMLPKEEQVKCIDGMIDAALEARVANTKPKTFDEWIVRMMGTGIADLFMRP
YNFKVWAVPTTKMQCAWLGEKVAAPNLKAVTTNVILGKTAGNWGPNATFRFPARGGTGGIWIAVANTLPKEKTRFGEKGK
VTKVNANNKTVTLQDGTTIGYKKLVSTMAVDFLAEAMNDQELVGLTKQLFYSSTHVIGVGVRGSRPERIGDKCWLYFPED
NCPFYRATIFSNYSPYNQPEASKKLPTMQLADGSRPQSTEAKEGPYWSIMLEVSESSMKPVNQETILADCIQGLVNTEML
KPTDEIVSTYHRRFDHGYPTPTLEREGALTQILPKLQDKDIWSRGRFGSWRYEVGNQDHSFMLGVEAVDNIVNGAVELTL
NYPDFVNGRQNTERRLVDGAQVFAKSKAQLEHHHHHH
;
_entity_poly.pdbx_strand_id   A,B,C,D
#
# COMPACT_ATOMS: atom_id res chain seq x y z
N THR A 1 -27.62 55.13 29.97
CA THR A 1 -26.66 55.57 30.98
C THR A 1 -25.33 54.81 30.85
N HIS A 2 -24.23 55.55 30.87
CA HIS A 2 -22.91 54.95 30.72
C HIS A 2 -22.44 54.21 31.97
N PRO A 3 -21.51 53.26 31.79
CA PRO A 3 -20.92 52.42 32.86
C PRO A 3 -20.07 53.22 33.83
N ASP A 4 -19.76 52.62 34.97
CA ASP A 4 -18.90 53.22 35.97
C ASP A 4 -17.48 53.43 35.45
N ILE A 5 -17.01 52.47 34.65
CA ILE A 5 -15.67 52.52 34.09
C ILE A 5 -15.70 52.14 32.62
N SER A 6 -14.81 52.75 31.85
CA SER A 6 -14.68 52.39 30.44
C SER A 6 -13.21 52.22 30.03
N VAL A 7 -12.95 51.14 29.30
CA VAL A 7 -11.63 50.89 28.73
C VAL A 7 -11.76 50.36 27.31
N ASP A 8 -10.70 50.51 26.52
CA ASP A 8 -10.64 49.96 25.17
C ASP A 8 -10.65 48.44 25.19
N VAL A 9 -9.84 47.84 26.07
CA VAL A 9 -9.76 46.39 26.16
C VAL A 9 -9.90 45.90 27.59
N LEU A 10 -10.90 45.04 27.81
CA LEU A 10 -11.15 44.47 29.13
C LEU A 10 -10.77 43.01 29.16
N VAL A 11 -9.98 42.62 30.16
CA VAL A 11 -9.50 41.25 30.26
C VAL A 11 -10.13 40.58 31.47
N ILE A 12 -10.89 39.52 31.24
CA ILE A 12 -11.48 38.75 32.32
C ILE A 12 -10.65 37.52 32.63
N GLY A 13 -10.13 37.46 33.84
CA GLY A 13 -9.35 36.31 34.28
C GLY A 13 -7.88 36.62 34.35
N ALA A 14 -7.26 36.21 35.45
CA ALA A 14 -5.84 36.48 35.66
C ALA A 14 -5.07 35.17 35.78
N GLY A 15 -5.46 34.19 34.98
CA GLY A 15 -4.64 33.01 34.78
C GLY A 15 -3.55 33.38 33.78
N PRO A 16 -2.78 32.41 33.33
CA PRO A 16 -1.70 32.67 32.36
C PRO A 16 -2.19 33.36 31.09
N THR A 17 -3.40 33.03 30.63
CA THR A 17 -3.97 33.66 29.43
C THR A 17 -4.17 35.17 29.61
N GLY A 18 -4.97 35.53 30.61
CA GLY A 18 -5.22 36.92 30.91
C GLY A 18 -3.98 37.71 31.22
N LEU A 19 -3.09 37.12 32.00
CA LEU A 19 -1.82 37.77 32.32
C LEU A 19 -0.98 37.96 31.07
N GLY A 20 -1.09 37.00 30.14
CA GLY A 20 -0.49 37.15 28.83
C GLY A 20 -1.05 38.35 28.10
N ALA A 21 -2.38 38.42 28.01
CA ALA A 21 -3.05 39.58 27.46
C ALA A 21 -2.55 40.85 28.13
N ALA A 22 -2.54 40.85 29.46
CA ALA A 22 -2.16 42.06 30.21
C ALA A 22 -0.72 42.48 29.91
N LYS A 23 0.19 41.52 29.86
CA LYS A 23 1.59 41.83 29.59
C LYS A 23 1.75 42.56 28.26
N ARG A 24 1.15 42.01 27.21
CA ARG A 24 1.28 42.64 25.89
C ARG A 24 0.68 44.04 25.87
N LEU A 25 -0.51 44.19 26.45
CA LEU A 25 -1.17 45.49 26.54
C LEU A 25 -0.32 46.49 27.28
N ASN A 26 0.34 46.03 28.33
CA ASN A 26 1.19 46.91 29.09
C ASN A 26 2.44 47.27 28.30
N GLN A 27 2.93 46.32 27.52
CA GLN A 27 4.09 46.55 26.67
C GLN A 27 3.78 47.56 25.57
N ILE A 28 2.61 47.44 24.95
CA ILE A 28 2.18 48.37 23.91
C ILE A 28 1.89 49.76 24.45
N ASP A 29 1.22 49.84 25.60
CA ASP A 29 0.93 51.10 26.25
C ASP A 29 0.15 52.07 25.35
N GLY A 30 -0.71 51.51 24.50
CA GLY A 30 -1.50 52.30 23.59
C GLY A 30 -2.93 52.47 24.06
N PRO A 31 -3.78 51.49 23.76
CA PRO A 31 -5.19 51.49 24.19
C PRO A 31 -5.32 51.30 25.70
N SER A 32 -6.32 51.95 26.29
CA SER A 32 -6.57 51.78 27.71
C SER A 32 -7.06 50.36 27.96
N TRP A 33 -6.85 49.85 29.16
CA TRP A 33 -7.19 48.46 29.44
C TRP A 33 -7.25 48.18 30.93
N MET A 34 -7.85 47.05 31.26
CA MET A 34 -8.07 46.68 32.65
C MET A 34 -8.22 45.16 32.73
N ILE A 35 -7.80 44.58 33.85
CA ILE A 35 -7.96 43.15 34.03
C ILE A 35 -8.59 42.82 35.39
N VAL A 36 -9.58 41.93 35.37
CA VAL A 36 -10.30 41.58 36.57
C VAL A 36 -10.24 40.08 36.82
N ASP A 37 -10.24 39.70 38.09
CA ASP A 37 -10.29 38.30 38.46
C ASP A 37 -11.03 38.15 39.77
N SER A 38 -11.80 37.08 39.86
CA SER A 38 -12.62 36.82 41.03
C SER A 38 -11.80 36.29 42.19
N ASN A 39 -10.52 36.03 41.92
CA ASN A 39 -9.60 35.55 42.93
C ASN A 39 -8.64 36.66 43.36
N GLU A 40 -8.30 36.70 44.64
CA GLU A 40 -7.40 37.74 45.15
C GLU A 40 -5.95 37.50 44.68
N THR A 41 -5.65 36.25 44.34
CA THR A 41 -4.32 35.88 43.91
C THR A 41 -4.31 35.46 42.44
N PRO A 42 -3.57 36.20 41.60
CA PRO A 42 -3.49 35.85 40.18
C PRO A 42 -2.92 34.45 39.99
N GLY A 43 -3.12 33.88 38.80
CA GLY A 43 -2.55 32.58 38.50
C GLY A 43 -3.52 31.54 37.96
N GLY A 44 -4.76 31.56 38.45
CA GLY A 44 -5.76 30.59 38.03
C GLY A 44 -5.36 29.17 38.39
N LEU A 45 -5.64 28.23 37.50
CA LEU A 45 -5.27 26.82 37.71
C LEU A 45 -3.77 26.61 37.88
N ALA A 46 -2.99 27.66 37.62
CA ALA A 46 -1.54 27.54 37.70
C ALA A 46 -1.01 28.10 39.02
N SER A 47 -1.86 28.17 40.03
CA SER A 47 -1.43 28.68 41.34
C SER A 47 -1.07 27.54 42.29
N THR A 48 -0.77 27.89 43.54
CA THR A 48 -0.24 26.94 44.48
C THR A 48 -0.94 27.04 45.84
N ASP A 49 -1.27 25.90 46.44
CA ASP A 49 -1.85 25.89 47.78
C ASP A 49 -0.87 25.35 48.82
N VAL A 50 -1.10 25.71 50.08
CA VAL A 50 -0.21 25.28 51.16
C VAL A 50 -0.99 24.52 52.22
N THR A 51 -0.41 23.46 52.74
CA THR A 51 -1.05 22.75 53.84
C THR A 51 -0.75 23.49 55.14
N PRO A 52 -1.64 23.37 56.13
CA PRO A 52 -1.40 23.96 57.45
C PRO A 52 -0.13 23.40 58.07
N GLU A 53 0.49 22.42 57.41
CA GLU A 53 1.74 21.85 57.88
C GLU A 53 2.91 22.46 57.13
N GLY A 54 2.64 23.05 55.98
CA GLY A 54 3.67 23.76 55.23
C GLY A 54 4.14 23.04 53.97
N PHE A 55 3.25 22.21 53.41
CA PHE A 55 3.53 21.58 52.13
C PHE A 55 2.84 22.33 50.99
N LEU A 56 3.60 22.67 49.97
CA LEU A 56 3.06 23.28 48.77
C LEU A 56 2.51 22.21 47.84
N TYR A 57 1.47 22.56 47.09
CA TYR A 57 0.95 21.68 46.06
C TYR A 57 0.42 22.47 44.88
N ASP A 58 0.92 22.17 43.69
CA ASP A 58 0.41 22.75 42.47
C ASP A 58 -0.95 22.16 42.13
N VAL A 59 -1.40 22.40 40.91
CA VAL A 59 -2.64 21.79 40.44
C VAL A 59 -2.26 20.71 39.42
N GLY A 60 -1.39 19.81 39.84
CA GLY A 60 -0.96 18.71 39.00
C GLY A 60 0.54 18.63 38.76
N GLY A 61 1.32 19.31 39.59
CA GLY A 61 2.76 19.33 39.46
C GLY A 61 3.20 19.89 38.12
N HIS A 62 2.91 21.16 37.89
CA HIS A 62 3.14 21.78 36.59
C HIS A 62 4.61 21.90 36.26
N VAL A 63 4.91 21.85 34.97
CA VAL A 63 6.29 21.91 34.49
C VAL A 63 6.42 22.97 33.40
N ILE A 64 7.46 23.77 33.50
CA ILE A 64 7.67 24.88 32.58
C ILE A 64 8.62 24.53 31.44
N PHE A 65 8.06 24.37 30.25
CA PHE A 65 8.85 24.26 29.04
C PHE A 65 8.15 25.08 27.96
N SER A 66 8.91 25.95 27.30
CA SER A 66 8.33 26.97 26.44
C SER A 66 8.63 26.79 24.96
N HIS A 67 7.68 27.17 24.11
CA HIS A 67 7.92 27.23 22.67
C HIS A 67 8.10 28.69 22.20
N TYR A 68 8.15 29.63 23.15
CA TYR A 68 8.16 31.06 22.80
C TYR A 68 9.19 31.87 23.58
N LYS A 69 10.01 32.65 22.89
CA LYS A 69 10.91 33.56 23.57
C LYS A 69 10.15 34.58 24.42
N TYR A 70 8.98 35.01 23.94
CA TYR A 70 8.18 35.99 24.67
C TYR A 70 7.85 35.50 26.06
N PHE A 71 7.44 34.24 26.13
CA PHE A 71 7.12 33.60 27.41
C PHE A 71 8.34 33.59 28.32
N ASP A 72 9.49 33.27 27.75
CA ASP A 72 10.74 33.25 28.50
C ASP A 72 11.11 34.65 28.98
N ASP A 73 10.99 35.62 28.08
CA ASP A 73 11.33 36.99 28.41
C ASP A 73 10.57 37.42 29.66
N CYS A 74 9.28 37.10 29.70
CA CYS A 74 8.41 37.58 30.77
C CYS A 74 8.72 36.92 32.11
N LEU A 75 9.01 35.62 32.08
CA LEU A 75 9.39 34.93 33.31
C LEU A 75 10.72 35.46 33.83
N ASP A 76 11.66 35.75 32.92
CA ASP A 76 12.96 36.29 33.31
C ASP A 76 12.85 37.67 33.94
N GLU A 77 11.88 38.46 33.50
CA GLU A 77 11.66 39.76 34.10
C GLU A 77 11.05 39.57 35.49
N ALA A 78 10.13 38.61 35.57
CA ALA A 78 9.45 38.28 36.82
C ALA A 78 10.42 37.76 37.88
N LEU A 79 11.21 36.76 37.52
CA LEU A 79 12.20 36.18 38.40
C LEU A 79 13.56 36.30 37.75
N PRO A 80 14.19 37.47 37.86
CA PRO A 80 15.49 37.74 37.24
C PRO A 80 16.62 36.98 37.91
N LYS A 81 16.68 37.00 39.24
CA LYS A 81 17.73 36.32 39.98
C LYS A 81 17.91 34.90 39.46
N GLU A 82 19.16 34.43 39.41
CA GLU A 82 19.43 33.09 38.88
C GLU A 82 19.21 31.99 39.93
N ASP A 83 19.13 32.35 41.19
CA ASP A 83 18.76 31.38 42.22
C ASP A 83 17.24 31.33 42.39
N ASP A 84 16.53 31.93 41.45
CA ASP A 84 15.06 31.89 41.45
C ASP A 84 14.55 30.64 40.74
N TRP A 85 15.42 30.01 39.96
CA TRP A 85 15.02 28.87 39.15
C TRP A 85 15.82 27.61 39.45
N TYR A 86 15.15 26.46 39.38
CA TYR A 86 15.83 25.17 39.33
C TYR A 86 15.60 24.54 37.96
N THR A 87 16.66 23.98 37.39
CA THR A 87 16.56 23.29 36.10
C THR A 87 16.64 21.79 36.32
N HIS A 88 15.73 21.06 35.72
CA HIS A 88 15.69 19.61 35.91
C HIS A 88 15.64 18.86 34.58
N GLN A 89 16.28 17.70 34.56
CA GLN A 89 16.14 16.80 33.44
C GLN A 89 14.91 15.95 33.73
N ARG A 90 14.20 15.55 32.67
CA ARG A 90 12.97 14.78 32.87
C ARG A 90 13.23 13.30 33.14
N ILE A 91 13.05 12.90 34.39
CA ILE A 91 13.14 11.50 34.77
C ILE A 91 11.74 10.93 34.94
N SER A 92 11.21 10.33 33.88
CA SER A 92 9.82 9.89 33.89
C SER A 92 9.64 8.43 33.49
N TYR A 93 9.00 7.66 34.35
CA TYR A 93 8.76 6.24 34.08
C TYR A 93 7.27 5.92 34.09
N VAL A 94 6.92 4.81 33.45
CA VAL A 94 5.56 4.28 33.55
C VAL A 94 5.58 3.00 34.39
N ARG A 95 4.67 2.91 35.33
CA ARG A 95 4.53 1.72 36.17
C ARG A 95 3.75 0.66 35.39
N CYS A 96 4.41 -0.46 35.09
CA CYS A 96 3.75 -1.56 34.39
C CYS A 96 4.29 -2.94 34.79
N GLN A 97 3.37 -3.88 35.04
CA GLN A 97 3.75 -5.22 35.43
C GLN A 97 4.81 -5.23 36.53
N GLY A 98 4.71 -4.28 37.46
CA GLY A 98 5.62 -4.21 38.58
C GLY A 98 6.98 -3.67 38.21
N GLN A 99 7.09 -3.13 36.99
CA GLN A 99 8.34 -2.57 36.52
C GLN A 99 8.22 -1.05 36.40
N TRP A 100 9.36 -0.39 36.22
CA TRP A 100 9.36 1.01 35.85
C TRP A 100 9.85 1.11 34.41
N VAL A 101 8.91 1.26 33.48
CA VAL A 101 9.25 1.45 32.07
C VAL A 101 9.47 2.93 31.79
N PRO A 102 10.68 3.29 31.33
CA PRO A 102 11.01 4.69 31.04
C PRO A 102 10.08 5.30 30.00
N TYR A 103 9.70 6.54 30.21
CA TYR A 103 8.87 7.28 29.26
C TYR A 103 9.76 7.78 28.12
N PRO A 104 9.23 7.75 26.88
CA PRO A 104 7.89 7.28 26.51
C PRO A 104 7.79 5.75 26.49
N PHE A 105 6.66 5.24 26.97
CA PHE A 105 6.42 3.80 27.08
C PHE A 105 6.65 3.05 25.77
N GLN A 106 6.12 3.59 24.68
CA GLN A 106 6.14 2.90 23.39
C GLN A 106 7.52 2.86 22.74
N ASN A 107 8.52 3.44 23.40
CA ASN A 107 9.89 3.38 22.89
C ASN A 107 10.79 2.54 23.78
N ASN A 108 10.22 2.02 24.86
CA ASN A 108 11.02 1.30 25.85
C ASN A 108 10.48 -0.08 26.17
N ILE A 109 9.96 -0.76 25.15
CA ILE A 109 9.44 -2.11 25.29
C ILE A 109 10.46 -3.02 25.98
N SER A 110 11.73 -2.65 25.88
CA SER A 110 12.83 -3.42 26.47
C SER A 110 12.60 -3.81 27.92
N MET A 111 12.08 -2.87 28.72
CA MET A 111 11.92 -3.08 30.15
C MET A 111 10.73 -3.94 30.56
N LEU A 112 9.85 -4.23 29.61
CA LEU A 112 8.69 -5.08 29.90
C LEU A 112 9.14 -6.52 30.06
N PRO A 113 8.27 -7.36 30.65
CA PRO A 113 8.49 -8.81 30.65
C PRO A 113 8.50 -9.32 29.20
N LYS A 114 9.30 -10.34 28.93
CA LYS A 114 9.45 -10.87 27.58
C LYS A 114 8.10 -11.21 26.92
N GLU A 115 7.21 -11.82 27.68
CA GLU A 115 5.91 -12.21 27.13
C GLU A 115 5.13 -11.00 26.63
N GLU A 116 5.19 -9.92 27.39
CA GLU A 116 4.52 -8.69 27.02
C GLU A 116 5.19 -8.03 25.82
N GLN A 117 6.52 -8.05 25.82
CA GLN A 117 7.28 -7.49 24.70
C GLN A 117 6.78 -8.09 23.39
N VAL A 118 6.54 -9.41 23.40
CA VAL A 118 6.10 -10.11 22.20
C VAL A 118 4.80 -9.55 21.63
N LYS A 119 3.79 -9.40 22.48
CA LYS A 119 2.51 -8.83 22.05
C LYS A 119 2.69 -7.44 21.46
N CYS A 120 3.54 -6.64 22.09
CA CYS A 120 3.78 -5.26 21.68
C CYS A 120 4.46 -5.13 20.32
N ILE A 121 5.53 -5.90 20.10
CA ILE A 121 6.26 -5.86 18.84
C ILE A 121 5.39 -6.38 17.70
N ASP A 122 4.65 -7.45 17.95
CA ASP A 122 3.78 -8.03 16.94
C ASP A 122 2.80 -6.99 16.43
N GLY A 123 2.25 -6.21 17.35
CA GLY A 123 1.31 -5.15 17.01
C GLY A 123 1.97 -4.05 16.20
N MET A 124 3.16 -3.64 16.63
CA MET A 124 3.91 -2.62 15.89
C MET A 124 4.20 -3.05 14.47
N ILE A 125 4.49 -4.34 14.28
CA ILE A 125 4.81 -4.88 12.97
C ILE A 125 3.58 -4.86 12.07
N ASP A 126 2.45 -5.32 12.60
CA ASP A 126 1.18 -5.30 11.87
C ASP A 126 0.73 -3.86 11.61
N ALA A 127 1.13 -2.95 12.48
CA ALA A 127 0.78 -1.55 12.35
C ALA A 127 1.71 -0.87 11.35
N ALA A 128 3.00 -1.16 11.47
CA ALA A 128 3.98 -0.62 10.54
C ALA A 128 3.68 -1.06 9.11
N LEU A 129 3.27 -2.31 8.95
CA LEU A 129 2.98 -2.85 7.62
C LEU A 129 1.75 -2.23 6.99
N GLU A 130 0.80 -1.82 7.83
CA GLU A 130 -0.38 -1.13 7.33
C GLU A 130 -0.11 0.36 7.11
N ALA A 131 0.81 0.92 7.89
CA ALA A 131 1.18 2.33 7.75
C ALA A 131 1.88 2.58 6.43
N ARG A 132 2.63 1.58 5.97
CA ARG A 132 3.35 1.67 4.71
C ARG A 132 2.40 1.87 3.53
N VAL A 133 1.11 1.63 3.77
CA VAL A 133 0.16 1.53 2.67
C VAL A 133 -1.04 2.46 2.82
N ALA A 134 -1.19 3.05 4.01
CA ALA A 134 -2.34 3.92 4.29
C ALA A 134 -2.36 5.18 3.43
N ASN A 135 -3.55 5.60 3.05
CA ASN A 135 -3.73 6.83 2.29
C ASN A 135 -4.86 7.66 2.90
N THR A 136 -5.56 7.08 3.87
CA THR A 136 -6.61 7.77 4.59
C THR A 136 -6.08 8.33 5.91
N LYS A 137 -6.92 9.06 6.63
CA LYS A 137 -6.52 9.61 7.92
C LYS A 137 -7.38 9.01 9.04
N PRO A 138 -6.78 8.79 10.21
CA PRO A 138 -7.54 8.18 11.30
C PRO A 138 -8.73 9.06 11.73
N LYS A 139 -9.85 8.43 12.01
CA LYS A 139 -11.03 9.17 12.47
C LYS A 139 -10.92 9.45 13.96
N THR A 140 -10.94 8.39 14.77
CA THR A 140 -10.89 8.55 16.22
C THR A 140 -9.47 8.49 16.76
N PHE A 141 -9.34 8.80 18.04
CA PHE A 141 -8.07 8.69 18.75
C PHE A 141 -7.65 7.22 18.76
N ASP A 142 -8.62 6.34 18.96
CA ASP A 142 -8.35 4.90 19.01
C ASP A 142 -7.77 4.37 17.70
N GLU A 143 -8.38 4.77 16.58
CA GLU A 143 -7.87 4.37 15.27
C GLU A 143 -6.45 4.86 15.09
N TRP A 144 -6.15 6.02 15.66
CA TRP A 144 -4.79 6.55 15.59
C TRP A 144 -3.82 5.67 16.37
N ILE A 145 -4.18 5.30 17.59
CA ILE A 145 -3.32 4.49 18.44
C ILE A 145 -3.05 3.11 17.87
N VAL A 146 -4.08 2.51 17.28
CA VAL A 146 -3.90 1.20 16.64
C VAL A 146 -3.01 1.30 15.41
N ARG A 147 -3.21 2.34 14.61
CA ARG A 147 -2.41 2.55 13.40
C ARG A 147 -0.93 2.79 13.71
N MET A 148 -0.66 3.41 14.86
CA MET A 148 0.68 3.91 15.15
C MET A 148 1.43 3.10 16.21
N MET A 149 0.73 2.22 16.92
CA MET A 149 1.38 1.42 17.96
C MET A 149 0.96 -0.04 17.95
N GLY A 150 -0.13 -0.32 17.25
CA GLY A 150 -0.63 -1.68 17.12
C GLY A 150 -1.54 -2.05 18.28
N THR A 151 -2.15 -3.22 18.17
CA THR A 151 -3.08 -3.67 19.19
C THR A 151 -2.36 -3.93 20.50
N GLY A 152 -1.11 -4.37 20.41
CA GLY A 152 -0.35 -4.72 21.58
C GLY A 152 -0.25 -3.58 22.59
N ILE A 153 0.45 -2.52 22.21
CA ILE A 153 0.61 -1.38 23.09
C ILE A 153 -0.73 -0.75 23.41
N ALA A 154 -1.62 -0.76 22.42
CA ALA A 154 -2.97 -0.20 22.60
C ALA A 154 -3.68 -0.81 23.80
N ASP A 155 -3.66 -2.14 23.89
CA ASP A 155 -4.38 -2.86 24.94
C ASP A 155 -3.64 -2.88 26.27
N LEU A 156 -2.32 -2.80 26.21
CA LEU A 156 -1.49 -2.89 27.40
C LEU A 156 -1.43 -1.58 28.17
N PHE A 157 -1.28 -0.47 27.44
CA PHE A 157 -1.05 0.82 28.08
C PHE A 157 -2.00 1.93 27.63
N MET A 158 -1.96 2.28 26.34
CA MET A 158 -2.70 3.41 25.82
C MET A 158 -4.17 3.42 26.20
N ARG A 159 -4.92 2.42 25.73
CA ARG A 159 -6.36 2.37 25.98
C ARG A 159 -6.71 2.56 27.45
N PRO A 160 -6.17 1.71 28.33
CA PRO A 160 -6.53 1.82 29.75
C PRO A 160 -6.08 3.15 30.36
N TYR A 161 -4.86 3.59 30.03
CA TYR A 161 -4.35 4.84 30.58
C TYR A 161 -5.19 6.02 30.17
N ASN A 162 -5.36 6.20 28.86
CA ASN A 162 -6.09 7.35 28.34
C ASN A 162 -7.49 7.50 28.92
N PHE A 163 -8.14 6.40 29.26
CA PHE A 163 -9.44 6.49 29.91
C PHE A 163 -9.23 7.00 31.32
N LYS A 164 -8.18 6.50 31.95
CA LYS A 164 -7.90 6.81 33.35
C LYS A 164 -7.62 8.29 33.54
N VAL A 165 -7.08 8.95 32.51
CA VAL A 165 -6.81 10.37 32.62
C VAL A 165 -7.91 11.25 32.01
N TRP A 166 -8.39 10.88 30.82
CA TRP A 166 -9.43 11.66 30.14
C TRP A 166 -10.82 11.43 30.72
N ALA A 167 -11.01 10.29 31.36
CA ALA A 167 -12.33 9.89 31.84
C ALA A 167 -13.29 9.73 30.67
N VAL A 168 -12.76 9.27 29.55
CA VAL A 168 -13.54 8.94 28.36
C VAL A 168 -12.78 7.92 27.52
N PRO A 169 -13.50 7.03 26.84
CA PRO A 169 -12.86 6.03 25.99
C PRO A 169 -12.18 6.67 24.77
N THR A 170 -11.03 6.14 24.40
CA THR A 170 -10.27 6.64 23.26
C THR A 170 -11.13 6.69 22.00
N THR A 171 -12.10 5.81 21.91
CA THR A 171 -12.96 5.72 20.73
C THR A 171 -13.80 6.97 20.55
N LYS A 172 -13.93 7.77 21.61
CA LYS A 172 -14.78 8.95 21.57
C LYS A 172 -13.99 10.25 21.38
N MET A 173 -12.67 10.13 21.26
CA MET A 173 -11.82 11.30 21.12
C MET A 173 -11.29 11.46 19.70
N GLN A 174 -11.12 12.70 19.26
CA GLN A 174 -10.51 12.97 17.97
C GLN A 174 -9.00 12.78 18.08
N CYS A 175 -8.27 12.96 16.99
CA CYS A 175 -6.84 12.65 16.99
C CYS A 175 -5.97 13.77 16.42
N ALA A 176 -6.53 14.96 16.25
CA ALA A 176 -5.77 16.06 15.66
C ALA A 176 -5.00 16.83 16.72
N TRP A 177 -5.09 16.34 17.96
CA TRP A 177 -4.54 17.06 19.10
C TRP A 177 -3.20 16.54 19.59
N LEU A 178 -2.77 15.39 19.08
CA LEU A 178 -1.61 14.71 19.64
C LEU A 178 -0.31 14.89 18.84
N GLY A 179 -0.15 16.06 18.23
CA GLY A 179 1.06 16.38 17.50
C GLY A 179 2.34 16.08 18.29
N GLU A 180 2.52 16.80 19.39
CA GLU A 180 3.73 16.64 20.21
C GLU A 180 3.44 16.00 21.55
N LYS A 181 2.23 15.46 21.70
CA LYS A 181 1.80 14.89 22.97
C LYS A 181 2.07 13.39 23.05
N VAL A 182 1.68 12.68 21.99
CA VAL A 182 1.84 11.22 21.94
C VAL A 182 2.87 10.81 20.89
N ALA A 183 3.94 10.16 21.34
CA ALA A 183 5.01 9.73 20.45
C ALA A 183 4.60 8.56 19.55
N ALA A 184 4.94 8.63 18.27
CA ALA A 184 4.72 7.54 17.33
C ALA A 184 6.00 6.73 17.14
N PRO A 185 5.99 5.47 17.60
CA PRO A 185 7.19 4.62 17.64
C PRO A 185 7.72 4.22 16.26
N ASN A 186 9.05 4.13 16.15
CA ASN A 186 9.71 3.73 14.91
C ASN A 186 10.25 2.31 14.97
N LEU A 187 9.56 1.40 14.29
CA LEU A 187 9.85 -0.04 14.35
C LEU A 187 11.33 -0.40 14.37
N LYS A 188 12.12 0.27 13.52
CA LYS A 188 13.56 0.03 13.47
C LYS A 188 14.22 0.45 14.78
N ALA A 189 13.81 1.59 15.32
CA ALA A 189 14.38 2.09 16.56
C ALA A 189 13.97 1.23 17.74
N VAL A 190 12.73 0.76 17.72
CA VAL A 190 12.16 0.00 18.82
C VAL A 190 12.80 -1.38 18.99
N THR A 191 12.86 -2.14 17.90
CA THR A 191 13.43 -3.48 17.94
C THR A 191 14.90 -3.42 18.35
N THR A 192 15.63 -2.46 17.76
CA THR A 192 17.03 -2.26 18.09
C THR A 192 17.23 -2.18 19.61
N ASN A 193 16.42 -1.37 20.28
CA ASN A 193 16.52 -1.25 21.73
C ASN A 193 16.16 -2.53 22.46
N VAL A 194 15.25 -3.32 21.89
CA VAL A 194 14.84 -4.58 22.51
C VAL A 194 16.00 -5.56 22.50
N ILE A 195 16.70 -5.57 21.39
CA ILE A 195 17.90 -6.39 21.23
C ILE A 195 18.98 -5.95 22.20
N LEU A 196 19.37 -4.68 22.11
CA LEU A 196 20.51 -4.16 22.87
C LEU A 196 20.22 -3.89 24.34
N GLY A 197 18.94 -3.80 24.71
CA GLY A 197 18.56 -3.44 26.06
C GLY A 197 18.90 -1.99 26.38
N LYS A 198 18.68 -1.11 25.41
CA LYS A 198 18.93 0.32 25.60
C LYS A 198 17.62 1.07 25.88
N THR A 199 17.74 2.28 26.40
CA THR A 199 16.57 3.11 26.69
C THR A 199 16.57 4.38 25.84
N ALA A 200 15.40 4.97 25.66
CA ALA A 200 15.27 6.22 24.92
C ALA A 200 14.25 7.14 25.60
N GLY A 201 14.75 8.02 26.45
CA GLY A 201 13.90 8.94 27.19
C GLY A 201 14.20 10.40 26.91
N ASN A 202 14.54 10.71 25.66
CA ASN A 202 14.81 12.08 25.27
C ASN A 202 13.61 12.74 24.59
N TRP A 203 12.69 11.91 24.12
CA TRP A 203 11.54 12.38 23.36
C TRP A 203 10.73 13.45 24.10
N GLY A 204 9.99 14.25 23.34
CA GLY A 204 9.09 15.23 23.90
C GLY A 204 9.75 16.54 24.24
N PRO A 205 8.94 17.60 24.39
CA PRO A 205 9.43 18.93 24.78
C PRO A 205 9.78 18.95 26.26
N ASN A 206 9.47 17.86 26.96
CA ASN A 206 9.68 17.74 28.39
C ASN A 206 11.12 17.40 28.78
N ALA A 207 11.90 16.92 27.82
CA ALA A 207 13.29 16.53 28.07
C ALA A 207 13.91 17.29 29.25
N THR A 208 14.12 18.59 29.06
CA THR A 208 14.63 19.45 30.13
C THR A 208 13.62 20.54 30.46
N PHE A 209 13.62 21.00 31.70
CA PHE A 209 12.64 21.98 32.16
C PHE A 209 13.07 22.66 33.46
N ARG A 210 12.53 23.84 33.71
CA ARG A 210 12.86 24.58 34.92
C ARG A 210 11.65 24.75 35.82
N PHE A 211 11.92 24.94 37.10
CA PHE A 211 10.85 25.07 38.08
C PHE A 211 11.21 26.18 39.04
N PRO A 212 10.22 26.99 39.41
CA PRO A 212 10.45 28.12 40.32
C PRO A 212 11.04 27.64 41.64
N ALA A 213 11.95 28.41 42.21
CA ALA A 213 12.55 28.06 43.49
C ALA A 213 11.54 28.17 44.62
N ARG A 214 10.68 29.19 44.54
CA ARG A 214 9.78 29.50 45.64
C ARG A 214 8.36 29.78 45.18
N GLY A 215 7.40 29.36 45.98
CA GLY A 215 5.99 29.61 45.71
C GLY A 215 5.34 28.69 44.69
N GLY A 216 6.08 27.69 44.20
CA GLY A 216 5.58 26.82 43.15
C GLY A 216 5.28 27.63 41.91
N THR A 217 4.68 27.01 40.90
CA THR A 217 4.34 27.75 39.69
C THR A 217 3.52 28.98 40.05
N GLY A 218 2.74 28.88 41.13
CA GLY A 218 1.94 30.00 41.59
C GLY A 218 2.77 31.24 41.80
N GLY A 219 4.01 31.05 42.24
CA GLY A 219 4.90 32.16 42.53
C GLY A 219 5.29 32.91 41.27
N ILE A 220 5.38 32.18 40.16
CA ILE A 220 5.62 32.77 38.86
C ILE A 220 4.59 33.82 38.52
N TRP A 221 3.32 33.43 38.51
CA TRP A 221 2.25 34.30 38.05
C TRP A 221 1.97 35.43 39.03
N ILE A 222 2.34 35.22 40.28
CA ILE A 222 2.34 36.30 41.25
C ILE A 222 3.41 37.32 40.87
N ALA A 223 4.61 36.83 40.60
CA ALA A 223 5.73 37.67 40.19
C ALA A 223 5.43 38.41 38.89
N VAL A 224 4.89 37.70 37.91
CA VAL A 224 4.55 38.31 36.63
C VAL A 224 3.50 39.41 36.81
N ALA A 225 2.52 39.15 37.68
CA ALA A 225 1.46 40.11 37.95
C ALA A 225 1.96 41.40 38.62
N ASN A 226 2.98 41.29 39.46
CA ASN A 226 3.54 42.47 40.10
C ASN A 226 4.30 43.38 39.14
N THR A 227 4.42 42.96 37.89
CA THR A 227 5.09 43.76 36.86
C THR A 227 4.08 44.62 36.12
N LEU A 228 2.80 44.42 36.44
CA LEU A 228 1.72 45.19 35.84
C LEU A 228 1.33 46.37 36.72
N PRO A 229 0.84 47.45 36.10
CA PRO A 229 0.33 48.59 36.87
C PRO A 229 -0.91 48.18 37.68
N LYS A 230 -0.75 48.10 39.00
CA LYS A 230 -1.79 47.60 39.88
C LYS A 230 -3.14 48.29 39.70
N GLU A 231 -3.12 49.59 39.48
CA GLU A 231 -4.34 50.34 39.33
C GLU A 231 -5.19 49.84 38.16
N LYS A 232 -4.60 49.02 37.30
CA LYS A 232 -5.30 48.48 36.15
C LYS A 232 -5.79 47.06 36.40
N THR A 233 -5.69 46.62 37.64
CA THR A 233 -6.18 45.29 38.02
C THR A 233 -7.32 45.41 39.03
N ARG A 234 -8.00 44.30 39.25
CA ARG A 234 -9.11 44.26 40.18
C ARG A 234 -9.36 42.81 40.58
N PHE A 235 -8.57 42.33 41.54
CA PHE A 235 -8.57 40.92 41.91
C PHE A 235 -9.33 40.69 43.21
N GLY A 236 -10.21 39.70 43.20
CA GLY A 236 -11.00 39.34 44.37
C GLY A 236 -12.49 39.41 44.11
N GLU A 237 -13.26 39.44 45.20
CA GLU A 237 -14.70 39.61 45.11
C GLU A 237 -15.07 40.79 44.20
N LYS A 238 -14.32 41.88 44.33
CA LYS A 238 -14.58 43.10 43.56
C LYS A 238 -14.34 42.92 42.06
N GLY A 239 -13.82 41.76 41.67
CA GLY A 239 -13.49 41.51 40.27
C GLY A 239 -14.21 40.33 39.66
N LYS A 240 -15.11 39.71 40.43
CA LYS A 240 -15.87 38.59 39.91
C LYS A 240 -16.93 39.07 38.91
N VAL A 241 -16.92 38.47 37.73
CA VAL A 241 -17.88 38.84 36.70
C VAL A 241 -19.15 38.04 36.88
N THR A 242 -20.29 38.71 36.95
CA THR A 242 -21.57 38.03 37.11
C THR A 242 -22.41 38.07 35.84
N LYS A 243 -22.23 39.11 35.04
CA LYS A 243 -23.06 39.32 33.86
C LYS A 243 -22.30 39.99 32.71
N VAL A 244 -22.58 39.57 31.50
CA VAL A 244 -21.98 40.17 30.31
C VAL A 244 -23.05 40.55 29.29
N ASN A 245 -23.17 41.84 29.02
CA ASN A 245 -24.14 42.32 28.05
C ASN A 245 -23.47 42.63 26.72
N ALA A 246 -23.43 41.62 25.84
CA ALA A 246 -22.71 41.71 24.58
C ALA A 246 -23.31 42.73 23.62
N ASN A 247 -24.56 43.13 23.87
CA ASN A 247 -25.23 44.08 22.98
C ASN A 247 -24.78 45.52 23.23
N ASN A 248 -24.81 45.96 24.48
CA ASN A 248 -24.27 47.26 24.82
C ASN A 248 -22.86 47.19 25.42
N LYS A 249 -22.19 46.07 25.17
CA LYS A 249 -20.78 45.89 25.52
C LYS A 249 -20.43 46.35 26.93
N THR A 250 -21.06 45.74 27.92
CA THR A 250 -20.83 46.09 29.32
C THR A 250 -20.80 44.84 30.20
N VAL A 251 -19.85 44.79 31.10
CA VAL A 251 -19.75 43.70 32.05
C VAL A 251 -20.21 44.17 33.43
N THR A 252 -20.90 43.30 34.16
CA THR A 252 -21.29 43.63 35.52
C THR A 252 -20.52 42.78 36.53
N LEU A 253 -20.10 43.40 37.62
CA LEU A 253 -19.31 42.71 38.64
C LEU A 253 -20.12 42.33 39.87
N GLN A 254 -19.56 41.46 40.69
CA GLN A 254 -20.15 41.04 41.95
C GLN A 254 -20.71 42.21 42.74
N ASP A 255 -19.89 43.24 42.96
CA ASP A 255 -20.32 44.39 43.75
C ASP A 255 -21.23 45.36 42.99
N GLY A 256 -21.56 45.04 41.75
CA GLY A 256 -22.49 45.85 40.98
C GLY A 256 -21.84 46.85 40.03
N THR A 257 -20.53 47.03 40.18
CA THR A 257 -19.77 47.85 39.24
C THR A 257 -20.03 47.40 37.80
N THR A 258 -20.14 48.37 36.90
CA THR A 258 -20.28 48.05 35.48
C THR A 258 -19.11 48.62 34.71
N ILE A 259 -18.59 47.81 33.79
CA ILE A 259 -17.44 48.20 32.99
C ILE A 259 -17.81 48.17 31.51
N GLY A 260 -17.52 49.25 30.80
CA GLY A 260 -17.73 49.30 29.38
C GLY A 260 -16.43 48.97 28.65
N TYR A 261 -16.55 48.32 27.49
CA TYR A 261 -15.38 47.94 26.71
C TYR A 261 -15.64 48.08 25.22
N LYS A 262 -14.56 48.22 24.46
CA LYS A 262 -14.63 48.21 23.00
C LYS A 262 -14.23 46.83 22.47
N LYS A 263 -13.40 46.13 23.25
CA LYS A 263 -12.93 44.79 22.87
C LYS A 263 -12.81 43.95 24.13
N LEU A 264 -13.38 42.75 24.11
CA LEU A 264 -13.35 41.89 25.30
C LEU A 264 -12.49 40.64 25.12
N VAL A 265 -11.49 40.47 26.00
CA VAL A 265 -10.74 39.23 26.04
C VAL A 265 -11.18 38.41 27.25
N SER A 266 -11.90 37.32 26.99
CA SER A 266 -12.42 36.48 28.06
C SER A 266 -11.67 35.16 28.19
N THR A 267 -11.17 34.89 29.38
CA THR A 267 -10.41 33.66 29.60
C THR A 267 -11.17 32.69 30.51
N MET A 268 -12.37 33.06 30.91
CA MET A 268 -13.17 32.18 31.74
C MET A 268 -13.71 31.03 30.91
N ALA A 269 -14.19 29.98 31.57
CA ALA A 269 -14.76 28.85 30.86
C ALA A 269 -15.82 29.35 29.89
N VAL A 270 -15.71 28.95 28.64
CA VAL A 270 -16.58 29.47 27.60
C VAL A 270 -18.04 29.14 27.87
N ASP A 271 -18.29 28.00 28.52
CA ASP A 271 -19.66 27.67 28.92
C ASP A 271 -20.19 28.65 29.97
N PHE A 272 -19.33 29.03 30.92
CA PHE A 272 -19.73 30.00 31.95
C PHE A 272 -20.01 31.34 31.29
N LEU A 273 -19.20 31.68 30.29
CA LEU A 273 -19.39 32.91 29.54
C LEU A 273 -20.76 32.94 28.88
N ALA A 274 -21.12 31.85 28.21
CA ALA A 274 -22.40 31.74 27.53
C ALA A 274 -23.56 31.96 28.51
N GLU A 275 -23.42 31.39 29.70
CA GLU A 275 -24.41 31.59 30.75
C GLU A 275 -24.45 33.05 31.18
N ALA A 276 -23.28 33.63 31.41
CA ALA A 276 -23.18 35.02 31.86
C ALA A 276 -23.74 35.99 30.83
N MET A 277 -23.78 35.55 29.57
CA MET A 277 -24.29 36.37 28.48
C MET A 277 -25.80 36.24 28.32
N ASN A 278 -26.38 35.28 29.02
CA ASN A 278 -27.80 34.96 28.91
C ASN A 278 -28.20 34.63 27.48
N ASP A 279 -27.21 34.30 26.65
CA ASP A 279 -27.45 33.93 25.26
C ASP A 279 -27.85 32.46 25.16
N GLN A 280 -29.10 32.22 24.76
CA GLN A 280 -29.63 30.86 24.70
C GLN A 280 -28.92 30.01 23.64
N GLU A 281 -28.70 30.58 22.47
CA GLU A 281 -28.05 29.85 21.38
C GLU A 281 -26.66 29.37 21.77
N LEU A 282 -25.84 30.28 22.29
CA LEU A 282 -24.48 29.95 22.74
C LEU A 282 -24.48 28.92 23.86
N VAL A 283 -25.38 29.06 24.83
CA VAL A 283 -25.47 28.10 25.91
C VAL A 283 -25.71 26.71 25.34
N GLY A 284 -26.65 26.61 24.40
CA GLY A 284 -26.93 25.37 23.72
C GLY A 284 -25.73 24.82 22.97
N LEU A 285 -24.89 25.72 22.45
CA LEU A 285 -23.70 25.32 21.71
C LEU A 285 -22.56 24.88 22.63
N THR A 286 -22.42 25.53 23.78
CA THR A 286 -21.33 25.20 24.70
C THR A 286 -21.61 23.94 25.51
N LYS A 287 -22.87 23.51 25.56
CA LYS A 287 -23.16 22.28 26.28
C LYS A 287 -23.02 21.07 25.38
N GLN A 288 -22.45 21.29 24.20
CA GLN A 288 -22.04 20.21 23.32
C GLN A 288 -20.58 19.88 23.61
N LEU A 289 -19.92 20.76 24.35
CA LEU A 289 -18.54 20.53 24.75
C LEU A 289 -18.50 19.61 25.96
N PHE A 290 -17.38 18.94 26.15
CA PHE A 290 -17.23 18.01 27.25
C PHE A 290 -15.93 18.31 28.00
N TYR A 291 -15.93 18.06 29.30
CA TYR A 291 -14.73 18.26 30.10
C TYR A 291 -14.69 17.28 31.25
N SER A 292 -13.50 17.12 31.84
CA SER A 292 -13.37 16.27 33.01
C SER A 292 -12.91 17.08 34.21
N SER A 293 -13.35 16.67 35.40
CA SER A 293 -12.90 17.32 36.61
C SER A 293 -11.58 16.69 37.02
N THR A 294 -10.82 17.39 37.85
CA THR A 294 -9.58 16.85 38.36
C THR A 294 -9.54 16.94 39.89
N HIS A 295 -9.10 15.85 40.52
CA HIS A 295 -8.82 15.87 41.94
C HIS A 295 -7.32 15.89 42.10
N VAL A 296 -6.84 16.74 43.00
CA VAL A 296 -5.42 16.78 43.31
C VAL A 296 -5.21 16.30 44.73
N ILE A 297 -4.32 15.34 44.90
CA ILE A 297 -4.08 14.77 46.22
C ILE A 297 -2.62 14.99 46.59
N GLY A 298 -2.41 15.58 47.75
CA GLY A 298 -1.07 15.86 48.22
C GLY A 298 -0.77 15.09 49.49
N VAL A 299 0.38 14.42 49.51
CA VAL A 299 0.80 13.68 50.70
C VAL A 299 2.18 14.08 51.15
N GLY A 300 2.28 14.49 52.41
CA GLY A 300 3.56 14.82 53.01
C GLY A 300 4.03 13.68 53.89
N VAL A 301 5.19 13.12 53.55
CA VAL A 301 5.71 11.99 54.29
C VAL A 301 7.08 12.30 54.92
N ARG A 302 7.33 11.71 56.08
CA ARG A 302 8.55 11.95 56.83
C ARG A 302 9.69 11.02 56.41
N GLY A 303 10.91 11.55 56.39
CA GLY A 303 12.08 10.75 56.09
C GLY A 303 12.92 11.33 54.96
N SER A 304 14.10 10.75 54.76
CA SER A 304 14.93 11.12 53.62
C SER A 304 14.30 10.56 52.36
N ARG A 305 14.64 11.16 51.21
CA ARG A 305 14.11 10.67 49.94
C ARG A 305 14.56 9.24 49.72
N PRO A 306 13.59 8.30 49.76
CA PRO A 306 13.85 6.87 49.58
C PRO A 306 14.68 6.59 48.33
N GLU A 307 15.56 5.60 48.42
CA GLU A 307 16.41 5.26 47.29
C GLU A 307 15.59 4.59 46.18
N ARG A 308 14.39 4.14 46.53
CA ARG A 308 13.48 3.54 45.55
C ARG A 308 12.85 4.65 44.71
N ILE A 309 12.79 5.84 45.27
CA ILE A 309 12.21 7.00 44.60
C ILE A 309 13.24 7.65 43.67
N GLY A 310 14.44 7.88 44.18
CA GLY A 310 15.51 8.45 43.38
C GLY A 310 15.24 9.87 42.92
N ASP A 311 15.67 10.19 41.71
CA ASP A 311 15.46 11.53 41.17
C ASP A 311 14.28 11.56 40.21
N LYS A 312 13.39 10.59 40.35
CA LYS A 312 12.16 10.54 39.56
C LYS A 312 11.43 11.88 39.62
N CYS A 313 10.75 12.21 38.53
CA CYS A 313 9.96 13.44 38.48
C CYS A 313 8.48 13.12 38.57
N TRP A 314 7.90 12.72 37.44
CA TRP A 314 6.51 12.26 37.43
C TRP A 314 6.37 10.85 36.86
N LEU A 315 5.38 10.12 37.35
CA LEU A 315 5.16 8.74 36.94
C LEU A 315 3.74 8.51 36.45
N TYR A 316 3.59 7.60 35.50
CA TYR A 316 2.30 7.26 34.92
C TYR A 316 1.81 5.90 35.41
N PHE A 317 0.53 5.80 35.75
CA PHE A 317 -0.03 4.57 36.31
C PHE A 317 -1.24 4.08 35.53
N PRO A 318 -0.99 3.34 34.44
CA PRO A 318 -2.04 2.80 33.56
C PRO A 318 -2.82 1.65 34.20
N GLU A 319 -2.24 1.02 35.21
CA GLU A 319 -2.88 -0.15 35.85
C GLU A 319 -3.94 0.26 36.87
N ASP A 320 -4.76 -0.70 37.28
CA ASP A 320 -5.94 -0.41 38.09
C ASP A 320 -5.75 -0.70 39.59
N ASN A 321 -4.50 -0.82 40.02
CA ASN A 321 -4.23 -1.03 41.43
C ASN A 321 -4.15 0.29 42.19
N CYS A 322 -4.44 1.38 41.49
CA CYS A 322 -4.47 2.72 42.08
C CYS A 322 -5.41 3.61 41.29
N PRO A 323 -6.06 4.57 41.97
CA PRO A 323 -7.07 5.44 41.35
C PRO A 323 -6.46 6.55 40.50
N PHE A 324 -5.24 6.97 40.85
CA PHE A 324 -4.59 8.06 40.15
C PHE A 324 -3.95 7.62 38.83
N TYR A 325 -3.85 8.56 37.89
CA TYR A 325 -3.27 8.27 36.58
C TYR A 325 -1.83 8.77 36.51
N ARG A 326 -1.50 9.73 37.37
CA ARG A 326 -0.18 10.33 37.38
C ARG A 326 0.24 10.74 38.80
N ALA A 327 1.55 10.70 39.05
CA ALA A 327 2.08 11.08 40.35
C ALA A 327 3.41 11.81 40.18
N THR A 328 3.60 12.86 40.97
CA THR A 328 4.83 13.64 40.91
C THR A 328 5.51 13.66 42.27
N ILE A 329 6.83 13.51 42.28
CA ILE A 329 7.60 13.63 43.49
C ILE A 329 7.88 15.10 43.69
N PHE A 330 6.81 15.85 43.99
CA PHE A 330 6.85 17.30 44.03
C PHE A 330 8.03 17.84 44.83
N SER A 331 8.47 17.07 45.82
CA SER A 331 9.56 17.52 46.67
C SER A 331 10.93 17.47 45.99
N ASN A 332 11.01 16.87 44.81
CA ASN A 332 12.26 16.86 44.05
C ASN A 332 12.48 18.12 43.24
N TYR A 333 11.38 18.82 42.96
CA TYR A 333 11.42 20.03 42.16
C TYR A 333 12.11 21.19 42.88
N SER A 334 11.80 21.36 44.16
CA SER A 334 12.42 22.43 44.95
C SER A 334 12.42 22.11 46.43
N PRO A 335 13.54 22.41 47.10
CA PRO A 335 13.69 22.16 48.54
C PRO A 335 12.74 23.02 49.36
N TYR A 336 12.03 23.93 48.70
CA TYR A 336 11.14 24.86 49.40
C TYR A 336 9.67 24.45 49.27
N ASN A 337 9.42 23.30 48.68
CA ASN A 337 8.06 22.80 48.55
C ASN A 337 7.61 22.04 49.79
N GLN A 338 8.54 21.81 50.71
CA GLN A 338 8.24 21.16 51.98
C GLN A 338 8.96 21.87 53.10
N PRO A 339 8.48 21.70 54.34
CA PRO A 339 9.12 22.28 55.52
C PRO A 339 10.55 21.76 55.67
N GLU A 340 11.39 22.51 56.37
CA GLU A 340 12.79 22.13 56.53
C GLU A 340 12.96 21.02 57.56
N ALA A 341 14.05 20.26 57.43
CA ALA A 341 14.29 19.08 58.26
C ALA A 341 14.22 19.33 59.77
N SER A 342 14.27 20.60 60.17
CA SER A 342 14.30 20.94 61.59
C SER A 342 12.92 21.33 62.16
N LYS A 343 11.92 21.49 61.29
CA LYS A 343 10.56 21.75 61.77
C LYS A 343 9.90 20.46 62.26
N LYS A 344 9.37 20.50 63.48
CA LYS A 344 8.78 19.32 64.09
C LYS A 344 7.28 19.19 63.78
N LEU A 345 6.88 18.01 63.31
CA LEU A 345 5.49 17.73 62.98
C LEU A 345 5.08 16.36 63.48
N PRO A 346 3.84 16.23 63.97
CA PRO A 346 3.34 14.92 64.39
C PRO A 346 2.88 14.11 63.18
N THR A 347 3.18 12.81 63.20
CA THR A 347 2.68 11.90 62.19
C THR A 347 1.16 11.79 62.28
N MET A 348 0.47 12.09 61.19
CA MET A 348 -0.97 11.94 61.17
C MET A 348 -1.39 10.47 61.18
N GLN A 349 -0.72 9.68 60.34
CA GLN A 349 -1.04 8.27 60.21
C GLN A 349 0.03 7.57 59.40
N LEU A 350 0.08 6.25 59.49
CA LEU A 350 0.96 5.45 58.67
C LEU A 350 0.28 5.19 57.33
N ALA A 351 1.05 4.84 56.31
CA ALA A 351 0.51 4.65 54.98
C ALA A 351 -0.58 3.57 54.94
N ASP A 352 -0.41 2.50 55.69
CA ASP A 352 -1.38 1.41 55.70
C ASP A 352 -2.67 1.81 56.38
N GLY A 353 -2.66 2.96 57.04
CA GLY A 353 -3.86 3.50 57.66
C GLY A 353 -3.88 3.40 59.17
N SER A 354 -2.93 2.67 59.75
CA SER A 354 -2.90 2.50 61.20
C SER A 354 -2.42 3.76 61.89
N ARG A 355 -2.69 3.85 63.19
CA ARG A 355 -2.29 5.01 63.98
C ARG A 355 -0.79 4.97 64.27
N PRO A 356 -0.15 6.15 64.31
CA PRO A 356 1.30 6.24 64.45
C PRO A 356 1.78 5.66 65.78
N GLN A 357 3.01 5.13 65.79
CA GLN A 357 3.61 4.63 67.03
C GLN A 357 3.61 5.74 68.07
N SER A 358 4.10 6.90 67.67
CA SER A 358 4.13 8.07 68.54
C SER A 358 3.37 9.24 67.94
N THR A 359 2.83 10.11 68.80
CA THR A 359 2.10 11.28 68.34
C THR A 359 2.73 12.58 68.84
N GLU A 360 4.06 12.56 68.96
CA GLU A 360 4.80 13.74 69.34
C GLU A 360 5.32 14.42 68.08
N ALA A 361 5.58 15.73 68.18
CA ALA A 361 6.18 16.46 67.08
C ALA A 361 7.64 16.04 66.93
N LYS A 362 7.94 15.30 65.86
CA LYS A 362 9.30 14.88 65.57
C LYS A 362 9.86 15.71 64.42
N GLU A 363 11.14 15.56 64.14
CA GLU A 363 11.79 16.34 63.09
C GLU A 363 11.70 15.69 61.71
N GLY A 364 12.27 16.38 60.71
CA GLY A 364 12.29 15.87 59.35
C GLY A 364 13.47 14.95 59.11
N PRO A 365 13.98 14.94 57.87
CA PRO A 365 13.47 15.76 56.77
C PRO A 365 12.18 15.17 56.21
N TYR A 366 11.62 15.81 55.20
CA TYR A 366 10.36 15.36 54.61
C TYR A 366 10.47 15.28 53.09
N TRP A 367 9.50 14.61 52.49
CA TRP A 367 9.32 14.65 51.04
C TRP A 367 7.83 14.65 50.73
N SER A 368 7.48 14.82 49.45
CA SER A 368 6.08 15.03 49.11
C SER A 368 5.70 14.42 47.77
N ILE A 369 4.53 13.80 47.74
CA ILE A 369 4.01 13.18 46.53
C ILE A 369 2.73 13.88 46.12
N MET A 370 2.57 14.13 44.82
CA MET A 370 1.33 14.74 44.35
C MET A 370 0.66 13.87 43.30
N LEU A 371 -0.64 13.62 43.52
CA LEU A 371 -1.39 12.68 42.71
C LEU A 371 -2.52 13.37 41.97
N GLU A 372 -2.92 12.78 40.84
CA GLU A 372 -4.04 13.28 40.07
C GLU A 372 -5.03 12.16 39.76
N VAL A 373 -6.31 12.45 40.01
CA VAL A 373 -7.40 11.51 39.76
C VAL A 373 -8.43 12.21 38.88
N SER A 374 -8.79 11.60 37.77
CA SER A 374 -9.76 12.21 36.85
C SER A 374 -11.19 11.74 37.13
N GLU A 375 -12.14 12.63 36.92
CA GLU A 375 -13.54 12.36 37.19
C GLU A 375 -14.39 12.91 36.04
N SER A 376 -15.53 12.27 35.78
CA SER A 376 -16.43 12.70 34.72
C SER A 376 -17.76 12.00 34.83
N SER A 377 -18.65 12.28 33.88
CA SER A 377 -19.98 11.69 33.89
C SER A 377 -19.93 10.22 33.48
N MET A 378 -18.76 9.78 33.03
CA MET A 378 -18.56 8.39 32.65
C MET A 378 -17.68 7.67 33.66
N LYS A 379 -16.94 8.45 34.45
CA LYS A 379 -16.05 7.91 35.46
C LYS A 379 -16.24 8.68 36.76
N PRO A 380 -17.21 8.24 37.57
CA PRO A 380 -17.49 8.91 38.84
C PRO A 380 -16.39 8.58 39.85
N VAL A 381 -16.17 9.48 40.81
CA VAL A 381 -15.28 9.17 41.92
C VAL A 381 -15.96 9.60 43.22
N ASN A 382 -15.73 8.84 44.29
CA ASN A 382 -16.33 9.14 45.58
C ASN A 382 -15.47 10.12 46.34
N GLN A 383 -15.92 11.37 46.42
CA GLN A 383 -15.08 12.45 46.91
C GLN A 383 -14.62 12.27 48.36
N GLU A 384 -15.44 11.60 49.16
CA GLU A 384 -15.13 11.37 50.56
C GLU A 384 -14.12 10.24 50.78
N THR A 385 -13.99 9.37 49.79
CA THR A 385 -13.12 8.20 49.93
C THR A 385 -11.85 8.28 49.09
N ILE A 386 -11.80 9.24 48.18
CA ILE A 386 -10.68 9.33 47.24
C ILE A 386 -9.32 9.45 47.92
N LEU A 387 -9.26 10.21 49.02
CA LEU A 387 -7.99 10.45 49.72
C LEU A 387 -7.36 9.17 50.24
N ALA A 388 -8.12 8.41 51.01
CA ALA A 388 -7.67 7.11 51.49
C ALA A 388 -7.34 6.19 50.31
N ASP A 389 -8.19 6.22 49.30
CA ASP A 389 -7.98 5.44 48.08
C ASP A 389 -6.58 5.68 47.51
N CYS A 390 -6.21 6.95 47.35
CA CYS A 390 -4.91 7.32 46.82
C CYS A 390 -3.78 6.82 47.69
N ILE A 391 -3.84 7.13 48.97
CA ILE A 391 -2.85 6.64 49.94
C ILE A 391 -2.67 5.14 49.81
N GLN A 392 -3.78 4.40 49.81
CA GLN A 392 -3.75 2.96 49.62
C GLN A 392 -3.11 2.63 48.28
N GLY A 393 -3.46 3.39 47.25
CA GLY A 393 -2.86 3.22 45.95
C GLY A 393 -1.35 3.34 45.99
N LEU A 394 -0.86 4.30 46.77
CA LEU A 394 0.58 4.52 46.88
C LEU A 394 1.31 3.30 47.44
N VAL A 395 0.69 2.62 48.40
CA VAL A 395 1.24 1.38 48.96
C VAL A 395 1.22 0.22 47.96
N ASN A 396 0.12 0.06 47.23
CA ASN A 396 -0.01 -0.99 46.23
C ASN A 396 1.08 -0.89 45.15
N THR A 397 1.41 0.33 44.75
CA THR A 397 2.40 0.55 43.70
C THR A 397 3.82 0.61 44.22
N GLU A 398 4.00 0.38 45.52
CA GLU A 398 5.31 0.39 46.15
C GLU A 398 5.91 1.79 46.30
N MET A 399 5.07 2.81 46.24
CA MET A 399 5.51 4.17 46.41
C MET A 399 5.79 4.45 47.88
N LEU A 400 4.96 3.88 48.74
CA LEU A 400 5.12 4.05 50.17
C LEU A 400 5.07 2.70 50.87
N LYS A 401 6.02 2.46 51.76
CA LYS A 401 5.98 1.28 52.60
C LYS A 401 4.90 1.50 53.64
N PRO A 402 4.10 0.47 53.92
CA PRO A 402 2.96 0.56 54.85
C PRO A 402 3.34 1.19 56.18
N THR A 403 4.64 1.32 56.42
CA THR A 403 5.13 1.88 57.68
C THR A 403 5.51 3.35 57.56
N ASP A 404 5.48 3.89 56.35
CA ASP A 404 5.81 5.30 56.14
C ASP A 404 4.92 6.21 56.98
N GLU A 405 5.49 7.33 57.43
CA GLU A 405 4.79 8.23 58.32
C GLU A 405 4.22 9.43 57.58
N ILE A 406 2.93 9.41 57.35
CA ILE A 406 2.26 10.52 56.68
C ILE A 406 2.07 11.69 57.63
N VAL A 407 2.61 12.84 57.24
CA VAL A 407 2.65 14.02 58.10
C VAL A 407 1.71 15.12 57.60
N SER A 408 1.23 14.99 56.36
CA SER A 408 0.33 15.99 55.82
C SER A 408 -0.45 15.53 54.58
N THR A 409 -1.75 15.82 54.59
CA THR A 409 -2.62 15.42 53.49
C THR A 409 -3.26 16.64 52.84
N TYR A 410 -3.59 16.49 51.56
CA TYR A 410 -4.19 17.59 50.81
C TYR A 410 -5.10 17.06 49.72
N HIS A 411 -6.27 17.66 49.60
CA HIS A 411 -7.21 17.25 48.57
C HIS A 411 -8.04 18.42 48.05
N ARG A 412 -8.11 18.55 46.73
CA ARG A 412 -8.92 19.58 46.13
C ARG A 412 -9.51 19.10 44.81
N ARG A 413 -10.78 19.43 44.58
CA ARG A 413 -11.44 19.06 43.34
C ARG A 413 -11.62 20.29 42.46
N PHE A 414 -11.10 20.22 41.24
CA PHE A 414 -11.29 21.28 40.27
C PHE A 414 -12.32 20.88 39.22
N ASP A 415 -13.46 21.56 39.23
CA ASP A 415 -14.59 21.20 38.36
C ASP A 415 -14.20 21.14 36.88
N HIS A 416 -13.39 22.10 36.44
CA HIS A 416 -12.91 22.13 35.07
C HIS A 416 -11.41 21.83 35.01
N GLY A 417 -11.07 20.58 34.76
CA GLY A 417 -9.68 20.17 34.69
C GLY A 417 -9.13 20.18 33.27
N TYR A 418 -9.61 19.24 32.46
CA TYR A 418 -9.17 19.14 31.08
C TYR A 418 -10.32 19.43 30.12
N PRO A 419 -10.07 20.24 29.09
CA PRO A 419 -10.98 20.37 27.96
C PRO A 419 -10.87 19.15 27.08
N THR A 420 -11.89 18.31 27.09
CA THR A 420 -11.83 17.04 26.38
C THR A 420 -11.87 17.18 24.84
N PRO A 421 -10.85 16.62 24.17
CA PRO A 421 -10.75 16.62 22.71
C PRO A 421 -11.67 15.57 22.08
N THR A 422 -12.98 15.76 22.25
CA THR A 422 -13.96 14.83 21.72
C THR A 422 -14.17 15.04 20.23
N LEU A 423 -14.87 14.10 19.61
CA LEU A 423 -15.16 14.15 18.18
C LEU A 423 -16.06 15.32 17.81
N GLU A 424 -16.92 15.74 18.74
CA GLU A 424 -17.87 16.82 18.45
C GLU A 424 -17.27 18.21 18.68
N ARG A 425 -16.06 18.24 19.22
CA ARG A 425 -15.43 19.50 19.65
C ARG A 425 -15.36 20.58 18.57
N GLU A 426 -14.67 20.28 17.48
CA GLU A 426 -14.45 21.29 16.44
C GLU A 426 -15.75 21.76 15.80
N GLY A 427 -16.72 20.85 15.71
CA GLY A 427 -18.04 21.20 15.22
C GLY A 427 -18.67 22.26 16.08
N ALA A 428 -18.35 22.24 17.37
CA ALA A 428 -18.88 23.23 18.31
C ALA A 428 -18.05 24.53 18.30
N LEU A 429 -16.73 24.40 18.38
CA LEU A 429 -15.87 25.58 18.45
C LEU A 429 -15.90 26.43 17.18
N THR A 430 -16.01 25.78 16.02
CA THR A 430 -16.00 26.50 14.75
C THR A 430 -17.26 27.36 14.60
N GLN A 431 -18.19 27.22 15.54
CA GLN A 431 -19.34 28.10 15.61
C GLN A 431 -19.12 29.11 16.74
N ILE A 432 -19.02 28.59 17.96
CA ILE A 432 -18.83 29.40 19.16
C ILE A 432 -17.84 30.55 18.98
N LEU A 433 -16.63 30.22 18.56
CA LEU A 433 -15.55 31.21 18.49
C LEU A 433 -15.84 32.36 17.51
N PRO A 434 -16.12 32.05 16.24
CA PRO A 434 -16.44 33.12 15.31
C PRO A 434 -17.66 33.94 15.77
N LYS A 435 -18.71 33.28 16.24
CA LYS A 435 -19.87 34.01 16.75
C LYS A 435 -19.50 35.04 17.82
N LEU A 436 -18.67 34.62 18.78
CA LEU A 436 -18.23 35.52 19.84
C LEU A 436 -17.32 36.63 19.27
N GLN A 437 -16.51 36.28 18.29
CA GLN A 437 -15.62 37.26 17.67
C GLN A 437 -16.41 38.33 16.94
N ASP A 438 -17.62 37.98 16.51
CA ASP A 438 -18.50 38.94 15.84
C ASP A 438 -19.14 39.92 16.83
N LYS A 439 -19.12 39.56 18.11
CA LYS A 439 -19.58 40.46 19.16
C LYS A 439 -18.40 41.23 19.77
N ASP A 440 -17.25 41.16 19.11
CA ASP A 440 -16.01 41.71 19.63
C ASP A 440 -15.58 41.04 20.94
N ILE A 441 -15.75 39.72 21.00
CA ILE A 441 -15.32 38.95 22.16
C ILE A 441 -14.33 37.84 21.82
N TRP A 442 -13.08 38.04 22.22
CA TRP A 442 -12.03 37.04 22.07
C TRP A 442 -12.01 36.09 23.25
N SER A 443 -12.62 34.93 23.10
CA SER A 443 -12.60 33.92 24.15
C SER A 443 -11.39 33.01 23.98
N ARG A 444 -10.47 33.07 24.94
CA ARG A 444 -9.18 32.42 24.79
C ARG A 444 -8.75 31.73 26.09
N GLY A 445 -8.03 30.63 25.97
CA GLY A 445 -7.54 29.93 27.15
C GLY A 445 -7.84 28.46 27.18
N ARG A 446 -7.33 27.76 28.19
CA ARG A 446 -7.55 26.33 28.33
C ARG A 446 -9.03 26.00 28.21
N PHE A 447 -9.86 26.77 28.91
CA PHE A 447 -11.31 26.63 28.80
C PHE A 447 -11.96 27.79 28.05
N GLY A 448 -11.16 28.78 27.69
CA GLY A 448 -11.64 29.90 26.88
C GLY A 448 -11.81 29.49 25.43
N SER A 449 -10.81 28.78 24.91
CA SER A 449 -10.88 28.27 23.54
C SER A 449 -10.95 26.75 23.49
N TRP A 450 -10.77 26.11 24.65
CA TRP A 450 -11.13 24.71 24.83
C TRP A 450 -10.31 23.71 24.02
N ARG A 451 -9.06 24.04 23.72
CA ARG A 451 -8.23 23.17 22.87
C ARG A 451 -7.00 22.67 23.61
N TYR A 452 -7.06 21.40 24.03
CA TYR A 452 -5.98 20.82 24.81
C TYR A 452 -4.61 20.92 24.11
N GLU A 453 -4.59 20.77 22.79
CA GLU A 453 -3.34 20.83 22.02
C GLU A 453 -2.55 22.06 22.41
N VAL A 454 -3.29 23.08 22.83
CA VAL A 454 -2.71 24.40 23.00
C VAL A 454 -3.08 24.98 24.37
N GLY A 455 -3.57 24.12 25.24
CA GLY A 455 -3.59 24.40 26.67
C GLY A 455 -2.17 24.17 27.10
N ASN A 456 -1.82 24.59 28.31
CA ASN A 456 -0.43 24.61 28.79
C ASN A 456 0.01 26.05 29.01
N GLN A 457 0.72 26.28 30.11
CA GLN A 457 0.94 27.65 30.54
C GLN A 457 1.48 28.55 29.43
N ASP A 458 2.52 28.10 28.74
CA ASP A 458 3.11 28.91 27.68
C ASP A 458 2.15 29.12 26.49
N HIS A 459 1.40 28.06 26.15
CA HIS A 459 0.40 28.18 25.10
C HIS A 459 -0.72 29.13 25.52
N SER A 460 -1.26 28.92 26.72
CA SER A 460 -2.31 29.78 27.23
C SER A 460 -1.85 31.21 27.30
N PHE A 461 -0.63 31.41 27.80
CA PHE A 461 -0.08 32.75 27.95
C PHE A 461 -0.04 33.46 26.61
N MET A 462 0.45 32.77 25.58
CA MET A 462 0.57 33.35 24.25
C MET A 462 -0.77 33.52 23.54
N LEU A 463 -1.75 32.71 23.90
CA LEU A 463 -3.10 32.88 23.39
C LEU A 463 -3.58 34.27 23.78
N GLY A 464 -3.28 34.66 25.01
CA GLY A 464 -3.64 35.97 25.53
C GLY A 464 -2.83 37.07 24.85
N VAL A 465 -1.58 36.78 24.53
CA VAL A 465 -0.72 37.75 23.87
C VAL A 465 -1.11 37.99 22.42
N GLU A 466 -1.36 36.92 21.65
CA GLU A 466 -1.65 37.09 20.22
C GLU A 466 -3.05 37.66 19.99
N ALA A 467 -3.93 37.49 20.96
CA ALA A 467 -5.27 38.07 20.89
C ALA A 467 -5.17 39.58 20.92
N VAL A 468 -4.32 40.10 21.81
CA VAL A 468 -4.11 41.52 21.95
C VAL A 468 -3.42 42.07 20.70
N ASP A 469 -2.42 41.34 20.24
CA ASP A 469 -1.69 41.72 19.01
C ASP A 469 -2.63 41.72 17.81
N ASN A 470 -3.60 40.82 17.81
CA ASN A 470 -4.65 40.78 16.80
C ASN A 470 -5.55 42.02 16.90
N ILE A 471 -5.94 42.34 18.13
CA ILE A 471 -6.88 43.41 18.40
C ILE A 471 -6.29 44.79 18.12
N VAL A 472 -4.97 44.91 18.28
CA VAL A 472 -4.30 46.20 18.18
C VAL A 472 -3.48 46.35 16.91
N ASN A 473 -2.65 45.36 16.61
CA ASN A 473 -1.72 45.46 15.50
C ASN A 473 -2.13 44.73 14.22
N GLY A 474 -3.08 43.81 14.33
CA GLY A 474 -3.55 43.05 13.19
C GLY A 474 -2.80 41.76 12.96
N ALA A 475 -2.15 41.26 14.01
CA ALA A 475 -1.45 39.98 13.94
C ALA A 475 -2.42 38.84 13.68
N VAL A 476 -1.89 37.73 13.18
CA VAL A 476 -2.67 36.51 13.03
C VAL A 476 -2.48 35.64 14.27
N GLU A 477 -3.57 35.08 14.77
CA GLU A 477 -3.50 34.24 15.96
C GLU A 477 -3.09 32.82 15.59
N LEU A 478 -1.78 32.58 15.59
CA LEU A 478 -1.20 31.32 15.14
C LEU A 478 -1.44 30.16 16.10
N THR A 479 -1.24 30.43 17.38
CA THR A 479 -1.36 29.41 18.41
C THR A 479 -2.78 28.83 18.46
N LEU A 480 -3.76 29.70 18.35
CA LEU A 480 -5.15 29.28 18.42
C LEU A 480 -5.54 28.38 17.25
N ASN A 481 -5.23 28.81 16.04
CA ASN A 481 -5.70 28.11 14.84
C ASN A 481 -4.73 27.09 14.25
N TYR A 482 -3.45 27.27 14.52
CA TYR A 482 -2.43 26.44 13.88
C TYR A 482 -1.45 25.89 14.91
N PRO A 483 -1.95 25.01 15.79
CA PRO A 483 -1.15 24.47 16.91
C PRO A 483 0.12 23.78 16.43
N ASP A 484 0.03 23.05 15.33
CA ASP A 484 1.18 22.27 14.86
C ASP A 484 2.25 23.13 14.20
N PHE A 485 1.87 24.35 13.83
CA PHE A 485 2.82 25.31 13.30
C PHE A 485 3.68 25.93 14.40
N VAL A 486 3.05 26.40 15.47
CA VAL A 486 3.77 27.03 16.56
C VAL A 486 4.49 25.98 17.42
N ASN A 487 4.01 24.76 17.39
CA ASN A 487 4.62 23.69 18.19
C ASN A 487 5.89 23.13 17.55
N GLY A 488 5.96 23.19 16.22
CA GLY A 488 7.09 22.63 15.50
C GLY A 488 8.13 23.63 15.08
N ARG A 489 8.12 24.82 15.69
CA ARG A 489 9.07 25.86 15.31
C ARG A 489 9.60 26.62 16.51
N GLN A 490 10.61 27.44 16.27
CA GLN A 490 11.11 28.35 17.28
C GLN A 490 10.46 29.72 17.10
N ASN A 491 9.76 30.15 18.14
CA ASN A 491 9.06 31.43 18.11
C ASN A 491 9.87 32.52 18.78
N THR A 492 10.59 33.29 17.97
CA THR A 492 11.60 34.23 18.47
C THR A 492 11.33 35.65 18.00
N GLU A 493 10.28 35.82 17.21
CA GLU A 493 10.00 37.13 16.64
C GLU A 493 9.51 38.12 17.70
N ARG A 494 8.40 37.78 18.34
CA ARG A 494 7.81 38.64 19.34
C ARG A 494 8.62 38.62 20.62
N ARG A 495 9.11 39.79 21.03
CA ARG A 495 9.88 39.94 22.26
C ARG A 495 9.19 40.87 23.25
N LEU A 496 9.65 40.84 24.49
CA LEU A 496 9.13 41.75 25.51
C LEU A 496 9.63 43.17 25.26
N VAL A 497 10.76 43.30 24.58
CA VAL A 497 11.19 44.58 24.04
C VAL A 497 11.26 44.53 22.51
N ASP A 498 10.21 45.02 21.86
CA ASP A 498 10.16 45.07 20.40
C ASP A 498 10.69 46.40 19.89
N GLY A 499 10.88 46.50 18.58
CA GLY A 499 11.31 47.74 17.96
C GLY A 499 10.51 48.94 18.42
N ALA A 500 9.19 48.83 18.35
CA ALA A 500 8.30 49.91 18.78
C ALA A 500 8.76 50.61 20.06
N GLN A 501 9.20 49.82 21.04
CA GLN A 501 9.65 50.41 22.30
C GLN A 501 11.00 51.07 22.14
N VAL A 502 11.88 50.44 21.36
CA VAL A 502 13.21 50.99 21.12
C VAL A 502 13.15 52.35 20.40
N PHE A 503 12.30 52.45 19.40
CA PHE A 503 12.22 53.67 18.59
C PHE A 503 11.51 54.80 19.32
N ALA A 504 10.60 54.45 20.22
CA ALA A 504 9.92 55.45 21.02
C ALA A 504 10.89 55.94 22.09
N LYS A 505 11.85 55.08 22.41
CA LYS A 505 12.88 55.38 23.39
C LYS A 505 14.01 56.22 22.78
N SER A 506 14.19 56.11 21.47
CA SER A 506 15.16 56.94 20.76
C SER A 506 14.55 58.28 20.44
N LYS A 507 13.26 58.27 20.10
CA LYS A 507 12.56 59.47 19.69
C LYS A 507 12.35 60.44 20.85
N ALA A 508 12.42 59.92 22.07
CA ALA A 508 12.35 60.78 23.25
C ALA A 508 13.76 61.12 23.71
N GLN A 509 14.74 60.41 23.17
CA GLN A 509 16.15 60.71 23.39
C GLN A 509 16.57 61.85 22.49
N LEU A 510 15.93 61.93 21.33
CA LEU A 510 16.17 63.01 20.38
C LEU A 510 15.48 64.30 20.84
N GLU A 511 14.30 64.16 21.43
CA GLU A 511 13.55 65.31 21.94
C GLU A 511 14.08 65.80 23.29
N HIS A 512 15.10 65.11 23.80
CA HIS A 512 15.79 65.51 25.02
C HIS A 512 17.07 66.24 24.63
N HIS A 513 17.59 65.90 23.45
CA HIS A 513 18.80 66.53 22.90
C HIS A 513 18.53 67.96 22.45
N HIS A 514 17.25 68.34 22.40
CA HIS A 514 16.84 69.67 21.97
C HIS A 514 16.25 70.47 23.14
N HIS A 515 15.81 69.76 24.17
CA HIS A 515 15.23 70.39 25.36
C HIS A 515 16.18 71.40 25.97
N HIS A 516 17.36 70.94 26.39
CA HIS A 516 18.37 71.81 26.96
C HIS A 516 19.25 72.47 25.90
N HIS A 517 19.66 71.69 24.90
CA HIS A 517 20.48 72.21 23.81
C HIS A 517 19.67 73.09 22.86
N THR B 1 18.47 -54.87 -39.94
CA THR B 1 18.66 -56.03 -39.06
C THR B 1 17.91 -55.84 -37.75
N HIS B 2 17.46 -56.94 -37.14
CA HIS B 2 16.71 -56.88 -35.90
C HIS B 2 17.62 -56.81 -34.68
N PRO B 3 17.19 -56.09 -33.65
CA PRO B 3 17.86 -56.06 -32.35
C PRO B 3 17.90 -57.44 -31.72
N ASP B 4 18.89 -57.68 -30.86
CA ASP B 4 19.03 -58.95 -30.17
C ASP B 4 17.89 -59.14 -29.19
N ILE B 5 17.37 -58.03 -28.68
CA ILE B 5 16.28 -58.06 -27.73
C ILE B 5 15.28 -56.97 -28.08
N SER B 6 14.00 -57.22 -27.83
CA SER B 6 12.97 -56.21 -28.05
C SER B 6 12.01 -56.14 -26.87
N VAL B 7 11.76 -54.92 -26.40
CA VAL B 7 10.82 -54.69 -25.32
C VAL B 7 10.02 -53.42 -25.58
N ASP B 8 8.92 -53.27 -24.86
CA ASP B 8 8.04 -52.12 -25.02
C ASP B 8 8.65 -50.87 -24.39
N VAL B 9 9.07 -51.00 -23.14
CA VAL B 9 9.66 -49.90 -22.40
C VAL B 9 11.06 -50.26 -21.91
N LEU B 10 12.04 -49.43 -22.27
CA LEU B 10 13.42 -49.66 -21.85
C LEU B 10 13.88 -48.57 -20.88
N VAL B 11 14.36 -48.99 -19.70
CA VAL B 11 14.88 -48.06 -18.71
C VAL B 11 16.40 -48.11 -18.69
N ILE B 12 17.04 -46.95 -18.87
CA ILE B 12 18.50 -46.84 -18.75
C ILE B 12 18.88 -46.22 -17.41
N GLY B 13 19.71 -46.93 -16.65
CA GLY B 13 20.16 -46.44 -15.36
C GLY B 13 19.38 -47.07 -14.23
N ALA B 14 20.07 -47.39 -13.15
CA ALA B 14 19.43 -48.03 -12.02
C ALA B 14 19.70 -47.29 -10.72
N GLY B 15 19.74 -45.96 -10.80
CA GLY B 15 19.69 -45.14 -9.61
C GLY B 15 18.24 -45.07 -9.20
N PRO B 16 17.93 -44.22 -8.21
CA PRO B 16 16.54 -44.06 -7.78
C PRO B 16 15.57 -43.84 -8.93
N THR B 17 15.87 -42.96 -9.88
CA THR B 17 14.92 -42.68 -10.97
C THR B 17 14.57 -43.95 -11.72
N GLY B 18 15.59 -44.63 -12.25
CA GLY B 18 15.39 -45.87 -12.97
C GLY B 18 14.62 -46.93 -12.19
N LEU B 19 14.97 -47.12 -10.93
CA LEU B 19 14.32 -48.15 -10.13
C LEU B 19 12.85 -47.80 -9.91
N GLY B 20 12.55 -46.51 -9.78
CA GLY B 20 11.18 -46.04 -9.77
C GLY B 20 10.45 -46.54 -11.01
N ALA B 21 11.02 -46.28 -12.16
CA ALA B 21 10.46 -46.78 -13.41
C ALA B 21 10.27 -48.29 -13.39
N ALA B 22 11.30 -49.02 -12.96
CA ALA B 22 11.21 -50.47 -12.92
C ALA B 22 10.17 -51.01 -11.94
N LYS B 23 9.99 -50.32 -10.82
CA LYS B 23 9.03 -50.76 -9.82
C LYS B 23 7.60 -50.70 -10.35
N ARG B 24 7.25 -49.57 -10.94
CA ARG B 24 5.93 -49.36 -11.50
C ARG B 24 5.70 -50.27 -12.72
N LEU B 25 6.70 -50.39 -13.58
CA LEU B 25 6.62 -51.32 -14.71
C LEU B 25 6.42 -52.75 -14.21
N ASN B 26 7.01 -53.06 -13.06
CA ASN B 26 6.84 -54.38 -12.47
C ASN B 26 5.47 -54.57 -11.81
N GLN B 27 4.94 -53.50 -11.27
CA GLN B 27 3.65 -53.53 -10.60
C GLN B 27 2.54 -53.69 -11.63
N ILE B 28 2.52 -52.80 -12.63
CA ILE B 28 1.56 -52.89 -13.72
C ILE B 28 1.63 -54.24 -14.42
N ASP B 29 2.84 -54.70 -14.70
CA ASP B 29 3.04 -56.02 -15.29
C ASP B 29 2.29 -56.17 -16.62
N GLY B 30 2.30 -55.12 -17.43
CA GLY B 30 1.66 -55.16 -18.73
C GLY B 30 2.68 -55.28 -19.84
N PRO B 31 3.11 -54.13 -20.39
CA PRO B 31 4.15 -54.14 -21.41
C PRO B 31 5.43 -54.80 -20.92
N SER B 32 6.19 -55.36 -21.85
CA SER B 32 7.49 -55.92 -21.53
C SER B 32 8.47 -54.80 -21.27
N TRP B 33 9.46 -55.05 -20.42
CA TRP B 33 10.41 -54.01 -20.07
C TRP B 33 11.76 -54.58 -19.69
N MET B 34 12.73 -53.69 -19.60
CA MET B 34 14.08 -54.06 -19.24
C MET B 34 14.77 -52.86 -18.65
N ILE B 35 15.54 -53.09 -17.59
CA ILE B 35 16.35 -52.03 -17.01
C ILE B 35 17.81 -52.42 -17.12
N VAL B 36 18.65 -51.50 -17.58
CA VAL B 36 20.09 -51.72 -17.64
C VAL B 36 20.82 -50.69 -16.80
N ASP B 37 22.02 -51.04 -16.36
CA ASP B 37 22.90 -50.10 -15.68
C ASP B 37 24.35 -50.50 -15.90
N SER B 38 25.22 -49.52 -16.09
CA SER B 38 26.64 -49.76 -16.36
C SER B 38 27.38 -50.22 -15.11
N ASN B 39 26.68 -50.25 -13.99
CA ASN B 39 27.28 -50.61 -12.72
C ASN B 39 26.67 -51.90 -12.19
N GLU B 40 27.51 -52.76 -11.60
CA GLU B 40 27.06 -54.04 -11.08
C GLU B 40 26.16 -53.86 -9.87
N THR B 41 26.32 -52.73 -9.19
CA THR B 41 25.55 -52.44 -8.00
C THR B 41 24.67 -51.21 -8.21
N PRO B 42 23.35 -51.40 -8.18
CA PRO B 42 22.36 -50.34 -8.37
C PRO B 42 22.41 -49.31 -7.25
N GLY B 43 22.00 -48.08 -7.55
CA GLY B 43 21.96 -47.04 -6.54
C GLY B 43 22.51 -45.72 -7.04
N GLY B 44 23.34 -45.79 -8.09
CA GLY B 44 23.91 -44.60 -8.69
C GLY B 44 24.55 -43.67 -7.69
N LEU B 45 24.16 -42.40 -7.71
CA LEU B 45 24.68 -41.40 -6.80
C LEU B 45 24.19 -41.59 -5.37
N ALA B 46 23.31 -42.57 -5.17
CA ALA B 46 22.80 -42.86 -3.84
C ALA B 46 23.51 -44.08 -3.28
N SER B 47 24.67 -44.38 -3.83
CA SER B 47 25.44 -45.55 -3.40
C SER B 47 26.30 -45.26 -2.18
N THR B 48 26.96 -46.29 -1.67
CA THR B 48 27.79 -46.14 -0.49
C THR B 48 29.15 -46.75 -0.73
N ASP B 49 30.20 -46.01 -0.37
CA ASP B 49 31.54 -46.57 -0.44
C ASP B 49 32.06 -46.92 0.95
N VAL B 50 33.00 -47.86 0.99
CA VAL B 50 33.61 -48.25 2.25
C VAL B 50 35.13 -48.12 2.13
N THR B 51 35.76 -47.51 3.13
CA THR B 51 37.21 -47.39 3.17
C THR B 51 37.83 -48.70 3.61
N PRO B 52 39.12 -48.87 3.33
CA PRO B 52 39.89 -50.04 3.77
C PRO B 52 39.85 -50.22 5.28
N GLU B 53 39.49 -49.16 6.00
CA GLU B 53 39.47 -49.19 7.46
C GLU B 53 38.09 -49.53 8.02
N GLY B 54 37.09 -49.60 7.13
CA GLY B 54 35.75 -50.00 7.52
C GLY B 54 34.76 -48.88 7.77
N PHE B 55 35.02 -47.71 7.19
CA PHE B 55 34.09 -46.59 7.34
C PHE B 55 33.19 -46.47 6.11
N LEU B 56 31.90 -46.25 6.35
CA LEU B 56 30.96 -46.03 5.25
C LEU B 56 30.81 -44.55 4.96
N TYR B 57 30.71 -44.22 3.67
CA TYR B 57 30.42 -42.86 3.25
C TYR B 57 29.44 -42.85 2.10
N ASP B 58 28.31 -42.17 2.29
CA ASP B 58 27.36 -41.88 1.22
C ASP B 58 28.00 -40.93 0.22
N VAL B 59 27.26 -40.50 -0.78
CA VAL B 59 27.74 -39.43 -1.65
C VAL B 59 27.33 -38.09 -1.03
N GLY B 60 27.98 -37.75 0.09
CA GLY B 60 27.68 -36.53 0.80
C GLY B 60 26.79 -36.72 2.01
N GLY B 61 26.30 -37.95 2.18
CA GLY B 61 25.35 -38.24 3.24
C GLY B 61 23.94 -37.94 2.77
N HIS B 62 23.07 -38.94 2.83
CA HIS B 62 21.73 -38.79 2.29
C HIS B 62 20.66 -38.98 3.34
N VAL B 63 19.48 -38.40 3.11
CA VAL B 63 18.45 -38.36 4.14
C VAL B 63 17.05 -38.60 3.58
N ILE B 64 16.35 -39.58 4.14
CA ILE B 64 15.06 -39.99 3.64
C ILE B 64 13.90 -39.27 4.32
N PHE B 65 13.25 -38.40 3.56
CA PHE B 65 12.02 -37.74 3.99
C PHE B 65 11.11 -37.73 2.77
N SER B 66 9.94 -38.36 2.89
CA SER B 66 9.13 -38.64 1.72
C SER B 66 7.91 -37.75 1.54
N HIS B 67 7.65 -37.38 0.30
CA HIS B 67 6.43 -36.65 -0.05
C HIS B 67 5.41 -37.62 -0.61
N TYR B 68 5.84 -38.85 -0.87
CA TYR B 68 4.99 -39.83 -1.53
C TYR B 68 4.76 -41.08 -0.69
N LYS B 69 3.53 -41.57 -0.69
CA LYS B 69 3.24 -42.79 0.03
C LYS B 69 3.74 -43.98 -0.78
N TYR B 70 3.83 -43.78 -2.09
CA TYR B 70 4.32 -44.82 -2.98
C TYR B 70 5.79 -45.10 -2.72
N PHE B 71 6.57 -44.03 -2.57
CA PHE B 71 7.97 -44.15 -2.19
C PHE B 71 8.09 -44.95 -0.89
N ASP B 72 7.34 -44.54 0.13
CA ASP B 72 7.33 -45.27 1.41
C ASP B 72 7.03 -46.75 1.23
N ASP B 73 5.97 -47.05 0.48
CA ASP B 73 5.57 -48.42 0.23
C ASP B 73 6.70 -49.30 -0.30
N CYS B 74 7.48 -48.75 -1.23
CA CYS B 74 8.56 -49.51 -1.86
C CYS B 74 9.74 -49.73 -0.92
N LEU B 75 10.04 -48.74 -0.09
CA LEU B 75 11.08 -48.88 0.92
C LEU B 75 10.71 -49.95 1.95
N ASP B 76 9.46 -49.92 2.40
CA ASP B 76 8.99 -50.89 3.38
C ASP B 76 8.98 -52.32 2.82
N GLU B 77 8.95 -52.43 1.49
CA GLU B 77 8.93 -53.73 0.83
C GLU B 77 10.35 -54.27 0.68
N ALA B 78 11.29 -53.38 0.45
CA ALA B 78 12.69 -53.75 0.31
C ALA B 78 13.31 -54.07 1.67
N LEU B 79 13.04 -53.22 2.65
CA LEU B 79 13.52 -53.39 4.01
C LEU B 79 12.36 -53.53 5.00
N PRO B 80 11.72 -54.72 5.00
CA PRO B 80 10.47 -54.98 5.73
C PRO B 80 10.64 -55.12 7.25
N LYS B 81 11.81 -55.57 7.68
CA LYS B 81 12.11 -55.72 9.10
C LYS B 81 12.18 -54.35 9.76
N GLU B 82 11.90 -54.29 11.06
CA GLU B 82 11.83 -53.02 11.76
C GLU B 82 13.22 -52.53 12.15
N ASP B 83 14.04 -53.45 12.64
CA ASP B 83 15.42 -53.14 12.98
C ASP B 83 16.25 -52.87 11.72
N ASP B 84 15.57 -52.62 10.61
CA ASP B 84 16.24 -52.27 9.36
C ASP B 84 16.40 -50.77 9.24
N TRP B 85 15.68 -50.03 10.08
CA TRP B 85 15.69 -48.57 10.05
C TRP B 85 15.88 -47.97 11.44
N TYR B 86 16.52 -46.80 11.47
CA TYR B 86 16.57 -45.98 12.66
C TYR B 86 15.83 -44.69 12.37
N THR B 87 15.15 -44.14 13.38
CA THR B 87 14.47 -42.86 13.20
C THR B 87 15.24 -41.75 13.90
N HIS B 88 15.44 -40.63 13.19
CA HIS B 88 16.19 -39.51 13.74
C HIS B 88 15.39 -38.22 13.70
N GLN B 89 15.71 -37.31 14.62
CA GLN B 89 15.17 -35.97 14.58
C GLN B 89 16.25 -35.08 13.98
N ARG B 90 15.85 -34.14 13.13
CA ARG B 90 16.82 -33.29 12.45
C ARG B 90 17.47 -32.25 13.35
N ILE B 91 18.69 -32.54 13.77
CA ILE B 91 19.49 -31.58 14.52
C ILE B 91 20.46 -30.91 13.56
N SER B 92 20.08 -29.74 13.05
CA SER B 92 20.89 -29.03 12.08
C SER B 92 21.27 -27.62 12.55
N TYR B 93 22.54 -27.26 12.37
CA TYR B 93 23.03 -25.94 12.77
C TYR B 93 23.81 -25.26 11.66
N VAL B 94 23.95 -23.94 11.78
CA VAL B 94 24.84 -23.20 10.89
C VAL B 94 26.00 -22.62 11.69
N ARG B 95 27.20 -22.70 11.12
CA ARG B 95 28.39 -22.16 11.76
C ARG B 95 28.58 -20.70 11.39
N CYS B 96 28.41 -19.81 12.37
CA CYS B 96 28.56 -18.39 12.13
C CYS B 96 29.09 -17.62 13.35
N GLN B 97 30.14 -16.83 13.13
CA GLN B 97 30.73 -16.01 14.17
C GLN B 97 31.10 -16.82 15.41
N GLY B 98 31.58 -18.04 15.20
CA GLY B 98 31.97 -18.90 16.31
C GLY B 98 30.79 -19.50 17.04
N GLN B 99 29.61 -19.38 16.46
CA GLN B 99 28.39 -19.89 17.08
C GLN B 99 27.79 -21.01 16.25
N TRP B 100 26.97 -21.84 16.89
CA TRP B 100 26.17 -22.84 16.19
C TRP B 100 24.71 -22.38 16.09
N VAL B 101 24.40 -21.61 15.06
CA VAL B 101 23.03 -21.14 14.86
C VAL B 101 22.14 -22.29 14.40
N PRO B 102 21.08 -22.57 15.15
CA PRO B 102 20.09 -23.59 14.79
C PRO B 102 19.45 -23.28 13.44
N TYR B 103 19.16 -24.32 12.65
CA TYR B 103 18.59 -24.17 11.32
C TYR B 103 17.07 -24.16 11.41
N PRO B 104 16.40 -23.33 10.58
CA PRO B 104 16.97 -22.42 9.58
C PRO B 104 17.57 -21.15 10.17
N PHE B 105 18.74 -20.76 9.66
CA PHE B 105 19.46 -19.60 10.14
C PHE B 105 18.57 -18.36 10.23
N GLN B 106 17.89 -18.04 9.13
CA GLN B 106 17.08 -16.83 9.06
C GLN B 106 15.94 -16.79 10.09
N ASN B 107 15.78 -17.88 10.84
CA ASN B 107 14.72 -17.96 11.84
C ASN B 107 15.26 -17.98 13.27
N ASN B 108 16.58 -17.91 13.41
CA ASN B 108 17.20 -18.02 14.73
C ASN B 108 18.23 -16.92 15.00
N ILE B 109 17.99 -15.73 14.44
CA ILE B 109 18.91 -14.61 14.59
C ILE B 109 19.45 -14.46 16.02
N SER B 110 18.62 -14.85 16.99
CA SER B 110 18.94 -14.67 18.40
C SER B 110 20.37 -15.11 18.80
N MET B 111 20.85 -16.19 18.22
CA MET B 111 22.13 -16.77 18.61
C MET B 111 23.35 -15.97 18.13
N LEU B 112 23.13 -15.07 17.17
CA LEU B 112 24.19 -14.23 16.65
C LEU B 112 24.61 -13.19 17.67
N PRO B 113 25.74 -12.51 17.44
CA PRO B 113 26.14 -11.37 18.28
C PRO B 113 25.10 -10.26 18.14
N LYS B 114 24.92 -9.47 19.20
CA LYS B 114 23.92 -8.41 19.16
C LYS B 114 24.18 -7.42 18.01
N GLU B 115 25.45 -7.16 17.74
CA GLU B 115 25.83 -6.27 16.65
C GLU B 115 25.25 -6.75 15.33
N GLU B 116 25.47 -8.02 15.02
CA GLU B 116 24.96 -8.61 13.79
C GLU B 116 23.43 -8.69 13.79
N GLN B 117 22.86 -9.12 14.91
CA GLN B 117 21.42 -9.19 15.06
C GLN B 117 20.73 -7.93 14.54
N VAL B 118 21.21 -6.77 14.98
CA VAL B 118 20.63 -5.49 14.57
C VAL B 118 20.63 -5.31 13.06
N LYS B 119 21.73 -5.71 12.40
CA LYS B 119 21.87 -5.55 10.96
C LYS B 119 20.91 -6.46 10.19
N CYS B 120 20.62 -7.63 10.74
CA CYS B 120 19.70 -8.57 10.11
C CYS B 120 18.25 -8.08 10.20
N ILE B 121 17.86 -7.63 11.38
CA ILE B 121 16.49 -7.14 11.58
C ILE B 121 16.26 -5.86 10.80
N ASP B 122 17.28 -5.01 10.72
CA ASP B 122 17.18 -3.79 9.91
C ASP B 122 16.85 -4.16 8.48
N GLY B 123 17.65 -5.06 7.91
CA GLY B 123 17.40 -5.55 6.56
C GLY B 123 16.02 -6.14 6.43
N MET B 124 15.68 -7.06 7.34
CA MET B 124 14.38 -7.72 7.31
C MET B 124 13.20 -6.76 7.39
N ILE B 125 13.39 -5.63 8.06
CA ILE B 125 12.33 -4.64 8.15
C ILE B 125 12.20 -3.88 6.83
N ASP B 126 13.33 -3.53 6.23
CA ASP B 126 13.33 -2.85 4.94
C ASP B 126 12.66 -3.70 3.86
N ALA B 127 12.82 -5.02 3.97
CA ALA B 127 12.25 -5.92 2.98
C ALA B 127 10.75 -6.10 3.22
N ALA B 128 10.38 -6.30 4.48
CA ALA B 128 8.99 -6.53 4.83
C ALA B 128 8.12 -5.35 4.42
N LEU B 129 8.70 -4.16 4.44
CA LEU B 129 7.97 -2.96 4.03
C LEU B 129 7.89 -2.88 2.51
N GLU B 130 8.98 -3.22 1.83
CA GLU B 130 9.00 -3.23 0.37
C GLU B 130 8.15 -4.36 -0.19
N ALA B 131 8.08 -5.46 0.55
CA ALA B 131 7.28 -6.60 0.11
C ALA B 131 5.80 -6.32 0.36
N ARG B 132 5.51 -5.34 1.20
CA ARG B 132 4.15 -4.95 1.49
C ARG B 132 3.55 -4.22 0.29
N VAL B 133 4.42 -3.87 -0.66
CA VAL B 133 4.06 -2.99 -1.75
C VAL B 133 4.40 -3.54 -3.13
N ALA B 134 5.21 -4.59 -3.16
CA ALA B 134 5.65 -5.17 -4.42
C ALA B 134 4.49 -5.73 -5.23
N ASN B 135 4.59 -5.60 -6.55
CA ASN B 135 3.58 -6.13 -7.46
C ASN B 135 4.22 -7.03 -8.52
N THR B 136 5.49 -6.80 -8.79
CA THR B 136 6.24 -7.63 -9.72
C THR B 136 6.78 -8.88 -9.05
N LYS B 137 7.58 -9.64 -9.78
CA LYS B 137 8.22 -10.83 -9.25
C LYS B 137 9.74 -10.69 -9.33
N PRO B 138 10.46 -11.45 -8.50
CA PRO B 138 11.93 -11.49 -8.57
C PRO B 138 12.43 -12.12 -9.86
N LYS B 139 13.46 -11.54 -10.47
CA LYS B 139 14.06 -12.11 -11.68
C LYS B 139 15.14 -13.13 -11.34
N THR B 140 16.04 -12.77 -10.43
CA THR B 140 17.15 -13.63 -10.05
C THR B 140 17.00 -14.20 -8.64
N PHE B 141 17.82 -15.20 -8.33
CA PHE B 141 17.86 -15.77 -6.99
C PHE B 141 18.32 -14.70 -6.00
N ASP B 142 19.19 -13.81 -6.47
CA ASP B 142 19.70 -12.73 -5.62
C ASP B 142 18.62 -11.73 -5.23
N GLU B 143 17.85 -11.30 -6.22
CA GLU B 143 16.74 -10.40 -5.97
C GLU B 143 15.78 -11.03 -4.97
N TRP B 144 15.54 -12.33 -5.14
CA TRP B 144 14.63 -13.06 -4.28
C TRP B 144 15.11 -13.01 -2.82
N ILE B 145 16.42 -13.15 -2.63
CA ILE B 145 17.00 -13.19 -1.30
C ILE B 145 16.86 -11.83 -0.61
N VAL B 146 17.36 -10.80 -1.28
CA VAL B 146 17.25 -9.43 -0.79
C VAL B 146 15.82 -9.04 -0.42
N ARG B 147 14.85 -9.55 -1.17
CA ARG B 147 13.44 -9.23 -0.91
C ARG B 147 12.85 -10.00 0.26
N MET B 148 13.31 -11.24 0.45
CA MET B 148 12.70 -12.13 1.43
C MET B 148 13.44 -12.14 2.75
N MET B 149 14.65 -11.60 2.78
CA MET B 149 15.42 -11.61 4.02
C MET B 149 16.15 -10.31 4.34
N GLY B 150 16.34 -9.47 3.33
CA GLY B 150 17.03 -8.21 3.51
C GLY B 150 18.53 -8.36 3.33
N THR B 151 19.21 -7.23 3.20
CA THR B 151 20.64 -7.21 2.91
C THR B 151 21.48 -7.72 4.09
N GLY B 152 20.95 -7.55 5.29
CA GLY B 152 21.66 -7.97 6.49
C GLY B 152 22.00 -9.45 6.43
N ILE B 153 20.98 -10.27 6.24
CA ILE B 153 21.15 -11.71 6.16
C ILE B 153 21.83 -12.13 4.85
N ALA B 154 21.53 -11.42 3.77
CA ALA B 154 22.09 -11.75 2.46
C ALA B 154 23.62 -11.73 2.48
N ASP B 155 24.20 -10.68 3.04
CA ASP B 155 25.65 -10.54 3.08
C ASP B 155 26.28 -11.44 4.14
N LEU B 156 25.51 -11.69 5.20
CA LEU B 156 26.00 -12.48 6.32
C LEU B 156 25.99 -13.98 6.04
N PHE B 157 24.94 -14.48 5.38
CA PHE B 157 24.80 -15.92 5.18
C PHE B 157 24.42 -16.38 3.77
N MET B 158 23.35 -15.84 3.21
CA MET B 158 22.81 -16.33 1.93
C MET B 158 23.77 -16.24 0.76
N ARG B 159 24.26 -15.03 0.49
CA ARG B 159 25.16 -14.83 -0.63
C ARG B 159 26.41 -15.69 -0.55
N PRO B 160 27.17 -15.57 0.55
CA PRO B 160 28.44 -16.30 0.65
C PRO B 160 28.25 -17.81 0.62
N TYR B 161 27.22 -18.31 1.30
CA TYR B 161 27.00 -19.75 1.38
C TYR B 161 26.55 -20.34 0.04
N ASN B 162 25.65 -19.65 -0.65
CA ASN B 162 25.15 -20.17 -1.91
C ASN B 162 26.24 -20.33 -2.96
N PHE B 163 27.09 -19.32 -3.09
CA PHE B 163 28.20 -19.42 -4.01
C PHE B 163 29.08 -20.60 -3.62
N LYS B 164 29.33 -20.73 -2.32
CA LYS B 164 30.15 -21.80 -1.79
C LYS B 164 29.63 -23.18 -2.20
N VAL B 165 28.31 -23.32 -2.32
CA VAL B 165 27.73 -24.61 -2.66
C VAL B 165 27.43 -24.75 -4.16
N TRP B 166 26.83 -23.73 -4.75
CA TRP B 166 26.50 -23.77 -6.17
C TRP B 166 27.70 -23.50 -7.07
N ALA B 167 28.73 -22.89 -6.50
CA ALA B 167 29.95 -22.60 -7.25
C ALA B 167 29.68 -21.52 -8.29
N VAL B 168 28.53 -20.86 -8.18
CA VAL B 168 28.20 -19.70 -9.01
C VAL B 168 27.50 -18.64 -8.17
N PRO B 169 27.66 -17.36 -8.54
CA PRO B 169 27.06 -16.23 -7.84
C PRO B 169 25.54 -16.29 -7.82
N THR B 170 24.93 -15.82 -6.74
CA THR B 170 23.48 -15.82 -6.58
C THR B 170 22.77 -15.04 -7.68
N THR B 171 23.50 -14.14 -8.34
CA THR B 171 22.93 -13.28 -9.36
C THR B 171 22.73 -13.99 -10.69
N LYS B 172 23.34 -15.17 -10.82
CA LYS B 172 23.26 -15.91 -12.07
C LYS B 172 22.24 -17.06 -12.04
N MET B 173 21.55 -17.20 -10.91
CA MET B 173 20.58 -18.27 -10.75
C MET B 173 19.13 -17.76 -10.78
N GLN B 174 18.22 -18.62 -11.17
CA GLN B 174 16.79 -18.32 -11.15
C GLN B 174 16.26 -18.46 -9.73
N CYS B 175 14.96 -18.25 -9.54
CA CYS B 175 14.39 -18.31 -8.20
C CYS B 175 13.10 -19.10 -8.09
N ALA B 176 12.62 -19.65 -9.20
CA ALA B 176 11.38 -20.44 -9.19
C ALA B 176 11.62 -21.83 -8.61
N TRP B 177 12.87 -22.10 -8.26
CA TRP B 177 13.29 -23.42 -7.80
C TRP B 177 13.20 -23.63 -6.28
N LEU B 178 13.13 -22.54 -5.53
CA LEU B 178 13.34 -22.62 -4.08
C LEU B 178 12.08 -22.65 -3.21
N GLY B 179 11.03 -23.28 -3.72
CA GLY B 179 9.80 -23.43 -2.96
C GLY B 179 10.02 -23.93 -1.54
N GLU B 180 10.37 -25.21 -1.41
CA GLU B 180 10.53 -25.83 -0.10
C GLU B 180 12.00 -25.99 0.29
N LYS B 181 12.87 -25.24 -0.38
CA LYS B 181 14.30 -25.34 -0.14
C LYS B 181 14.81 -24.23 0.79
N VAL B 182 14.36 -23.01 0.52
CA VAL B 182 14.77 -21.84 1.30
C VAL B 182 13.58 -21.25 2.05
N ALA B 183 13.71 -21.13 3.37
CA ALA B 183 12.64 -20.61 4.19
C ALA B 183 12.54 -19.09 4.10
N ALA B 184 11.34 -18.59 3.84
CA ALA B 184 11.07 -17.15 3.87
C ALA B 184 10.65 -16.75 5.27
N PRO B 185 11.48 -15.93 5.93
CA PRO B 185 11.29 -15.57 7.34
C PRO B 185 10.12 -14.61 7.58
N ASN B 186 9.36 -14.89 8.63
CA ASN B 186 8.25 -14.04 9.04
C ASN B 186 8.66 -13.08 10.14
N LEU B 187 8.62 -11.78 9.85
CA LEU B 187 9.11 -10.76 10.77
C LEU B 187 8.59 -10.98 12.20
N LYS B 188 7.29 -11.27 12.33
CA LYS B 188 6.70 -11.53 13.64
C LYS B 188 7.39 -12.68 14.37
N ALA B 189 7.75 -13.72 13.63
CA ALA B 189 8.38 -14.90 14.23
C ALA B 189 9.84 -14.67 14.57
N VAL B 190 10.56 -14.01 13.67
CA VAL B 190 11.97 -13.71 13.87
C VAL B 190 12.21 -12.84 15.10
N THR B 191 11.47 -11.72 15.20
CA THR B 191 11.60 -10.82 16.33
C THR B 191 11.16 -11.50 17.63
N THR B 192 10.04 -12.20 17.57
CA THR B 192 9.53 -12.94 18.72
C THR B 192 10.65 -13.77 19.36
N ASN B 193 11.37 -14.53 18.54
CA ASN B 193 12.49 -15.34 19.04
C ASN B 193 13.63 -14.51 19.62
N VAL B 194 14.03 -13.46 18.91
CA VAL B 194 15.09 -12.59 19.38
C VAL B 194 14.76 -12.06 20.77
N ILE B 195 13.47 -11.82 21.00
CA ILE B 195 13.02 -11.31 22.29
C ILE B 195 13.07 -12.38 23.37
N LEU B 196 12.59 -13.59 23.02
CA LEU B 196 12.50 -14.67 24.00
C LEU B 196 13.74 -15.54 24.08
N GLY B 197 14.67 -15.34 23.16
CA GLY B 197 15.88 -16.14 23.11
C GLY B 197 15.61 -17.60 22.76
N LYS B 198 14.40 -17.87 22.25
CA LYS B 198 14.01 -19.22 21.89
C LYS B 198 14.56 -19.65 20.54
N THR B 199 14.25 -20.88 20.13
CA THR B 199 14.74 -21.43 18.88
C THR B 199 13.62 -22.04 18.04
N ALA B 200 13.73 -21.93 16.72
CA ALA B 200 12.74 -22.46 15.80
C ALA B 200 13.38 -23.35 14.73
N GLY B 201 13.43 -24.64 15.01
CA GLY B 201 14.08 -25.59 14.11
C GLY B 201 13.17 -26.71 13.64
N ASN B 202 11.88 -26.42 13.52
CA ASN B 202 10.92 -27.39 13.04
C ASN B 202 10.73 -27.28 11.52
N TRP B 203 11.05 -26.11 10.98
CA TRP B 203 10.83 -25.83 9.57
C TRP B 203 11.47 -26.87 8.65
N GLY B 204 10.79 -27.19 7.56
CA GLY B 204 11.36 -28.03 6.53
C GLY B 204 10.80 -29.43 6.46
N PRO B 205 11.00 -30.09 5.31
CA PRO B 205 10.61 -31.49 5.10
C PRO B 205 11.53 -32.44 5.87
N ASN B 206 12.56 -31.87 6.50
CA ASN B 206 13.61 -32.65 7.15
C ASN B 206 13.36 -32.93 8.63
N ALA B 207 12.51 -32.11 9.25
CA ALA B 207 12.20 -32.21 10.69
C ALA B 207 12.53 -33.58 11.30
N THR B 208 11.84 -34.61 10.82
CA THR B 208 12.11 -35.98 11.26
C THR B 208 12.33 -36.90 10.06
N PHE B 209 13.15 -37.93 10.24
CA PHE B 209 13.51 -38.82 9.14
C PHE B 209 14.04 -40.18 9.61
N ARG B 210 14.23 -41.09 8.66
CA ARG B 210 14.79 -42.40 8.97
C ARG B 210 16.02 -42.72 8.13
N PHE B 211 16.87 -43.60 8.65
CA PHE B 211 18.09 -43.99 7.97
C PHE B 211 18.28 -45.51 8.06
N PRO B 212 18.71 -46.13 6.95
CA PRO B 212 18.87 -47.59 6.91
C PRO B 212 19.95 -48.07 7.89
N ALA B 213 19.68 -49.18 8.58
CA ALA B 213 20.55 -49.65 9.65
C ALA B 213 21.89 -50.15 9.12
N ARG B 214 21.89 -50.73 7.92
CA ARG B 214 23.11 -51.28 7.37
C ARG B 214 23.25 -50.99 5.87
N GLY B 215 24.46 -50.63 5.47
CA GLY B 215 24.76 -50.43 4.06
C GLY B 215 24.55 -49.00 3.61
N GLY B 216 24.20 -48.12 4.55
CA GLY B 216 23.86 -46.75 4.21
C GLY B 216 22.66 -46.69 3.30
N THR B 217 22.46 -45.55 2.63
CA THR B 217 21.35 -45.42 1.70
C THR B 217 21.53 -46.40 0.54
N GLY B 218 22.78 -46.74 0.25
CA GLY B 218 23.06 -47.68 -0.82
C GLY B 218 22.33 -48.99 -0.65
N GLY B 219 22.28 -49.49 0.58
CA GLY B 219 21.63 -50.76 0.87
C GLY B 219 20.15 -50.76 0.55
N ILE B 220 19.55 -49.58 0.62
CA ILE B 220 18.15 -49.41 0.26
C ILE B 220 17.93 -49.78 -1.20
N TRP B 221 18.76 -49.23 -2.07
CA TRP B 221 18.58 -49.39 -3.50
C TRP B 221 19.00 -50.76 -3.98
N ILE B 222 19.81 -51.44 -3.17
CA ILE B 222 20.11 -52.83 -3.43
C ILE B 222 18.89 -53.69 -3.06
N ALA B 223 18.30 -53.39 -1.90
CA ALA B 223 17.14 -54.13 -1.42
C ALA B 223 15.97 -53.98 -2.37
N VAL B 224 15.75 -52.76 -2.84
CA VAL B 224 14.70 -52.49 -3.81
C VAL B 224 14.95 -53.28 -5.09
N ALA B 225 16.16 -53.19 -5.62
CA ALA B 225 16.50 -53.89 -6.86
C ALA B 225 16.28 -55.40 -6.75
N ASN B 226 16.42 -55.94 -5.54
CA ASN B 226 16.22 -57.37 -5.34
C ASN B 226 14.77 -57.82 -5.50
N THR B 227 13.84 -56.89 -5.38
CA THR B 227 12.43 -57.22 -5.53
C THR B 227 12.02 -57.34 -7.00
N LEU B 228 12.89 -56.90 -7.90
CA LEU B 228 12.63 -57.00 -9.33
C LEU B 228 13.07 -58.37 -9.83
N PRO B 229 12.39 -58.89 -10.86
CA PRO B 229 12.79 -60.13 -11.51
C PRO B 229 14.14 -59.99 -12.23
N LYS B 230 15.12 -60.78 -11.80
CA LYS B 230 16.50 -60.66 -12.29
C LYS B 230 16.59 -60.74 -13.82
N GLU B 231 15.78 -61.59 -14.42
CA GLU B 231 15.83 -61.80 -15.86
C GLU B 231 15.57 -60.52 -16.65
N LYS B 232 15.02 -59.52 -16.00
CA LYS B 232 14.72 -58.25 -16.67
C LYS B 232 15.75 -57.18 -16.35
N THR B 233 16.88 -57.57 -15.77
CA THR B 233 17.93 -56.61 -15.45
C THR B 233 19.27 -56.96 -16.09
N ARG B 234 20.08 -55.93 -16.33
CA ARG B 234 21.46 -56.09 -16.75
C ARG B 234 22.31 -55.04 -16.05
N PHE B 235 23.02 -55.47 -15.01
CA PHE B 235 23.87 -54.59 -14.22
C PHE B 235 25.32 -55.00 -14.36
N GLY B 236 26.20 -54.04 -14.58
CA GLY B 236 27.61 -54.32 -14.79
C GLY B 236 28.05 -53.90 -16.18
N GLU B 237 29.29 -54.20 -16.53
CA GLU B 237 29.86 -53.78 -17.81
C GLU B 237 29.02 -54.28 -18.99
N LYS B 238 28.22 -55.30 -18.76
CA LYS B 238 27.34 -55.84 -19.80
C LYS B 238 26.05 -55.03 -19.95
N GLY B 239 25.95 -53.93 -19.23
CA GLY B 239 24.72 -53.14 -19.24
C GLY B 239 24.91 -51.67 -19.50
N LYS B 240 26.12 -51.27 -19.90
CA LYS B 240 26.37 -49.88 -20.26
C LYS B 240 25.88 -49.61 -21.67
N VAL B 241 25.14 -48.53 -21.85
CA VAL B 241 24.67 -48.12 -23.16
C VAL B 241 25.75 -47.27 -23.82
N THR B 242 26.18 -47.69 -25.00
CA THR B 242 27.26 -47.00 -25.68
C THR B 242 26.76 -46.20 -26.88
N LYS B 243 25.52 -46.46 -27.28
CA LYS B 243 24.93 -45.77 -28.41
C LYS B 243 23.41 -45.81 -28.37
N VAL B 244 22.79 -44.69 -28.74
CA VAL B 244 21.34 -44.59 -28.81
C VAL B 244 20.92 -44.17 -30.20
N ASN B 245 20.26 -45.08 -30.93
CA ASN B 245 19.79 -44.75 -32.26
C ASN B 245 18.33 -44.35 -32.24
N ALA B 246 18.08 -43.09 -31.88
CA ALA B 246 16.71 -42.62 -31.68
C ALA B 246 15.85 -42.78 -32.92
N ASN B 247 16.47 -42.75 -34.10
CA ASN B 247 15.76 -42.87 -35.37
C ASN B 247 15.15 -44.24 -35.63
N ASN B 248 15.86 -45.31 -35.28
CA ASN B 248 15.28 -46.64 -35.42
C ASN B 248 15.02 -47.32 -34.08
N LYS B 249 14.96 -46.51 -33.02
CA LYS B 249 14.61 -46.97 -31.68
C LYS B 249 15.38 -48.19 -31.21
N THR B 250 16.70 -48.14 -31.31
CA THR B 250 17.53 -49.20 -30.74
C THR B 250 18.58 -48.62 -29.83
N VAL B 251 19.02 -49.44 -28.89
CA VAL B 251 20.12 -49.09 -28.02
C VAL B 251 21.19 -50.16 -28.18
N THR B 252 22.46 -49.75 -28.20
CA THR B 252 23.57 -50.70 -28.25
C THR B 252 24.32 -50.72 -26.94
N LEU B 253 24.51 -51.90 -26.38
CA LEU B 253 25.20 -52.05 -25.10
C LEU B 253 26.72 -52.24 -25.26
N GLN B 254 27.44 -52.17 -24.15
CA GLN B 254 28.90 -52.19 -24.17
C GLN B 254 29.47 -53.43 -24.86
N ASP B 255 28.85 -54.58 -24.62
CA ASP B 255 29.32 -55.84 -25.19
C ASP B 255 28.81 -56.09 -26.61
N GLY B 256 28.12 -55.10 -27.18
CA GLY B 256 27.64 -55.21 -28.55
C GLY B 256 26.18 -55.60 -28.70
N THR B 257 25.53 -55.94 -27.60
CA THR B 257 24.10 -56.29 -27.63
C THR B 257 23.20 -55.11 -28.01
N THR B 258 22.24 -55.35 -28.89
CA THR B 258 21.30 -54.30 -29.28
C THR B 258 19.88 -54.55 -28.77
N ILE B 259 19.23 -53.49 -28.34
CA ILE B 259 17.89 -53.57 -27.78
C ILE B 259 16.94 -52.63 -28.50
N GLY B 260 15.86 -53.19 -29.03
CA GLY B 260 14.83 -52.37 -29.63
C GLY B 260 13.78 -51.98 -28.60
N TYR B 261 13.28 -50.76 -28.70
CA TYR B 261 12.27 -50.27 -27.78
C TYR B 261 11.16 -49.53 -28.51
N LYS B 262 10.05 -49.34 -27.81
CA LYS B 262 8.97 -48.50 -28.33
C LYS B 262 8.98 -47.18 -27.58
N LYS B 263 9.12 -47.25 -26.25
CA LYS B 263 9.32 -46.07 -25.43
C LYS B 263 10.61 -46.24 -24.64
N LEU B 264 11.37 -45.15 -24.52
CA LEU B 264 12.62 -45.16 -23.76
C LEU B 264 12.58 -44.21 -22.57
N VAL B 265 12.88 -44.74 -21.39
CA VAL B 265 13.07 -43.90 -20.21
C VAL B 265 14.55 -43.86 -19.87
N SER B 266 15.15 -42.66 -19.99
CA SER B 266 16.57 -42.49 -19.80
C SER B 266 16.86 -41.69 -18.54
N THR B 267 17.73 -42.21 -17.69
CA THR B 267 18.05 -41.54 -16.43
C THR B 267 19.52 -41.11 -16.38
N MET B 268 20.21 -41.28 -17.51
CA MET B 268 21.59 -40.84 -17.60
C MET B 268 21.58 -39.32 -17.74
N ALA B 269 22.73 -38.70 -17.54
CA ALA B 269 22.85 -37.25 -17.70
C ALA B 269 22.45 -36.88 -19.13
N VAL B 270 21.58 -35.87 -19.25
CA VAL B 270 21.05 -35.50 -20.56
C VAL B 270 22.11 -35.01 -21.54
N ASP B 271 23.26 -34.57 -21.01
CA ASP B 271 24.36 -34.15 -21.87
C ASP B 271 25.10 -35.35 -22.45
N PHE B 272 25.17 -36.43 -21.67
CA PHE B 272 25.74 -37.69 -22.14
C PHE B 272 24.81 -38.36 -23.15
N LEU B 273 23.50 -38.26 -22.90
CA LEU B 273 22.51 -38.86 -23.80
C LEU B 273 22.63 -38.24 -25.18
N ALA B 274 22.74 -36.92 -25.24
CA ALA B 274 22.90 -36.22 -26.51
C ALA B 274 24.09 -36.75 -27.30
N GLU B 275 25.19 -36.99 -26.59
CA GLU B 275 26.40 -37.51 -27.21
C GLU B 275 26.17 -38.91 -27.77
N ALA B 276 25.64 -39.79 -26.93
CA ALA B 276 25.38 -41.18 -27.32
C ALA B 276 24.34 -41.30 -28.43
N MET B 277 23.65 -40.20 -28.71
CA MET B 277 22.68 -40.14 -29.81
C MET B 277 23.36 -39.63 -31.08
N ASN B 278 24.52 -38.99 -30.91
CA ASN B 278 25.21 -38.34 -32.02
C ASN B 278 24.31 -37.34 -32.73
N ASP B 279 23.59 -36.56 -31.94
CA ASP B 279 22.67 -35.54 -32.46
C ASP B 279 23.27 -34.15 -32.21
N GLN B 280 23.65 -33.48 -33.29
CA GLN B 280 24.37 -32.21 -33.20
C GLN B 280 23.57 -31.10 -32.53
N GLU B 281 22.29 -31.00 -32.85
CA GLU B 281 21.42 -29.97 -32.28
C GLU B 281 21.25 -30.13 -30.76
N LEU B 282 21.01 -31.35 -30.32
CA LEU B 282 20.82 -31.62 -28.90
C LEU B 282 22.10 -31.39 -28.11
N VAL B 283 23.25 -31.65 -28.74
CA VAL B 283 24.53 -31.43 -28.09
C VAL B 283 24.74 -29.94 -27.82
N GLY B 284 24.49 -29.12 -28.84
CA GLY B 284 24.59 -27.68 -28.69
C GLY B 284 23.60 -27.19 -27.64
N LEU B 285 22.45 -27.84 -27.56
CA LEU B 285 21.42 -27.47 -26.61
C LEU B 285 21.79 -27.84 -25.17
N THR B 286 22.26 -29.06 -24.96
CA THR B 286 22.66 -29.49 -23.61
C THR B 286 23.87 -28.70 -23.11
N LYS B 287 24.70 -28.23 -24.04
CA LYS B 287 25.90 -27.49 -23.67
C LYS B 287 25.58 -26.10 -23.14
N GLN B 288 24.30 -25.81 -23.00
CA GLN B 288 23.86 -24.54 -22.45
C GLN B 288 23.46 -24.72 -20.99
N LEU B 289 23.45 -25.98 -20.56
CA LEU B 289 23.18 -26.28 -19.17
C LEU B 289 24.46 -26.12 -18.40
N PHE B 290 24.34 -25.91 -17.09
CA PHE B 290 25.51 -25.78 -16.24
C PHE B 290 25.41 -26.76 -15.09
N TYR B 291 26.56 -27.25 -14.64
CA TYR B 291 26.59 -28.12 -13.47
C TYR B 291 27.86 -27.91 -12.65
N SER B 292 27.80 -28.29 -11.38
CA SER B 292 28.98 -28.28 -10.53
C SER B 292 29.36 -29.70 -10.15
N SER B 293 30.66 -29.94 -9.95
CA SER B 293 31.14 -31.24 -9.50
C SER B 293 31.30 -31.20 -7.99
N THR B 294 31.19 -32.36 -7.36
CA THR B 294 31.21 -32.43 -5.90
C THR B 294 32.32 -33.31 -5.35
N HIS B 295 33.17 -32.73 -4.50
CA HIS B 295 34.18 -33.51 -3.77
C HIS B 295 33.64 -33.95 -2.42
N VAL B 296 33.46 -35.25 -2.26
CA VAL B 296 33.06 -35.81 -0.98
C VAL B 296 34.31 -36.25 -0.21
N ILE B 297 34.44 -35.74 1.01
CA ILE B 297 35.57 -36.08 1.88
C ILE B 297 35.06 -36.80 3.12
N GLY B 298 35.64 -37.95 3.41
CA GLY B 298 35.28 -38.70 4.61
C GLY B 298 36.44 -38.77 5.58
N VAL B 299 36.16 -38.49 6.85
CA VAL B 299 37.19 -38.59 7.88
C VAL B 299 36.72 -39.41 9.09
N GLY B 300 37.43 -40.50 9.37
CA GLY B 300 37.15 -41.31 10.53
C GLY B 300 38.09 -40.97 11.67
N VAL B 301 37.53 -40.70 12.84
CA VAL B 301 38.33 -40.27 13.97
C VAL B 301 38.08 -41.13 15.21
N ARG B 302 39.11 -41.30 16.02
CA ARG B 302 39.05 -42.15 17.20
C ARG B 302 38.41 -41.45 18.40
N GLY B 303 37.68 -42.21 19.20
CA GLY B 303 37.10 -41.69 20.42
C GLY B 303 35.59 -41.85 20.48
N SER B 304 35.04 -41.71 21.67
CA SER B 304 33.59 -41.69 21.82
C SER B 304 33.09 -40.32 21.38
N ARG B 305 31.93 -40.29 20.74
CA ARG B 305 31.38 -39.06 20.20
C ARG B 305 31.46 -37.91 21.20
N PRO B 306 32.27 -36.89 20.89
CA PRO B 306 32.49 -35.73 21.75
C PRO B 306 31.18 -35.05 22.14
N GLU B 307 31.21 -34.30 23.25
CA GLU B 307 30.04 -33.57 23.72
C GLU B 307 29.79 -32.32 22.88
N ARG B 308 30.86 -31.76 22.33
CA ARG B 308 30.75 -30.60 21.47
C ARG B 308 29.98 -30.97 20.20
N ILE B 309 30.04 -32.25 19.85
CA ILE B 309 29.35 -32.76 18.67
C ILE B 309 27.92 -33.17 19.01
N GLY B 310 27.76 -34.00 20.03
CA GLY B 310 26.45 -34.42 20.50
C GLY B 310 25.63 -35.17 19.46
N ASP B 311 24.34 -34.91 19.42
CA ASP B 311 23.44 -35.59 18.49
C ASP B 311 23.23 -34.81 17.21
N LYS B 312 24.13 -33.88 16.91
CA LYS B 312 24.06 -33.09 15.68
C LYS B 312 23.95 -34.00 14.46
N CYS B 313 23.37 -33.48 13.39
CA CYS B 313 23.21 -34.26 12.16
C CYS B 313 24.04 -33.70 11.01
N TRP B 314 23.56 -32.64 10.39
CA TRP B 314 24.35 -31.97 9.36
C TRP B 314 24.49 -30.48 9.60
N LEU B 315 25.63 -29.95 9.21
CA LEU B 315 25.99 -28.59 9.53
C LEU B 315 26.28 -27.76 8.28
N TYR B 316 26.04 -26.46 8.36
CA TYR B 316 26.30 -25.57 7.24
C TYR B 316 27.43 -24.60 7.56
N PHE B 317 28.25 -24.31 6.56
CA PHE B 317 29.44 -23.48 6.77
C PHE B 317 29.59 -22.38 5.72
N PRO B 318 28.97 -21.22 5.97
CA PRO B 318 28.99 -20.08 5.06
C PRO B 318 30.27 -19.28 5.12
N GLU B 319 31.04 -19.42 6.20
CA GLU B 319 32.26 -18.65 6.38
C GLU B 319 33.45 -19.25 5.61
N ASP B 320 34.42 -18.41 5.28
CA ASP B 320 35.51 -18.81 4.40
C ASP B 320 36.72 -19.38 5.13
N ASN B 321 36.50 -19.93 6.33
CA ASN B 321 37.59 -20.54 7.07
C ASN B 321 37.57 -22.07 6.93
N CYS B 322 36.99 -22.52 5.82
CA CYS B 322 36.96 -23.94 5.47
C CYS B 322 36.39 -24.08 4.07
N PRO B 323 36.93 -25.03 3.29
CA PRO B 323 36.53 -25.19 1.88
C PRO B 323 35.14 -25.76 1.69
N PHE B 324 34.72 -26.64 2.60
CA PHE B 324 33.43 -27.33 2.48
C PHE B 324 32.25 -26.43 2.86
N TYR B 325 31.08 -26.73 2.32
CA TYR B 325 29.87 -25.98 2.60
C TYR B 325 28.94 -26.72 3.56
N ARG B 326 29.09 -28.05 3.61
CA ARG B 326 28.25 -28.86 4.48
C ARG B 326 29.02 -30.02 5.12
N ALA B 327 28.69 -30.29 6.38
CA ALA B 327 29.32 -31.40 7.09
C ALA B 327 28.26 -32.25 7.77
N THR B 328 28.48 -33.56 7.75
CA THR B 328 27.55 -34.49 8.37
C THR B 328 28.24 -35.38 9.37
N ILE B 329 27.72 -35.43 10.59
CA ILE B 329 28.21 -36.40 11.57
C ILE B 329 27.63 -37.77 11.22
N PHE B 330 28.21 -38.39 10.21
CA PHE B 330 27.67 -39.60 9.61
C PHE B 330 27.63 -40.80 10.56
N SER B 331 28.38 -40.73 11.65
CA SER B 331 28.42 -41.83 12.62
C SER B 331 27.19 -41.81 13.53
N ASN B 332 26.48 -40.69 13.57
CA ASN B 332 25.27 -40.61 14.37
C ASN B 332 24.06 -41.25 13.70
N TYR B 333 24.20 -41.53 12.41
CA TYR B 333 23.10 -42.09 11.64
C TYR B 333 22.90 -43.59 11.86
N SER B 334 24.00 -44.30 12.12
CA SER B 334 23.94 -45.73 12.35
C SER B 334 25.23 -46.23 12.97
N PRO B 335 25.12 -47.16 13.93
CA PRO B 335 26.28 -47.77 14.58
C PRO B 335 27.03 -48.72 13.64
N TYR B 336 26.52 -48.90 12.43
CA TYR B 336 27.20 -49.75 11.45
C TYR B 336 27.84 -48.96 10.32
N ASN B 337 28.04 -47.66 10.53
CA ASN B 337 28.76 -46.86 9.54
C ASN B 337 30.24 -46.70 9.88
N GLN B 338 30.61 -47.17 11.07
CA GLN B 338 32.00 -47.19 11.50
C GLN B 338 32.27 -48.50 12.23
N PRO B 339 33.54 -48.92 12.25
CA PRO B 339 34.01 -50.13 12.94
C PRO B 339 33.60 -50.15 14.40
N GLU B 340 33.39 -51.36 14.92
CA GLU B 340 33.05 -51.54 16.32
C GLU B 340 34.25 -51.25 17.21
N ALA B 341 33.99 -50.72 18.41
CA ALA B 341 35.05 -50.34 19.35
C ALA B 341 36.20 -51.34 19.48
N SER B 342 35.88 -52.63 19.37
CA SER B 342 36.88 -53.69 19.56
C SER B 342 37.93 -53.74 18.45
N LYS B 343 37.55 -53.30 17.25
CA LYS B 343 38.47 -53.29 16.12
C LYS B 343 39.63 -52.34 16.42
N LYS B 344 40.84 -52.78 16.12
CA LYS B 344 42.03 -51.97 16.38
C LYS B 344 42.51 -51.28 15.12
N LEU B 345 42.81 -49.98 15.22
CA LEU B 345 43.28 -49.22 14.07
C LEU B 345 44.40 -48.25 14.47
N PRO B 346 45.43 -48.14 13.63
CA PRO B 346 46.47 -47.15 13.92
C PRO B 346 46.02 -45.74 13.56
N THR B 347 46.54 -44.75 14.26
CA THR B 347 46.27 -43.35 13.95
C THR B 347 47.05 -42.95 12.70
N MET B 348 46.35 -42.47 11.68
CA MET B 348 47.00 -42.09 10.43
C MET B 348 47.66 -40.73 10.55
N GLN B 349 47.06 -39.87 11.37
CA GLN B 349 47.58 -38.53 11.58
C GLN B 349 46.70 -37.79 12.58
N LEU B 350 47.21 -36.68 13.10
CA LEU B 350 46.43 -35.83 13.98
C LEU B 350 45.72 -34.77 13.17
N ALA B 351 44.64 -34.24 13.73
CA ALA B 351 43.80 -33.26 13.04
C ALA B 351 44.58 -32.01 12.58
N ASP B 352 45.60 -31.62 13.33
CA ASP B 352 46.38 -30.43 12.98
C ASP B 352 47.35 -30.68 11.83
N GLY B 353 47.57 -31.95 11.48
CA GLY B 353 48.39 -32.29 10.34
C GLY B 353 49.70 -32.98 10.68
N SER B 354 50.01 -33.07 11.96
CA SER B 354 51.26 -33.65 12.42
C SER B 354 51.12 -35.13 12.68
N ARG B 355 52.24 -35.80 12.87
CA ARG B 355 52.26 -37.24 13.15
C ARG B 355 51.65 -37.53 14.51
N PRO B 356 50.93 -38.65 14.61
CA PRO B 356 50.37 -39.10 15.90
C PRO B 356 51.47 -39.37 16.92
N GLN B 357 51.12 -39.35 18.19
CA GLN B 357 52.06 -39.70 19.25
C GLN B 357 52.39 -41.17 19.20
N SER B 358 51.39 -41.99 18.87
CA SER B 358 51.56 -43.44 18.73
C SER B 358 51.00 -43.92 17.40
N THR B 359 51.70 -44.87 16.77
CA THR B 359 51.22 -45.46 15.52
C THR B 359 50.74 -46.89 15.74
N GLU B 360 50.53 -47.27 16.99
CA GLU B 360 50.13 -48.64 17.29
C GLU B 360 48.62 -48.83 17.18
N ALA B 361 48.22 -50.03 16.80
CA ALA B 361 46.81 -50.36 16.64
C ALA B 361 46.10 -50.33 17.98
N LYS B 362 45.32 -49.27 18.20
CA LYS B 362 44.54 -49.14 19.41
C LYS B 362 43.06 -49.34 19.10
N GLU B 363 42.25 -49.50 20.14
CA GLU B 363 40.82 -49.73 19.96
C GLU B 363 40.03 -48.43 19.88
N GLY B 364 38.74 -48.56 19.58
CA GLY B 364 37.88 -47.40 19.43
C GLY B 364 37.33 -46.90 20.74
N PRO B 365 36.06 -46.48 20.75
CA PRO B 365 35.19 -46.51 19.57
C PRO B 365 35.52 -45.37 18.61
N TYR B 366 34.84 -45.32 17.48
CA TYR B 366 35.13 -44.29 16.48
C TYR B 366 33.89 -43.52 16.06
N TRP B 367 34.11 -42.36 15.46
CA TRP B 367 33.04 -41.60 14.84
C TRP B 367 33.50 -41.05 13.50
N SER B 368 32.56 -40.63 12.67
CA SER B 368 32.91 -40.23 11.32
C SER B 368 32.34 -38.86 10.97
N ILE B 369 33.09 -38.11 10.16
CA ILE B 369 32.61 -36.86 9.61
C ILE B 369 32.65 -36.90 8.08
N MET B 370 31.58 -36.43 7.45
CA MET B 370 31.52 -36.38 6.00
C MET B 370 31.34 -34.96 5.51
N LEU B 371 32.20 -34.53 4.60
CA LEU B 371 32.21 -33.15 4.12
C LEU B 371 31.97 -33.07 2.62
N GLU B 372 31.31 -32.01 2.19
CA GLU B 372 31.11 -31.78 0.78
C GLU B 372 31.78 -30.48 0.36
N VAL B 373 32.49 -30.52 -0.76
CA VAL B 373 33.08 -29.32 -1.37
C VAL B 373 32.63 -29.22 -2.81
N SER B 374 32.27 -28.01 -3.25
CA SER B 374 31.80 -27.81 -4.61
C SER B 374 32.91 -27.35 -5.55
N GLU B 375 32.73 -27.59 -6.84
CA GLU B 375 33.73 -27.26 -7.84
C GLU B 375 33.06 -26.90 -9.18
N SER B 376 33.48 -25.79 -9.76
CA SER B 376 33.02 -25.41 -11.09
C SER B 376 34.07 -24.56 -11.78
N SER B 377 33.83 -24.24 -13.05
CA SER B 377 34.74 -23.40 -13.82
C SER B 377 34.86 -21.99 -13.24
N MET B 378 34.04 -21.69 -12.23
CA MET B 378 34.09 -20.39 -11.56
C MET B 378 34.72 -20.53 -10.18
N LYS B 379 34.82 -21.75 -9.70
CA LYS B 379 35.35 -22.02 -8.36
C LYS B 379 36.17 -23.30 -8.41
N PRO B 380 37.44 -23.18 -8.79
CA PRO B 380 38.33 -24.34 -8.94
C PRO B 380 38.79 -24.88 -7.60
N VAL B 381 39.02 -26.19 -7.52
CA VAL B 381 39.64 -26.76 -6.34
C VAL B 381 40.89 -27.53 -6.74
N ASN B 382 41.92 -27.45 -5.91
CA ASN B 382 43.13 -28.22 -6.15
C ASN B 382 42.93 -29.64 -5.62
N GLN B 383 42.96 -30.61 -6.52
CA GLN B 383 42.62 -31.99 -6.17
C GLN B 383 43.69 -32.63 -5.28
N GLU B 384 44.89 -32.07 -5.31
CA GLU B 384 46.01 -32.64 -4.57
C GLU B 384 46.09 -32.16 -3.13
N THR B 385 45.37 -31.10 -2.81
CA THR B 385 45.45 -30.51 -1.47
C THR B 385 44.10 -30.39 -0.77
N ILE B 386 43.03 -30.77 -1.44
CA ILE B 386 41.70 -30.58 -0.87
C ILE B 386 41.46 -31.33 0.44
N LEU B 387 41.88 -32.59 0.49
CA LEU B 387 41.70 -33.39 1.71
C LEU B 387 42.36 -32.72 2.91
N ALA B 388 43.53 -32.12 2.70
CA ALA B 388 44.27 -31.46 3.77
C ALA B 388 43.61 -30.15 4.18
N ASP B 389 43.03 -29.45 3.20
CA ASP B 389 42.31 -28.20 3.47
C ASP B 389 41.03 -28.42 4.25
N CYS B 390 40.40 -29.57 4.04
CA CYS B 390 39.19 -29.91 4.77
C CYS B 390 39.51 -30.21 6.22
N ILE B 391 40.47 -31.10 6.45
CA ILE B 391 40.86 -31.47 7.79
C ILE B 391 41.21 -30.22 8.59
N GLN B 392 42.02 -29.35 7.99
CA GLN B 392 42.35 -28.07 8.59
C GLN B 392 41.09 -27.24 8.83
N GLY B 393 40.24 -27.17 7.80
CA GLY B 393 38.95 -26.52 7.93
C GLY B 393 38.17 -27.03 9.12
N LEU B 394 38.28 -28.34 9.39
CA LEU B 394 37.59 -28.95 10.53
C LEU B 394 38.10 -28.39 11.85
N VAL B 395 39.41 -28.12 11.91
CA VAL B 395 40.01 -27.56 13.11
C VAL B 395 39.59 -26.09 13.27
N ASN B 396 39.66 -25.35 12.17
CA ASN B 396 39.29 -23.94 12.18
C ASN B 396 37.86 -23.70 12.68
N THR B 397 37.00 -24.70 12.52
CA THR B 397 35.60 -24.56 12.88
C THR B 397 35.28 -25.27 14.20
N GLU B 398 36.32 -25.66 14.92
CA GLU B 398 36.17 -26.33 16.21
C GLU B 398 35.38 -27.63 16.13
N MET B 399 35.42 -28.27 14.97
CA MET B 399 34.82 -29.58 14.79
C MET B 399 35.74 -30.64 15.38
N LEU B 400 37.03 -30.50 15.10
CA LEU B 400 38.03 -31.39 15.63
C LEU B 400 39.03 -30.60 16.46
N LYS B 401 39.51 -31.20 17.54
CA LYS B 401 40.63 -30.64 18.30
C LYS B 401 41.92 -31.04 17.59
N PRO B 402 42.85 -30.08 17.44
CA PRO B 402 44.13 -30.32 16.78
C PRO B 402 44.74 -31.67 17.14
N THR B 403 44.48 -32.14 18.36
CA THR B 403 45.05 -33.39 18.85
C THR B 403 44.16 -34.61 18.60
N ASP B 404 43.05 -34.41 17.90
CA ASP B 404 42.16 -35.53 17.57
C ASP B 404 42.85 -36.51 16.64
N GLU B 405 42.56 -37.80 16.84
CA GLU B 405 43.23 -38.85 16.10
C GLU B 405 42.43 -39.31 14.89
N ILE B 406 42.95 -38.99 13.71
CA ILE B 406 42.32 -39.41 12.47
C ILE B 406 42.78 -40.82 12.11
N VAL B 407 41.81 -41.70 11.87
CA VAL B 407 42.09 -43.11 11.68
C VAL B 407 41.78 -43.60 10.27
N SER B 408 41.13 -42.75 9.47
CA SER B 408 40.76 -43.12 8.12
C SER B 408 40.42 -41.88 7.32
N THR B 409 40.76 -41.90 6.03
CA THR B 409 40.35 -40.84 5.12
C THR B 409 39.62 -41.39 3.91
N TYR B 410 38.82 -40.53 3.31
CA TYR B 410 38.11 -40.87 2.09
C TYR B 410 38.01 -39.62 1.23
N HIS B 411 38.17 -39.80 -0.08
CA HIS B 411 38.05 -38.68 -1.00
C HIS B 411 37.63 -39.18 -2.38
N ARG B 412 36.54 -38.61 -2.91
CA ARG B 412 36.08 -38.97 -4.24
C ARG B 412 35.49 -37.75 -4.96
N ARG B 413 35.80 -37.63 -6.25
CA ARG B 413 35.28 -36.53 -7.06
C ARG B 413 34.20 -36.98 -8.02
N PHE B 414 32.98 -36.45 -7.84
CA PHE B 414 31.87 -36.74 -8.75
C PHE B 414 31.69 -35.60 -9.74
N ASP B 415 31.89 -35.90 -11.01
CA ASP B 415 31.87 -34.87 -12.05
C ASP B 415 30.52 -34.15 -12.10
N HIS B 416 29.43 -34.91 -12.00
CA HIS B 416 28.10 -34.31 -11.98
C HIS B 416 27.53 -34.31 -10.57
N GLY B 417 27.67 -33.17 -9.88
CA GLY B 417 27.19 -33.05 -8.52
C GLY B 417 25.79 -32.48 -8.46
N TYR B 418 25.66 -31.20 -8.78
CA TYR B 418 24.36 -30.53 -8.80
C TYR B 418 24.01 -30.03 -10.20
N PRO B 419 22.75 -30.21 -10.61
CA PRO B 419 22.25 -29.49 -11.78
C PRO B 419 21.93 -28.04 -11.40
N THR B 420 22.68 -27.10 -11.96
CA THR B 420 22.61 -25.70 -11.54
C THR B 420 21.38 -24.97 -12.07
N PRO B 421 20.60 -24.36 -11.16
CA PRO B 421 19.38 -23.62 -11.55
C PRO B 421 19.73 -22.25 -12.14
N THR B 422 20.39 -22.24 -13.28
CA THR B 422 20.81 -20.97 -13.88
C THR B 422 19.64 -20.26 -14.55
N LEU B 423 19.82 -18.97 -14.80
CA LEU B 423 18.82 -18.18 -15.51
C LEU B 423 18.50 -18.79 -16.88
N GLU B 424 19.48 -19.46 -17.47
CA GLU B 424 19.33 -19.98 -18.82
C GLU B 424 18.73 -21.37 -18.87
N ARG B 425 18.63 -22.01 -17.70
CA ARG B 425 18.26 -23.43 -17.62
C ARG B 425 16.93 -23.77 -18.28
N GLU B 426 15.87 -23.06 -17.93
CA GLU B 426 14.55 -23.34 -18.47
C GLU B 426 14.47 -23.01 -19.96
N GLY B 427 15.28 -22.07 -20.42
CA GLY B 427 15.33 -21.74 -21.83
C GLY B 427 15.80 -22.93 -22.64
N ALA B 428 16.72 -23.69 -22.08
CA ALA B 428 17.29 -24.86 -22.75
C ALA B 428 16.44 -26.10 -22.56
N LEU B 429 15.98 -26.33 -21.33
CA LEU B 429 15.20 -27.51 -21.00
C LEU B 429 13.86 -27.59 -21.72
N THR B 430 13.23 -26.43 -21.91
CA THR B 430 11.93 -26.36 -22.55
C THR B 430 12.04 -26.70 -24.04
N GLN B 431 13.27 -26.80 -24.52
CA GLN B 431 13.53 -27.24 -25.88
C GLN B 431 13.88 -28.72 -25.89
N ILE B 432 14.96 -29.04 -25.18
CA ILE B 432 15.47 -30.40 -25.06
C ILE B 432 14.39 -31.44 -24.73
N LEU B 433 13.76 -31.32 -23.56
CA LEU B 433 12.82 -32.34 -23.08
C LEU B 433 11.66 -32.65 -24.04
N PRO B 434 11.02 -31.63 -24.62
CA PRO B 434 10.01 -31.86 -25.67
C PRO B 434 10.58 -32.49 -26.95
N LYS B 435 11.81 -32.11 -27.30
CA LYS B 435 12.46 -32.68 -28.47
C LYS B 435 12.81 -34.15 -28.25
N LEU B 436 13.13 -34.50 -27.02
CA LEU B 436 13.41 -35.89 -26.69
C LEU B 436 12.12 -36.67 -26.58
N GLN B 437 11.08 -36.02 -26.09
CA GLN B 437 9.78 -36.68 -25.93
C GLN B 437 9.21 -37.02 -27.30
N ASP B 438 9.51 -36.18 -28.29
CA ASP B 438 9.03 -36.40 -29.65
C ASP B 438 9.75 -37.57 -30.35
N LYS B 439 10.78 -38.10 -29.72
CA LYS B 439 11.46 -39.28 -30.24
C LYS B 439 11.08 -40.49 -29.39
N ASP B 440 10.10 -40.28 -28.52
CA ASP B 440 9.67 -41.29 -27.55
C ASP B 440 10.77 -41.60 -26.53
N ILE B 441 11.38 -40.54 -26.01
CA ILE B 441 12.42 -40.68 -25.01
C ILE B 441 12.16 -39.80 -23.79
N TRP B 442 11.77 -40.44 -22.69
CA TRP B 442 11.58 -39.74 -21.43
C TRP B 442 12.89 -39.65 -20.66
N SER B 443 13.53 -38.49 -20.72
CA SER B 443 14.76 -38.24 -19.97
C SER B 443 14.39 -37.66 -18.61
N ARG B 444 14.63 -38.44 -17.56
CA ARG B 444 14.16 -38.09 -16.21
C ARG B 444 15.22 -38.35 -15.14
N GLY B 445 15.21 -37.54 -14.09
CA GLY B 445 16.15 -37.71 -13.00
C GLY B 445 16.97 -36.46 -12.74
N ARG B 446 17.78 -36.48 -11.68
CA ARG B 446 18.64 -35.36 -11.33
C ARG B 446 19.38 -34.78 -12.54
N PHE B 447 19.98 -35.64 -13.33
CA PHE B 447 20.67 -35.18 -14.52
C PHE B 447 19.97 -35.61 -15.80
N GLY B 448 18.93 -36.44 -15.62
CA GLY B 448 18.04 -36.79 -16.71
C GLY B 448 17.18 -35.62 -17.12
N SER B 449 16.55 -34.99 -16.13
CA SER B 449 15.68 -33.84 -16.38
C SER B 449 16.23 -32.53 -15.84
N TRP B 450 17.32 -32.61 -15.06
CA TRP B 450 18.16 -31.45 -14.76
C TRP B 450 17.51 -30.39 -13.86
N ARG B 451 16.45 -30.76 -13.16
CA ARG B 451 15.81 -29.79 -12.25
C ARG B 451 16.10 -30.10 -10.79
N TYR B 452 16.95 -29.28 -10.19
CA TYR B 452 17.34 -29.49 -8.80
C TYR B 452 16.14 -29.47 -7.83
N GLU B 453 15.14 -28.63 -8.09
CA GLU B 453 13.96 -28.54 -7.22
C GLU B 453 13.47 -29.91 -6.83
N VAL B 454 13.56 -30.83 -7.79
CA VAL B 454 12.91 -32.13 -7.67
C VAL B 454 13.95 -33.22 -7.92
N GLY B 455 15.21 -32.85 -7.72
CA GLY B 455 16.28 -33.83 -7.58
C GLY B 455 16.34 -34.14 -6.10
N ASN B 456 16.60 -35.40 -5.78
CA ASN B 456 16.40 -35.96 -4.44
C ASN B 456 15.85 -37.37 -4.60
N GLN B 457 16.24 -38.28 -3.73
CA GLN B 457 15.87 -39.67 -3.90
C GLN B 457 14.36 -39.89 -4.10
N ASP B 458 13.54 -39.44 -3.16
CA ASP B 458 12.10 -39.62 -3.29
C ASP B 458 11.54 -39.00 -4.58
N HIS B 459 11.97 -37.77 -4.87
CA HIS B 459 11.56 -37.06 -6.09
C HIS B 459 12.00 -37.79 -7.36
N SER B 460 13.29 -38.10 -7.44
CA SER B 460 13.83 -38.80 -8.58
C SER B 460 13.11 -40.13 -8.78
N PHE B 461 12.99 -40.91 -7.73
CA PHE B 461 12.28 -42.18 -7.81
C PHE B 461 10.89 -41.98 -8.42
N MET B 462 10.20 -40.94 -7.98
CA MET B 462 8.85 -40.66 -8.46
C MET B 462 8.83 -40.20 -9.91
N LEU B 463 9.77 -39.33 -10.28
CA LEU B 463 9.96 -38.96 -11.66
C LEU B 463 9.91 -40.21 -12.53
N GLY B 464 10.56 -41.28 -12.06
CA GLY B 464 10.57 -42.55 -12.76
C GLY B 464 9.20 -43.18 -12.81
N VAL B 465 8.58 -43.36 -11.63
CA VAL B 465 7.25 -43.93 -11.51
C VAL B 465 6.22 -43.20 -12.38
N GLU B 466 6.40 -41.90 -12.57
CA GLU B 466 5.45 -41.08 -13.32
C GLU B 466 5.69 -41.15 -14.82
N ALA B 467 6.95 -41.22 -15.22
CA ALA B 467 7.31 -41.38 -16.63
C ALA B 467 6.66 -42.65 -17.19
N VAL B 468 6.65 -43.70 -16.36
CA VAL B 468 6.00 -44.95 -16.73
C VAL B 468 4.48 -44.81 -16.77
N ASP B 469 3.94 -44.13 -15.76
CA ASP B 469 2.50 -43.90 -15.66
C ASP B 469 1.98 -43.01 -16.80
N ASN B 470 2.83 -42.11 -17.28
CA ASN B 470 2.49 -41.26 -18.42
C ASN B 470 2.50 -42.06 -19.71
N ILE B 471 3.48 -42.95 -19.84
CA ILE B 471 3.66 -43.78 -21.03
C ILE B 471 2.57 -44.84 -21.16
N VAL B 472 2.06 -45.31 -20.02
CA VAL B 472 1.18 -46.47 -20.02
C VAL B 472 -0.28 -46.14 -19.68
N ASN B 473 -0.50 -45.15 -18.83
CA ASN B 473 -1.86 -44.84 -18.38
C ASN B 473 -2.29 -43.42 -18.70
N GLY B 474 -1.37 -42.62 -19.22
CA GLY B 474 -1.66 -41.26 -19.61
C GLY B 474 -1.60 -40.29 -18.45
N ALA B 475 -1.01 -40.72 -17.33
CA ALA B 475 -0.91 -39.90 -16.14
C ALA B 475 -0.13 -38.61 -16.40
N VAL B 476 -0.56 -37.50 -15.80
CA VAL B 476 0.19 -36.26 -15.95
C VAL B 476 1.41 -36.27 -15.03
N GLU B 477 2.55 -35.87 -15.58
CA GLU B 477 3.81 -35.88 -14.83
C GLU B 477 3.92 -34.68 -13.89
N LEU B 478 3.30 -34.80 -12.72
CA LEU B 478 3.18 -33.69 -11.78
C LEU B 478 4.51 -33.30 -11.14
N THR B 479 5.29 -34.30 -10.77
CA THR B 479 6.58 -34.09 -10.12
C THR B 479 7.55 -33.33 -11.04
N LEU B 480 7.53 -33.67 -12.32
CA LEU B 480 8.41 -33.04 -13.29
C LEU B 480 8.10 -31.56 -13.48
N ASN B 481 6.85 -31.24 -13.83
CA ASN B 481 6.47 -29.90 -14.27
C ASN B 481 5.94 -28.95 -13.19
N TYR B 482 5.51 -29.51 -12.06
CA TYR B 482 4.88 -28.71 -11.04
C TYR B 482 5.42 -29.05 -9.66
N PRO B 483 6.71 -28.81 -9.45
CA PRO B 483 7.41 -29.14 -8.20
C PRO B 483 6.74 -28.57 -6.95
N ASP B 484 6.25 -27.34 -7.03
CA ASP B 484 5.56 -26.73 -5.88
C ASP B 484 4.32 -27.52 -5.52
N PHE B 485 3.61 -28.01 -6.53
CA PHE B 485 2.39 -28.77 -6.31
C PHE B 485 2.65 -30.01 -5.47
N VAL B 486 3.59 -30.84 -5.91
CA VAL B 486 3.85 -32.10 -5.23
C VAL B 486 4.49 -31.89 -3.88
N ASN B 487 5.21 -30.77 -3.73
CA ASN B 487 5.96 -30.52 -2.51
C ASN B 487 5.15 -29.99 -1.33
N GLY B 488 3.97 -29.45 -1.60
CA GLY B 488 3.15 -28.87 -0.57
C GLY B 488 1.90 -29.67 -0.27
N ARG B 489 1.90 -30.93 -0.69
CA ARG B 489 0.75 -31.79 -0.48
C ARG B 489 1.18 -33.17 -0.01
N GLN B 490 0.24 -33.93 0.52
CA GLN B 490 0.48 -35.33 0.82
C GLN B 490 0.06 -36.19 -0.36
N ASN B 491 1.05 -36.78 -1.02
CA ASN B 491 0.77 -37.59 -2.19
C ASN B 491 0.49 -39.05 -1.80
N THR B 492 -0.79 -39.38 -1.70
CA THR B 492 -1.25 -40.64 -1.14
C THR B 492 -2.00 -41.51 -2.13
N GLU B 493 -2.32 -40.95 -3.29
CA GLU B 493 -3.20 -41.64 -4.23
C GLU B 493 -2.56 -42.87 -4.87
N ARG B 494 -1.32 -42.74 -5.32
CA ARG B 494 -0.61 -43.85 -5.95
C ARG B 494 0.04 -44.73 -4.89
N ARG B 495 -0.20 -46.04 -4.98
CA ARG B 495 0.30 -46.98 -3.99
C ARG B 495 0.89 -48.21 -4.65
N LEU B 496 1.81 -48.88 -3.95
CA LEU B 496 2.47 -50.07 -4.47
C LEU B 496 1.46 -51.19 -4.76
N VAL B 497 0.27 -51.08 -4.17
CA VAL B 497 -0.84 -51.93 -4.58
C VAL B 497 -2.07 -51.07 -4.93
N ASP B 498 -2.40 -50.99 -6.22
CA ASP B 498 -3.58 -50.25 -6.66
C ASP B 498 -4.74 -51.18 -6.95
N GLY B 499 -5.90 -50.59 -7.26
CA GLY B 499 -7.08 -51.36 -7.58
C GLY B 499 -6.85 -52.34 -8.72
N ALA B 500 -6.05 -51.92 -9.70
CA ALA B 500 -5.81 -52.71 -10.89
C ALA B 500 -5.25 -54.08 -10.53
N GLN B 501 -4.47 -54.13 -9.47
CA GLN B 501 -3.88 -55.38 -9.00
C GLN B 501 -4.88 -56.12 -8.11
N VAL B 502 -5.59 -55.38 -7.28
CA VAL B 502 -6.58 -55.97 -6.38
C VAL B 502 -7.71 -56.68 -7.15
N PHE B 503 -8.23 -56.04 -8.19
CA PHE B 503 -9.28 -56.64 -9.00
C PHE B 503 -8.78 -57.86 -9.75
N ALA B 504 -7.61 -57.73 -10.37
CA ALA B 504 -7.03 -58.83 -11.12
C ALA B 504 -6.83 -60.06 -10.24
N LYS B 505 -6.66 -59.85 -8.95
CA LYS B 505 -6.44 -60.95 -8.01
C LYS B 505 -7.73 -61.69 -7.72
N SER B 506 -8.80 -60.95 -7.50
CA SER B 506 -10.11 -61.55 -7.22
C SER B 506 -10.69 -62.23 -8.45
N LYS B 507 -10.37 -61.72 -9.62
CA LYS B 507 -10.84 -62.29 -10.88
C LYS B 507 -10.21 -63.65 -11.13
N ALA B 508 -9.08 -63.91 -10.47
CA ALA B 508 -8.41 -65.21 -10.55
C ALA B 508 -8.94 -66.17 -9.50
N GLN B 509 -9.29 -65.64 -8.34
CA GLN B 509 -9.90 -66.43 -7.27
C GLN B 509 -11.37 -66.66 -7.57
N LEU B 510 -11.83 -66.14 -8.70
CA LEU B 510 -13.22 -66.24 -9.11
C LEU B 510 -13.42 -67.40 -10.09
N THR C 1 -27.46 -62.46 2.11
CA THR C 1 -27.70 -62.98 0.77
C THR C 1 -26.89 -62.21 -0.28
N HIS C 2 -26.33 -62.94 -1.24
CA HIS C 2 -25.56 -62.32 -2.32
C HIS C 2 -26.48 -61.64 -3.32
N PRO C 3 -25.99 -60.57 -3.95
CA PRO C 3 -26.73 -59.77 -4.93
C PRO C 3 -26.93 -60.52 -6.25
N ASP C 4 -28.00 -60.18 -6.96
CA ASP C 4 -28.26 -60.73 -8.27
C ASP C 4 -27.09 -60.48 -9.21
N ILE C 5 -26.46 -59.32 -9.08
CA ILE C 5 -25.29 -59.00 -9.87
C ILE C 5 -24.16 -58.53 -8.96
N SER C 6 -22.92 -58.75 -9.38
CA SER C 6 -21.77 -58.28 -8.61
C SER C 6 -20.67 -57.75 -9.52
N VAL C 7 -20.36 -56.47 -9.36
CA VAL C 7 -19.31 -55.84 -10.16
C VAL C 7 -18.26 -55.15 -9.28
N ASP C 8 -17.13 -54.82 -9.87
CA ASP C 8 -16.03 -54.15 -9.17
C ASP C 8 -16.35 -52.68 -8.96
N VAL C 9 -16.63 -51.99 -10.06
CA VAL C 9 -16.99 -50.57 -10.01
C VAL C 9 -18.37 -50.35 -10.60
N LEU C 10 -19.24 -49.70 -9.83
CA LEU C 10 -20.61 -49.42 -10.28
C LEU C 10 -20.78 -47.92 -10.42
N VAL C 11 -21.40 -47.50 -11.52
CA VAL C 11 -21.60 -46.09 -11.82
C VAL C 11 -23.09 -45.76 -11.77
N ILE C 12 -23.46 -44.82 -10.91
CA ILE C 12 -24.85 -44.38 -10.87
C ILE C 12 -25.03 -43.09 -11.66
N GLY C 13 -25.91 -43.13 -12.66
CA GLY C 13 -26.17 -41.96 -13.49
C GLY C 13 -25.46 -41.94 -14.83
N ALA C 14 -26.15 -41.48 -15.87
CA ALA C 14 -25.60 -41.46 -17.22
C ALA C 14 -25.57 -40.06 -17.84
N GLY C 15 -25.37 -39.05 -17.01
CA GLY C 15 -25.06 -37.72 -17.51
C GLY C 15 -23.60 -37.73 -17.92
N PRO C 16 -23.05 -36.58 -18.32
CA PRO C 16 -21.65 -36.59 -18.73
C PRO C 16 -20.71 -37.23 -17.71
N THR C 17 -20.92 -36.97 -16.42
CA THR C 17 -20.04 -37.53 -15.38
C THR C 17 -19.99 -39.06 -15.41
N GLY C 18 -21.14 -39.71 -15.23
CA GLY C 18 -21.23 -41.15 -15.30
C GLY C 18 -20.72 -41.71 -16.61
N LEU C 19 -21.04 -41.05 -17.71
CA LEU C 19 -20.55 -41.46 -19.03
C LEU C 19 -19.04 -41.34 -19.11
N GLY C 20 -18.48 -40.36 -18.40
CA GLY C 20 -17.05 -40.18 -18.35
C GLY C 20 -16.38 -41.32 -17.61
N ALA C 21 -17.01 -41.79 -16.55
CA ALA C 21 -16.51 -42.92 -15.78
C ALA C 21 -16.60 -44.19 -16.63
N ALA C 22 -17.71 -44.32 -17.34
CA ALA C 22 -17.97 -45.49 -18.15
C ALA C 22 -16.97 -45.60 -19.29
N LYS C 23 -16.70 -44.47 -19.93
CA LYS C 23 -15.77 -44.45 -21.05
C LYS C 23 -14.39 -44.90 -20.61
N ARG C 24 -13.89 -44.35 -19.51
CA ARG C 24 -12.56 -44.72 -19.03
C ARG C 24 -12.53 -46.18 -18.58
N LEU C 25 -13.58 -46.64 -17.92
CA LEU C 25 -13.66 -48.05 -17.52
C LEU C 25 -13.63 -48.93 -18.74
N ASN C 26 -14.42 -48.57 -19.75
CA ASN C 26 -14.49 -49.36 -20.96
C ASN C 26 -13.15 -49.35 -21.70
N GLN C 27 -12.39 -48.26 -21.54
CA GLN C 27 -11.05 -48.14 -22.11
C GLN C 27 -10.04 -48.98 -21.35
N ILE C 28 -10.05 -48.90 -20.02
CA ILE C 28 -9.18 -49.72 -19.17
C ILE C 28 -9.47 -51.21 -19.36
N ASP C 29 -10.74 -51.54 -19.52
CA ASP C 29 -11.16 -52.92 -19.77
C ASP C 29 -10.62 -53.93 -18.75
N GLY C 30 -10.43 -53.48 -17.51
CA GLY C 30 -9.90 -54.34 -16.47
C GLY C 30 -10.97 -54.85 -15.53
N PRO C 31 -11.22 -54.09 -14.45
CA PRO C 31 -12.29 -54.39 -13.50
C PRO C 31 -13.66 -54.44 -14.17
N SER C 32 -14.52 -55.33 -13.71
CA SER C 32 -15.89 -55.39 -14.21
C SER C 32 -16.61 -54.11 -13.80
N TRP C 33 -17.58 -53.70 -14.59
CA TRP C 33 -18.32 -52.48 -14.25
C TRP C 33 -19.73 -52.47 -14.83
N MET C 34 -20.56 -51.59 -14.31
CA MET C 34 -21.92 -51.43 -14.79
C MET C 34 -22.37 -49.98 -14.65
N ILE C 35 -23.21 -49.52 -15.57
CA ILE C 35 -23.75 -48.18 -15.44
C ILE C 35 -25.28 -48.17 -15.55
N VAL C 36 -25.91 -47.71 -14.48
CA VAL C 36 -27.37 -47.67 -14.37
C VAL C 36 -27.84 -46.22 -14.39
N ASP C 37 -28.98 -45.98 -15.03
CA ASP C 37 -29.59 -44.65 -15.03
C ASP C 37 -31.11 -44.77 -15.11
N SER C 38 -31.80 -44.01 -14.28
CA SER C 38 -33.27 -44.10 -14.20
C SER C 38 -33.97 -43.57 -15.45
N ASN C 39 -33.20 -43.07 -16.40
CA ASN C 39 -33.77 -42.49 -17.61
C ASN C 39 -33.41 -43.30 -18.85
N GLU C 40 -34.43 -43.59 -19.67
CA GLU C 40 -34.22 -44.41 -20.87
C GLU C 40 -33.12 -43.85 -21.75
N THR C 41 -32.91 -42.53 -21.70
CA THR C 41 -31.99 -41.85 -22.60
C THR C 41 -30.87 -41.07 -21.89
N PRO C 42 -29.61 -41.49 -22.13
CA PRO C 42 -28.41 -40.91 -21.54
C PRO C 42 -28.22 -39.43 -21.88
N GLY C 43 -27.58 -38.70 -20.97
CA GLY C 43 -27.33 -37.28 -21.18
C GLY C 43 -27.66 -36.42 -19.97
N GLY C 44 -28.59 -36.89 -19.15
CA GLY C 44 -28.98 -36.16 -17.95
C GLY C 44 -29.38 -34.73 -18.24
N LEU C 45 -28.77 -33.80 -17.52
CA LEU C 45 -29.07 -32.38 -17.69
C LEU C 45 -28.40 -31.80 -18.93
N ALA C 46 -27.78 -32.66 -19.73
CA ALA C 46 -27.21 -32.25 -21.00
C ALA C 46 -27.98 -32.90 -22.13
N SER C 47 -29.23 -33.25 -21.85
CA SER C 47 -30.13 -33.84 -22.83
C SER C 47 -30.82 -32.78 -23.69
N THR C 48 -31.67 -33.23 -24.61
CA THR C 48 -32.44 -32.34 -25.48
C THR C 48 -33.89 -32.77 -25.58
N ASP C 49 -34.81 -31.80 -25.61
CA ASP C 49 -36.22 -32.10 -25.77
C ASP C 49 -36.76 -31.59 -27.10
N VAL C 50 -37.87 -32.17 -27.55
CA VAL C 50 -38.50 -31.72 -28.78
C VAL C 50 -39.99 -31.44 -28.56
N THR C 51 -40.44 -30.28 -29.04
CA THR C 51 -41.86 -29.94 -28.99
C THR C 51 -42.58 -30.77 -30.04
N PRO C 52 -43.89 -31.00 -29.84
CA PRO C 52 -44.70 -31.69 -30.84
C PRO C 52 -44.66 -30.98 -32.18
N GLU C 53 -44.23 -29.72 -32.18
CA GLU C 53 -44.13 -28.94 -33.41
C GLU C 53 -42.78 -29.13 -34.08
N GLY C 54 -41.84 -29.77 -33.39
CA GLY C 54 -40.55 -30.11 -33.98
C GLY C 54 -39.41 -29.16 -33.65
N PHE C 55 -39.52 -28.43 -32.55
CA PHE C 55 -38.44 -27.54 -32.11
C PHE C 55 -37.55 -28.19 -31.06
N LEU C 56 -36.24 -28.12 -31.27
CA LEU C 56 -35.27 -28.69 -30.33
C LEU C 56 -34.88 -27.67 -29.27
N TYR C 57 -34.82 -28.13 -28.03
CA TYR C 57 -34.32 -27.27 -26.95
C TYR C 57 -33.40 -28.04 -26.00
N ASP C 58 -32.17 -27.53 -25.82
CA ASP C 58 -31.26 -28.06 -24.82
C ASP C 58 -31.76 -27.70 -23.43
N VAL C 59 -31.03 -28.09 -22.40
CA VAL C 59 -31.40 -27.69 -21.04
C VAL C 59 -30.83 -26.32 -20.73
N GLY C 60 -31.39 -25.30 -21.36
CA GLY C 60 -30.92 -23.94 -21.19
C GLY C 60 -29.88 -23.56 -22.22
N GLY C 61 -29.71 -24.41 -23.22
CA GLY C 61 -28.69 -24.20 -24.24
C GLY C 61 -27.32 -24.47 -23.68
N HIS C 62 -26.58 -25.37 -24.33
CA HIS C 62 -25.28 -25.76 -23.81
C HIS C 62 -24.17 -25.61 -24.85
N VAL C 63 -23.51 -24.46 -24.82
CA VAL C 63 -22.31 -24.26 -25.61
C VAL C 63 -21.20 -25.09 -24.97
N ILE C 64 -20.25 -25.53 -25.78
CA ILE C 64 -19.16 -26.34 -25.28
C ILE C 64 -17.83 -25.61 -25.47
N PHE C 65 -16.83 -26.08 -24.73
CA PHE C 65 -15.49 -25.57 -24.86
C PHE C 65 -14.59 -26.40 -23.94
N SER C 66 -13.66 -27.14 -24.52
CA SER C 66 -12.97 -28.19 -23.78
C SER C 66 -11.62 -27.79 -23.21
N HIS C 67 -11.38 -28.19 -21.97
CA HIS C 67 -10.08 -28.02 -21.34
C HIS C 67 -9.27 -29.32 -21.37
N TYR C 68 -9.86 -30.38 -21.89
CA TYR C 68 -9.19 -31.67 -21.93
C TYR C 68 -9.17 -32.28 -23.32
N LYS C 69 -8.02 -32.80 -23.72
CA LYS C 69 -7.94 -33.54 -24.97
C LYS C 69 -8.73 -34.85 -24.90
N TYR C 70 -8.85 -35.42 -23.70
CA TYR C 70 -9.59 -36.67 -23.55
C TYR C 70 -11.03 -36.47 -24.00
N PHE C 71 -11.64 -35.40 -23.50
CA PHE C 71 -13.00 -35.01 -23.85
C PHE C 71 -13.15 -34.85 -25.36
N ASP C 72 -12.25 -34.12 -25.99
CA ASP C 72 -12.26 -33.97 -27.43
C ASP C 72 -12.13 -35.31 -28.17
N ASP C 73 -11.40 -36.25 -27.58
CA ASP C 73 -11.23 -37.56 -28.20
C ASP C 73 -12.55 -38.30 -28.25
N CYS C 74 -13.26 -38.31 -27.13
CA CYS C 74 -14.52 -39.04 -27.05
C CYS C 74 -15.56 -38.46 -27.98
N LEU C 75 -15.56 -37.14 -28.13
CA LEU C 75 -16.50 -36.49 -29.03
C LEU C 75 -16.25 -36.86 -30.49
N ASP C 76 -14.99 -36.87 -30.89
CA ASP C 76 -14.64 -37.21 -32.27
C ASP C 76 -14.88 -38.68 -32.57
N GLU C 77 -14.94 -39.51 -31.53
CA GLU C 77 -15.26 -40.91 -31.76
C GLU C 77 -16.77 -41.10 -31.88
N ALA C 78 -17.53 -40.31 -31.12
CA ALA C 78 -18.99 -40.38 -31.17
C ALA C 78 -19.52 -39.81 -32.48
N LEU C 79 -19.02 -38.63 -32.83
CA LEU C 79 -19.41 -37.94 -34.05
C LEU C 79 -18.17 -37.72 -34.91
N PRO C 80 -17.77 -38.77 -35.64
CA PRO C 80 -16.54 -38.74 -36.45
C PRO C 80 -16.73 -37.92 -37.71
N LYS C 81 -17.83 -38.12 -38.41
CA LYS C 81 -18.12 -37.37 -39.63
C LYS C 81 -17.83 -35.89 -39.39
N GLU C 82 -17.40 -35.19 -40.42
CA GLU C 82 -17.09 -33.78 -40.26
C GLU C 82 -18.31 -32.88 -40.43
N ASP C 83 -19.32 -33.39 -41.12
CA ASP C 83 -20.57 -32.65 -41.29
C ASP C 83 -21.47 -32.87 -40.08
N ASP C 84 -20.93 -33.51 -39.05
CA ASP C 84 -21.66 -33.72 -37.81
C ASP C 84 -21.52 -32.50 -36.91
N TRP C 85 -20.64 -31.59 -37.28
CA TRP C 85 -20.34 -30.44 -36.42
C TRP C 85 -20.46 -29.10 -37.12
N TYR C 86 -20.84 -28.08 -36.35
CA TYR C 86 -20.82 -26.70 -36.82
C TYR C 86 -19.84 -25.89 -35.97
N THR C 87 -18.93 -25.18 -36.63
CA THR C 87 -17.97 -24.34 -35.93
C THR C 87 -18.46 -22.90 -35.87
N HIS C 88 -18.68 -22.39 -34.66
CA HIS C 88 -19.20 -21.04 -34.46
C HIS C 88 -18.22 -20.12 -33.72
N GLN C 89 -18.53 -18.83 -33.72
CA GLN C 89 -17.77 -17.84 -32.98
C GLN C 89 -18.71 -17.20 -31.94
N ARG C 90 -18.16 -16.86 -30.78
CA ARG C 90 -19.01 -16.40 -29.67
C ARG C 90 -19.46 -14.94 -29.78
N ILE C 91 -20.63 -14.75 -30.38
CA ILE C 91 -21.26 -13.45 -30.42
C ILE C 91 -22.08 -13.28 -29.15
N SER C 92 -21.46 -12.74 -28.10
CA SER C 92 -22.12 -12.58 -26.81
C SER C 92 -22.34 -11.11 -26.44
N TYR C 93 -23.57 -10.79 -26.07
CA TYR C 93 -23.95 -9.41 -25.73
C TYR C 93 -24.68 -9.32 -24.40
N VAL C 94 -24.56 -8.17 -23.75
CA VAL C 94 -25.28 -7.88 -22.52
C VAL C 94 -26.30 -6.77 -22.75
N ARG C 95 -27.54 -6.99 -22.30
CA ARG C 95 -28.59 -6.00 -22.49
C ARG C 95 -28.57 -4.99 -21.35
N CYS C 96 -28.35 -3.72 -21.70
CA CYS C 96 -28.30 -2.66 -20.71
C CYS C 96 -28.68 -1.30 -21.28
N GLN C 97 -29.56 -0.60 -20.55
CA GLN C 97 -29.94 0.76 -20.93
C GLN C 97 -30.37 0.85 -22.39
N GLY C 98 -31.03 -0.20 -22.88
CA GLY C 98 -31.53 -0.21 -24.24
C GLY C 98 -30.47 -0.48 -25.29
N GLN C 99 -29.28 -0.89 -24.86
CA GLN C 99 -28.20 -1.23 -25.78
C GLN C 99 -27.80 -2.69 -25.67
N TRP C 100 -27.00 -3.14 -26.64
CA TRP C 100 -26.39 -4.45 -26.61
C TRP C 100 -24.89 -4.31 -26.37
N VAL C 101 -24.51 -4.20 -25.10
CA VAL C 101 -23.11 -4.14 -24.74
C VAL C 101 -22.45 -5.48 -25.06
N PRO C 102 -21.40 -5.46 -25.89
CA PRO C 102 -20.62 -6.66 -26.18
C PRO C 102 -19.96 -7.23 -24.94
N TYR C 103 -20.18 -8.52 -24.68
CA TYR C 103 -19.56 -9.25 -23.58
C TYR C 103 -18.06 -9.41 -23.85
N PRO C 104 -17.24 -9.35 -22.78
CA PRO C 104 -17.67 -9.08 -21.41
C PRO C 104 -18.03 -7.61 -21.15
N PHE C 105 -19.06 -7.40 -20.35
CA PHE C 105 -19.56 -6.07 -20.03
C PHE C 105 -18.46 -5.13 -19.55
N GLN C 106 -17.78 -5.52 -18.49
CA GLN C 106 -16.79 -4.68 -17.82
C GLN C 106 -15.61 -4.28 -18.71
N ASN C 107 -15.64 -4.72 -19.96
CA ASN C 107 -14.56 -4.41 -20.90
C ASN C 107 -15.02 -3.48 -22.01
N ASN C 108 -16.32 -3.23 -22.05
CA ASN C 108 -16.93 -2.46 -23.14
C ASN C 108 -17.74 -1.27 -22.65
N ILE C 109 -17.33 -0.69 -21.52
CA ILE C 109 -18.04 0.45 -20.93
C ILE C 109 -18.32 1.52 -21.99
N SER C 110 -17.49 1.56 -23.03
CA SER C 110 -17.62 2.51 -24.12
C SER C 110 -19.01 2.54 -24.77
N MET C 111 -19.79 1.49 -24.57
CA MET C 111 -21.07 1.35 -25.26
C MET C 111 -22.25 1.98 -24.53
N LEU C 112 -22.06 2.28 -23.24
CA LEU C 112 -23.14 2.77 -22.40
C LEU C 112 -23.44 4.25 -22.61
N PRO C 113 -24.49 4.77 -21.95
CA PRO C 113 -24.71 6.22 -21.90
C PRO C 113 -23.52 6.91 -21.23
N LYS C 114 -23.18 8.10 -21.68
CA LYS C 114 -22.04 8.83 -21.11
C LYS C 114 -22.18 9.00 -19.60
N GLU C 115 -23.41 9.21 -19.14
CA GLU C 115 -23.66 9.40 -17.72
C GLU C 115 -23.28 8.16 -16.90
N GLU C 116 -23.54 6.98 -17.46
CA GLU C 116 -23.24 5.74 -16.77
C GLU C 116 -21.75 5.37 -16.87
N GLN C 117 -21.14 5.70 -18.00
CA GLN C 117 -19.72 5.43 -18.20
C GLN C 117 -18.93 6.06 -17.08
N VAL C 118 -19.33 7.27 -16.69
CA VAL C 118 -18.65 8.00 -15.64
C VAL C 118 -18.74 7.32 -14.28
N LYS C 119 -19.90 6.74 -13.98
CA LYS C 119 -20.07 5.99 -12.74
C LYS C 119 -19.17 4.76 -12.72
N CYS C 120 -19.08 4.08 -13.87
CA CYS C 120 -18.29 2.86 -13.99
C CYS C 120 -16.79 3.11 -13.88
N ILE C 121 -16.32 4.14 -14.57
CA ILE C 121 -14.90 4.44 -14.58
C ILE C 121 -14.41 4.88 -13.20
N ASP C 122 -15.24 5.63 -12.49
CA ASP C 122 -14.93 6.05 -11.13
C ASP C 122 -14.71 4.85 -10.21
N GLY C 123 -15.61 3.87 -10.28
CA GLY C 123 -15.49 2.67 -9.48
C GLY C 123 -14.25 1.86 -9.83
N MET C 124 -13.93 1.80 -11.13
CA MET C 124 -12.77 1.05 -11.59
C MET C 124 -11.47 1.71 -11.16
N ILE C 125 -11.49 3.03 -11.08
CA ILE C 125 -10.35 3.77 -10.57
C ILE C 125 -10.19 3.49 -9.08
N ASP C 126 -11.24 3.73 -8.31
CA ASP C 126 -11.22 3.46 -6.88
C ASP C 126 -10.83 2.01 -6.62
N ALA C 127 -11.10 1.14 -7.58
CA ALA C 127 -10.81 -0.28 -7.43
C ALA C 127 -9.37 -0.58 -7.83
N ALA C 128 -8.93 0.03 -8.92
CA ALA C 128 -7.56 -0.15 -9.42
C ALA C 128 -6.53 0.34 -8.41
N LEU C 129 -6.83 1.45 -7.74
CA LEU C 129 -5.94 1.99 -6.72
C LEU C 129 -5.94 1.12 -5.45
N GLU C 130 -7.13 0.66 -5.05
CA GLU C 130 -7.25 -0.19 -3.86
C GLU C 130 -6.60 -1.56 -4.06
N ALA C 131 -6.41 -1.95 -5.31
CA ALA C 131 -5.90 -3.28 -5.62
C ALA C 131 -4.39 -3.27 -5.76
N ARG C 132 -3.83 -2.08 -5.88
CA ARG C 132 -2.39 -1.91 -5.98
C ARG C 132 -1.78 -2.22 -4.62
N VAL C 133 -2.64 -2.23 -3.60
CA VAL C 133 -2.22 -2.26 -2.20
C VAL C 133 -2.78 -3.46 -1.44
N ALA C 134 -3.73 -4.15 -2.06
CA ALA C 134 -4.41 -5.27 -1.43
C ALA C 134 -3.44 -6.37 -1.00
N ASN C 135 -3.51 -6.76 0.26
CA ASN C 135 -2.71 -7.87 0.77
C ASN C 135 -3.61 -8.98 1.30
N THR C 136 -4.88 -8.64 1.55
CA THR C 136 -5.85 -9.62 2.03
C THR C 136 -6.52 -10.33 0.87
N LYS C 137 -7.53 -11.14 1.17
CA LYS C 137 -8.26 -11.86 0.14
C LYS C 137 -9.76 -11.80 0.40
N PRO C 138 -10.56 -11.59 -0.64
CA PRO C 138 -12.01 -11.34 -0.54
C PRO C 138 -12.77 -12.44 0.21
N LYS C 139 -13.64 -12.01 1.12
CA LYS C 139 -14.43 -12.93 1.92
C LYS C 139 -15.65 -13.44 1.14
N THR C 140 -16.43 -12.51 0.59
CA THR C 140 -17.62 -12.89 -0.16
C THR C 140 -17.45 -12.60 -1.64
N PHE C 141 -18.43 -13.05 -2.42
CA PHE C 141 -18.47 -12.76 -3.84
C PHE C 141 -18.63 -11.26 -4.03
N ASP C 142 -19.48 -10.66 -3.20
CA ASP C 142 -19.70 -9.22 -3.24
C ASP C 142 -18.38 -8.46 -3.18
N GLU C 143 -17.64 -8.64 -2.08
CA GLU C 143 -16.36 -7.97 -1.90
C GLU C 143 -15.49 -8.17 -3.13
N TRP C 144 -15.48 -9.39 -3.66
CA TRP C 144 -14.67 -9.70 -4.83
C TRP C 144 -15.04 -8.74 -5.96
N ILE C 145 -16.33 -8.67 -6.26
CA ILE C 145 -16.83 -7.83 -7.33
C ILE C 145 -16.42 -6.37 -7.16
N VAL C 146 -16.60 -5.85 -5.95
CA VAL C 146 -16.25 -4.47 -5.65
C VAL C 146 -14.77 -4.20 -5.82
N ARG C 147 -13.94 -5.15 -5.38
CA ARG C 147 -12.49 -5.01 -5.51
C ARG C 147 -12.03 -5.03 -6.96
N MET C 148 -12.77 -5.75 -7.81
CA MET C 148 -12.30 -5.96 -9.18
C MET C 148 -12.94 -5.04 -10.22
N MET C 149 -14.12 -4.51 -9.91
CA MET C 149 -14.85 -3.69 -10.88
C MET C 149 -15.33 -2.38 -10.30
N GLY C 150 -15.37 -2.29 -8.98
CA GLY C 150 -15.79 -1.06 -8.32
C GLY C 150 -17.29 -0.93 -8.24
N THR C 151 -17.76 -0.19 -7.25
CA THR C 151 -19.18 -0.04 -6.98
C THR C 151 -19.98 0.29 -8.23
N GLY C 152 -19.38 1.06 -9.13
CA GLY C 152 -20.05 1.43 -10.37
C GLY C 152 -20.67 0.25 -11.09
N ILE C 153 -19.82 -0.54 -11.75
CA ILE C 153 -20.27 -1.74 -12.44
C ILE C 153 -20.99 -2.70 -11.50
N ALA C 154 -20.60 -2.68 -10.23
CA ALA C 154 -21.20 -3.57 -9.24
C ALA C 154 -22.70 -3.38 -9.17
N ASP C 155 -23.13 -2.12 -9.06
CA ASP C 155 -24.54 -1.77 -8.95
C ASP C 155 -25.25 -1.86 -10.29
N LEU C 156 -24.50 -1.54 -11.35
CA LEU C 156 -25.08 -1.43 -12.69
C LEU C 156 -25.31 -2.77 -13.38
N PHE C 157 -24.52 -3.78 -13.05
CA PHE C 157 -24.63 -5.07 -13.73
C PHE C 157 -24.43 -6.30 -12.84
N MET C 158 -23.30 -6.36 -12.17
CA MET C 158 -22.91 -7.56 -11.43
C MET C 158 -23.88 -7.96 -10.32
N ARG C 159 -24.19 -7.03 -9.43
CA ARG C 159 -25.10 -7.34 -8.34
C ARG C 159 -26.47 -7.82 -8.83
N PRO C 160 -27.15 -7.01 -9.66
CA PRO C 160 -28.53 -7.34 -10.06
C PRO C 160 -28.60 -8.63 -10.88
N TYR C 161 -27.65 -8.83 -11.78
CA TYR C 161 -27.58 -10.06 -12.54
C TYR C 161 -27.36 -11.30 -11.66
N ASN C 162 -26.28 -11.30 -10.88
CA ASN C 162 -25.97 -12.46 -10.06
C ASN C 162 -27.13 -12.92 -9.19
N PHE C 163 -27.94 -11.99 -8.71
CA PHE C 163 -29.13 -12.39 -7.98
C PHE C 163 -30.13 -13.02 -8.93
N LYS C 164 -30.19 -12.47 -10.14
CA LYS C 164 -31.15 -12.91 -11.15
C LYS C 164 -30.81 -14.30 -11.69
N VAL C 165 -29.55 -14.69 -11.59
CA VAL C 165 -29.12 -16.02 -12.01
C VAL C 165 -29.08 -17.04 -10.86
N TRP C 166 -28.45 -16.67 -9.74
CA TRP C 166 -28.27 -17.57 -8.61
C TRP C 166 -29.49 -17.63 -7.68
N ALA C 167 -30.36 -16.63 -7.78
CA ALA C 167 -31.53 -16.52 -6.91
C ALA C 167 -31.14 -16.34 -5.43
N VAL C 168 -29.93 -15.84 -5.21
CA VAL C 168 -29.48 -15.44 -3.89
C VAL C 168 -28.55 -14.23 -4.03
N PRO C 169 -28.50 -13.38 -2.99
CA PRO C 169 -27.65 -12.19 -3.02
C PRO C 169 -26.16 -12.53 -3.11
N THR C 170 -25.39 -11.63 -3.69
CA THR C 170 -23.94 -11.81 -3.86
C THR C 170 -23.21 -11.84 -2.52
N THR C 171 -23.82 -11.27 -1.49
CA THR C 171 -23.18 -11.14 -0.19
C THR C 171 -23.19 -12.47 0.58
N LYS C 172 -23.81 -13.49 0.00
CA LYS C 172 -23.92 -14.78 0.65
C LYS C 172 -23.13 -15.86 -0.10
N MET C 173 -22.49 -15.47 -1.21
CA MET C 173 -21.69 -16.39 -1.99
C MET C 173 -20.19 -16.22 -1.73
N GLN C 174 -19.44 -17.32 -1.79
CA GLN C 174 -17.99 -17.26 -1.70
C GLN C 174 -17.44 -16.80 -3.04
N CYS C 175 -16.12 -16.66 -3.15
CA CYS C 175 -15.51 -16.14 -4.37
C CYS C 175 -14.40 -17.02 -4.93
N ALA C 176 -14.08 -18.10 -4.24
CA ALA C 176 -13.01 -18.98 -4.67
C ALA C 176 -13.43 -19.85 -5.86
N TRP C 177 -14.45 -19.41 -6.58
CA TRP C 177 -15.05 -20.23 -7.62
C TRP C 177 -14.96 -19.62 -9.01
N LEU C 178 -14.79 -18.31 -9.08
CA LEU C 178 -14.92 -17.59 -10.35
C LEU C 178 -13.62 -17.47 -11.14
N GLY C 179 -12.71 -18.41 -10.94
CA GLY C 179 -11.46 -18.42 -11.68
C GLY C 179 -11.58 -17.91 -13.10
N GLU C 180 -12.15 -18.73 -13.98
CA GLU C 180 -12.30 -18.36 -15.38
C GLU C 180 -13.76 -18.07 -15.75
N LYS C 181 -14.52 -17.55 -14.79
CA LYS C 181 -15.92 -17.26 -15.02
C LYS C 181 -16.15 -15.76 -15.19
N VAL C 182 -15.77 -15.00 -14.16
CA VAL C 182 -15.95 -13.55 -14.16
C VAL C 182 -14.66 -12.81 -14.47
N ALA C 183 -14.67 -11.99 -15.51
CA ALA C 183 -13.47 -11.29 -15.98
C ALA C 183 -13.15 -10.05 -15.16
N ALA C 184 -11.94 -10.00 -14.61
CA ALA C 184 -11.47 -8.83 -13.88
C ALA C 184 -10.90 -7.81 -14.85
N PRO C 185 -11.48 -6.60 -14.89
CA PRO C 185 -11.13 -5.56 -15.86
C PRO C 185 -9.81 -4.83 -15.58
N ASN C 186 -9.18 -4.38 -16.66
CA ASN C 186 -7.88 -3.71 -16.60
C ASN C 186 -7.97 -2.23 -16.96
N LEU C 187 -7.82 -1.36 -15.96
CA LEU C 187 -8.07 0.06 -16.10
C LEU C 187 -7.43 0.75 -17.31
N LYS C 188 -6.23 0.34 -17.68
CA LYS C 188 -5.58 0.92 -18.83
C LYS C 188 -6.34 0.55 -20.09
N ALA C 189 -6.72 -0.72 -20.18
CA ALA C 189 -7.44 -1.23 -21.35
C ALA C 189 -8.82 -0.60 -21.49
N VAL C 190 -9.58 -0.62 -20.40
CA VAL C 190 -10.96 -0.14 -20.40
C VAL C 190 -11.07 1.32 -20.81
N THR C 191 -10.22 2.18 -20.25
CA THR C 191 -10.28 3.61 -20.55
C THR C 191 -9.84 3.91 -21.97
N THR C 192 -8.92 3.10 -22.51
CA THR C 192 -8.46 3.31 -23.87
C THR C 192 -9.59 3.04 -24.86
N ASN C 193 -10.37 1.99 -24.60
CA ASN C 193 -11.55 1.69 -25.41
C ASN C 193 -12.59 2.79 -25.35
N VAL C 194 -12.87 3.26 -24.13
CA VAL C 194 -13.86 4.32 -23.93
C VAL C 194 -13.52 5.54 -24.75
N ILE C 195 -12.22 5.84 -24.82
CA ILE C 195 -11.74 7.00 -25.57
C ILE C 195 -11.87 6.79 -27.07
N LEU C 196 -11.42 5.64 -27.56
CA LEU C 196 -11.44 5.35 -28.99
C LEU C 196 -12.81 4.90 -29.50
N GLY C 197 -13.47 4.03 -28.75
CA GLY C 197 -14.75 3.47 -29.18
C GLY C 197 -14.60 2.05 -29.70
N LYS C 198 -13.54 1.38 -29.29
CA LYS C 198 -13.29 0.01 -29.73
C LYS C 198 -14.03 -1.00 -28.86
N THR C 199 -13.92 -2.28 -29.21
CA THR C 199 -14.62 -3.34 -28.50
C THR C 199 -13.68 -4.44 -28.00
N ALA C 200 -14.04 -5.06 -26.87
CA ALA C 200 -13.26 -6.15 -26.30
C ALA C 200 -14.17 -7.31 -25.90
N GLY C 201 -14.32 -8.27 -26.81
CA GLY C 201 -15.19 -9.41 -26.58
C GLY C 201 -14.58 -10.75 -26.94
N ASN C 202 -13.26 -10.81 -27.03
CA ASN C 202 -12.56 -12.07 -27.27
C ASN C 202 -12.38 -12.86 -25.97
N TRP C 203 -12.52 -12.14 -24.85
CA TRP C 203 -12.26 -12.72 -23.54
C TRP C 203 -12.94 -14.06 -23.32
N GLY C 204 -12.31 -14.90 -22.50
CA GLY C 204 -12.92 -16.13 -22.07
C GLY C 204 -12.69 -17.33 -22.97
N PRO C 205 -12.98 -18.51 -22.43
CA PRO C 205 -12.93 -19.82 -23.08
C PRO C 205 -13.84 -19.91 -24.31
N ASN C 206 -15.00 -19.28 -24.21
CA ASN C 206 -16.08 -19.50 -25.17
C ASN C 206 -15.87 -18.92 -26.57
N ALA C 207 -14.80 -18.14 -26.74
CA ALA C 207 -14.52 -17.44 -28.00
C ALA C 207 -14.94 -18.19 -29.28
N THR C 208 -14.25 -19.27 -29.59
CA THR C 208 -14.63 -20.13 -30.72
C THR C 208 -15.11 -21.49 -30.21
N PHE C 209 -16.07 -22.08 -30.91
CA PHE C 209 -16.67 -23.33 -30.45
C PHE C 209 -17.40 -24.11 -31.53
N ARG C 210 -17.69 -25.37 -31.22
CA ARG C 210 -18.41 -26.25 -32.15
C ARG C 210 -19.70 -26.74 -31.51
N PHE C 211 -20.69 -27.03 -32.35
CA PHE C 211 -21.99 -27.48 -31.89
C PHE C 211 -22.47 -28.57 -32.84
N PRO C 212 -23.09 -29.63 -32.29
CA PRO C 212 -23.52 -30.76 -33.11
C PRO C 212 -24.64 -30.40 -34.09
N ALA C 213 -24.49 -30.85 -35.33
CA ALA C 213 -25.46 -30.55 -36.38
C ALA C 213 -26.87 -31.05 -36.07
N ARG C 214 -26.99 -32.19 -35.40
CA ARG C 214 -28.30 -32.78 -35.15
C ARG C 214 -28.48 -33.33 -33.73
N GLY C 215 -29.68 -33.14 -33.18
CA GLY C 215 -30.02 -33.64 -31.86
C GLY C 215 -29.59 -32.76 -30.70
N GLY C 216 -29.00 -31.61 -31.01
CA GLY C 216 -28.47 -30.73 -29.97
C GLY C 216 -27.33 -31.38 -29.22
N THR C 217 -27.07 -30.94 -27.99
CA THR C 217 -26.03 -31.56 -27.19
C THR C 217 -26.47 -32.95 -26.75
N GLY C 218 -27.75 -33.11 -26.47
CA GLY C 218 -28.30 -34.38 -26.08
C GLY C 218 -27.94 -35.48 -27.06
N GLY C 219 -27.74 -35.10 -28.31
CA GLY C 219 -27.37 -36.07 -29.34
C GLY C 219 -25.95 -36.56 -29.15
N ILE C 220 -25.09 -35.67 -28.67
CA ILE C 220 -23.70 -36.01 -28.37
C ILE C 220 -23.66 -37.16 -27.35
N TRP C 221 -24.36 -37.01 -26.25
CA TRP C 221 -24.30 -37.98 -25.17
C TRP C 221 -25.02 -39.28 -25.50
N ILE C 222 -25.78 -39.28 -26.59
CA ILE C 222 -26.37 -40.50 -27.09
C ILE C 222 -25.33 -41.23 -27.95
N ALA C 223 -24.57 -40.47 -28.73
CA ALA C 223 -23.51 -41.03 -29.54
C ALA C 223 -22.40 -41.61 -28.66
N VAL C 224 -22.04 -40.88 -27.60
CA VAL C 224 -21.01 -41.36 -26.68
C VAL C 224 -21.50 -42.62 -25.96
N ALA C 225 -22.78 -42.64 -25.59
CA ALA C 225 -23.34 -43.82 -24.94
C ALA C 225 -23.38 -45.05 -25.87
N ASN C 226 -23.46 -44.82 -27.17
CA ASN C 226 -23.54 -45.93 -28.12
C ASN C 226 -22.22 -46.64 -28.36
N THR C 227 -21.11 -46.00 -28.00
CA THR C 227 -19.78 -46.63 -28.14
C THR C 227 -19.47 -47.51 -26.93
N LEU C 228 -20.38 -47.57 -25.97
CA LEU C 228 -20.24 -48.46 -24.83
C LEU C 228 -20.92 -49.79 -25.16
N PRO C 229 -20.56 -50.85 -24.43
CA PRO C 229 -21.23 -52.14 -24.55
C PRO C 229 -22.63 -52.09 -23.92
N LYS C 230 -23.66 -52.36 -24.72
CA LYS C 230 -25.04 -52.28 -24.25
C LYS C 230 -25.25 -53.05 -22.97
N GLU C 231 -24.69 -54.26 -22.93
CA GLU C 231 -24.95 -55.20 -21.85
C GLU C 231 -24.46 -54.70 -20.48
N LYS C 232 -23.66 -53.65 -20.48
CA LYS C 232 -23.14 -53.11 -19.22
C LYS C 232 -23.90 -51.87 -18.76
N THR C 233 -24.97 -51.56 -19.47
CA THR C 233 -25.80 -50.41 -19.13
C THR C 233 -27.24 -50.81 -18.83
N ARG C 234 -27.87 -50.05 -17.94
CA ARG C 234 -29.29 -50.21 -17.68
C ARG C 234 -29.96 -48.85 -17.65
N PHE C 235 -30.58 -48.48 -18.75
CA PHE C 235 -31.22 -47.17 -18.87
C PHE C 235 -32.74 -47.32 -18.93
N GLY C 236 -33.42 -46.59 -18.06
CA GLY C 236 -34.86 -46.69 -17.92
C GLY C 236 -35.22 -46.91 -16.46
N GLU C 237 -36.50 -47.10 -16.17
CA GLU C 237 -36.90 -47.29 -14.78
C GLU C 237 -36.48 -48.65 -14.25
N LYS C 238 -35.86 -49.46 -15.10
CA LYS C 238 -35.20 -50.68 -14.66
C LYS C 238 -33.82 -50.32 -14.12
N GLY C 239 -33.48 -49.04 -14.15
CA GLY C 239 -32.15 -48.60 -13.77
C GLY C 239 -32.12 -47.55 -12.67
N LYS C 240 -33.29 -47.22 -12.13
CA LYS C 240 -33.36 -46.25 -11.05
C LYS C 240 -32.90 -46.86 -9.73
N VAL C 241 -32.01 -46.16 -9.05
CA VAL C 241 -31.48 -46.63 -7.78
C VAL C 241 -32.36 -46.17 -6.63
N THR C 242 -32.96 -47.13 -5.93
CA THR C 242 -33.90 -46.78 -4.88
C THR C 242 -33.31 -46.90 -3.48
N LYS C 243 -32.23 -47.66 -3.36
CA LYS C 243 -31.63 -47.88 -2.05
C LYS C 243 -30.13 -48.15 -2.16
N VAL C 244 -29.36 -47.50 -1.29
CA VAL C 244 -27.92 -47.75 -1.22
C VAL C 244 -27.53 -48.25 0.15
N ASN C 245 -27.09 -49.50 0.22
CA ASN C 245 -26.62 -50.06 1.49
C ASN C 245 -25.10 -50.06 1.54
N ALA C 246 -24.53 -48.95 2.00
CA ALA C 246 -23.10 -48.77 2.02
C ALA C 246 -22.39 -49.77 2.93
N ASN C 247 -23.06 -50.16 4.01
CA ASN C 247 -22.47 -51.08 4.98
C ASN C 247 -22.07 -52.43 4.38
N ASN C 248 -22.92 -52.98 3.53
CA ASN C 248 -22.59 -54.22 2.82
C ASN C 248 -22.48 -54.04 1.30
N LYS C 249 -22.25 -52.80 0.88
CA LYS C 249 -21.92 -52.46 -0.51
C LYS C 249 -22.85 -53.02 -1.58
N THR C 250 -24.16 -52.87 -1.38
CA THR C 250 -25.11 -53.28 -2.40
C THR C 250 -26.07 -52.16 -2.72
N VAL C 251 -26.61 -52.19 -3.92
CA VAL C 251 -27.61 -51.22 -4.34
C VAL C 251 -28.87 -51.95 -4.76
N THR C 252 -30.02 -51.42 -4.36
CA THR C 252 -31.29 -51.98 -4.83
C THR C 252 -31.87 -51.10 -5.92
N LEU C 253 -32.30 -51.73 -7.01
CA LEU C 253 -32.88 -50.99 -8.13
C LEU C 253 -34.39 -50.91 -8.02
N GLN C 254 -34.98 -50.08 -8.88
CA GLN C 254 -36.42 -49.85 -8.93
C GLN C 254 -37.23 -51.13 -9.07
N ASP C 255 -36.67 -52.11 -9.79
CA ASP C 255 -37.38 -53.34 -10.08
C ASP C 255 -36.99 -54.50 -9.17
N GLY C 256 -36.21 -54.21 -8.14
CA GLY C 256 -35.87 -55.22 -7.15
C GLY C 256 -34.50 -55.84 -7.35
N THR C 257 -33.88 -55.57 -8.49
CA THR C 257 -32.55 -56.07 -8.78
C THR C 257 -31.55 -55.55 -7.77
N THR C 258 -30.73 -56.45 -7.23
CA THR C 258 -29.67 -56.02 -6.33
C THR C 258 -28.32 -56.09 -7.03
N ILE C 259 -27.51 -55.04 -6.86
CA ILE C 259 -26.19 -54.99 -7.46
C ILE C 259 -25.11 -54.80 -6.39
N GLY C 260 -24.12 -55.68 -6.39
CA GLY C 260 -23.02 -55.61 -5.46
C GLY C 260 -21.84 -54.89 -6.08
N TYR C 261 -21.16 -54.06 -5.28
CA TYR C 261 -19.99 -53.34 -5.76
C TYR C 261 -18.87 -53.36 -4.75
N LYS C 262 -17.67 -53.13 -5.24
CA LYS C 262 -16.51 -52.97 -4.39
C LYS C 262 -16.23 -51.48 -4.25
N LYS C 263 -16.42 -50.76 -5.36
CA LYS C 263 -16.31 -49.30 -5.38
C LYS C 263 -17.59 -48.73 -5.98
N LEU C 264 -17.92 -47.50 -5.62
CA LEU C 264 -19.11 -46.89 -6.19
C LEU C 264 -18.85 -45.46 -6.69
N VAL C 265 -19.22 -45.21 -7.94
CA VAL C 265 -19.15 -43.85 -8.49
C VAL C 265 -20.57 -43.32 -8.67
N SER C 266 -20.93 -42.37 -7.82
CA SER C 266 -22.28 -41.85 -7.76
C SER C 266 -22.33 -40.44 -8.34
N THR C 267 -23.19 -40.24 -9.33
CA THR C 267 -23.30 -38.94 -9.96
C THR C 267 -24.66 -38.31 -9.64
N MET C 268 -25.45 -39.00 -8.84
CA MET C 268 -26.74 -38.46 -8.44
C MET C 268 -26.51 -37.32 -7.46
N ALA C 269 -27.49 -36.43 -7.36
CA ALA C 269 -27.44 -35.35 -6.39
C ALA C 269 -27.08 -35.91 -5.03
N VAL C 270 -26.07 -35.32 -4.40
CA VAL C 270 -25.53 -35.87 -3.17
C VAL C 270 -26.58 -35.87 -2.05
N ASP C 271 -27.54 -34.94 -2.11
CA ASP C 271 -28.65 -34.97 -1.17
C ASP C 271 -29.56 -36.19 -1.38
N PHE C 272 -29.85 -36.53 -2.64
CA PHE C 272 -30.64 -37.73 -2.93
C PHE C 272 -29.91 -38.99 -2.46
N LEU C 273 -28.60 -39.01 -2.65
CA LEU C 273 -27.79 -40.15 -2.24
C LEU C 273 -27.86 -40.37 -0.73
N ALA C 274 -27.74 -39.30 0.04
CA ALA C 274 -27.81 -39.40 1.49
C ALA C 274 -29.13 -40.03 1.93
N GLU C 275 -30.23 -39.61 1.29
CA GLU C 275 -31.54 -40.16 1.61
C GLU C 275 -31.61 -41.64 1.26
N ALA C 276 -31.13 -41.97 0.06
CA ALA C 276 -31.13 -43.36 -0.41
C ALA C 276 -30.37 -44.31 0.52
N MET C 277 -29.44 -43.75 1.29
CA MET C 277 -28.62 -44.54 2.20
C MET C 277 -29.26 -44.68 3.57
N ASN C 278 -30.30 -43.88 3.82
CA ASN C 278 -30.92 -43.80 5.14
C ASN C 278 -29.92 -43.48 6.24
N ASP C 279 -28.95 -42.62 5.93
CA ASP C 279 -27.94 -42.21 6.89
C ASP C 279 -28.31 -40.85 7.48
N GLN C 280 -28.70 -40.84 8.75
CA GLN C 280 -29.18 -39.62 9.40
C GLN C 280 -28.11 -38.54 9.56
N GLU C 281 -26.86 -38.94 9.77
CA GLU C 281 -25.77 -37.96 9.84
C GLU C 281 -25.59 -37.25 8.50
N LEU C 282 -25.51 -38.02 7.43
CA LEU C 282 -25.31 -37.46 6.10
C LEU C 282 -26.48 -36.59 5.65
N VAL C 283 -27.69 -37.09 5.86
CA VAL C 283 -28.88 -36.32 5.52
C VAL C 283 -28.78 -34.91 6.09
N GLY C 284 -28.54 -34.81 7.40
CA GLY C 284 -28.37 -33.52 8.05
C GLY C 284 -27.26 -32.71 7.40
N LEU C 285 -26.13 -33.36 7.16
CA LEU C 285 -24.98 -32.72 6.54
C LEU C 285 -25.31 -32.11 5.18
N THR C 286 -25.97 -32.88 4.32
CA THR C 286 -26.27 -32.43 2.95
C THR C 286 -27.37 -31.38 2.88
N LYS C 287 -28.16 -31.26 3.94
CA LYS C 287 -29.22 -30.25 3.97
C LYS C 287 -28.66 -28.85 4.12
N GLN C 288 -27.37 -28.76 4.41
CA GLN C 288 -26.70 -27.47 4.54
C GLN C 288 -26.40 -26.85 3.16
N LEU C 289 -26.45 -27.69 2.14
CA LEU C 289 -26.14 -27.25 0.78
C LEU C 289 -27.31 -26.50 0.17
N PHE C 290 -27.00 -25.50 -0.64
CA PHE C 290 -28.05 -24.73 -1.29
C PHE C 290 -27.98 -24.90 -2.81
N TYR C 291 -29.15 -24.98 -3.42
CA TYR C 291 -29.25 -25.10 -4.87
C TYR C 291 -30.45 -24.31 -5.36
N SER C 292 -30.38 -23.81 -6.59
CA SER C 292 -31.53 -23.16 -7.19
C SER C 292 -32.17 -24.06 -8.24
N SER C 293 -33.47 -23.90 -8.44
CA SER C 293 -34.18 -24.57 -9.52
C SER C 293 -34.15 -23.70 -10.76
N THR C 294 -34.23 -24.32 -11.93
CA THR C 294 -34.19 -23.58 -13.19
C THR C 294 -35.41 -23.85 -14.07
N HIS C 295 -36.06 -22.79 -14.51
CA HIS C 295 -37.11 -22.91 -15.51
C HIS C 295 -36.55 -22.68 -16.90
N VAL C 296 -36.77 -23.63 -17.79
CA VAL C 296 -36.33 -23.47 -19.17
C VAL C 296 -37.51 -23.17 -20.09
N ILE C 297 -37.39 -22.10 -20.86
CA ILE C 297 -38.47 -21.67 -21.74
C ILE C 297 -38.04 -21.65 -23.19
N GLY C 298 -38.77 -22.36 -24.04
CA GLY C 298 -38.48 -22.36 -25.46
C GLY C 298 -39.59 -21.70 -26.26
N VAL C 299 -39.19 -20.81 -27.18
CA VAL C 299 -40.14 -20.15 -28.06
C VAL C 299 -39.75 -20.26 -29.54
N GLY C 300 -40.57 -20.98 -30.30
CA GLY C 300 -40.42 -21.07 -31.74
C GLY C 300 -41.24 -19.97 -32.42
N VAL C 301 -40.64 -19.30 -33.40
CA VAL C 301 -41.28 -18.14 -34.01
C VAL C 301 -41.13 -18.14 -35.53
N ARG C 302 -42.21 -17.78 -36.22
CA ARG C 302 -42.24 -17.76 -37.68
C ARG C 302 -41.52 -16.56 -38.31
N GLY C 303 -40.89 -16.81 -39.45
CA GLY C 303 -40.22 -15.76 -40.21
C GLY C 303 -38.73 -16.00 -40.34
N SER C 304 -38.11 -15.25 -41.25
CA SER C 304 -36.65 -15.30 -41.38
C SER C 304 -36.02 -14.64 -40.16
N ARG C 305 -34.86 -15.12 -39.77
CA ARG C 305 -34.12 -14.53 -38.66
C ARG C 305 -34.03 -13.01 -38.85
N PRO C 306 -34.67 -12.26 -37.94
CA PRO C 306 -34.68 -10.79 -38.02
C PRO C 306 -33.26 -10.24 -38.14
N GLU C 307 -33.13 -9.09 -38.79
CA GLU C 307 -31.83 -8.44 -38.92
C GLU C 307 -31.41 -7.86 -37.56
N ARG C 308 -32.40 -7.59 -36.72
CA ARG C 308 -32.16 -7.06 -35.38
C ARG C 308 -31.46 -8.12 -34.53
N ILE C 309 -31.67 -9.39 -34.90
CA ILE C 309 -31.12 -10.53 -34.17
C ILE C 309 -29.68 -10.85 -34.60
N GLY C 310 -29.41 -10.75 -35.90
CA GLY C 310 -28.09 -11.01 -36.43
C GLY C 310 -27.55 -12.38 -36.06
N ASP C 311 -26.23 -12.48 -35.92
CA ASP C 311 -25.56 -13.74 -35.62
C ASP C 311 -25.38 -13.96 -34.12
N LYS C 312 -26.15 -13.25 -33.32
CA LYS C 312 -26.07 -13.35 -31.86
C LYS C 312 -26.21 -14.81 -31.39
N CYS C 313 -25.57 -15.13 -30.27
CA CYS C 313 -25.63 -16.47 -29.70
C CYS C 313 -26.43 -16.50 -28.40
N TRP C 314 -25.78 -16.12 -27.30
CA TRP C 314 -26.50 -15.97 -26.04
C TRP C 314 -26.38 -14.56 -25.46
N LEU C 315 -27.45 -14.14 -24.78
CA LEU C 315 -27.56 -12.77 -24.32
C LEU C 315 -27.87 -12.68 -22.83
N TYR C 316 -27.29 -11.69 -22.17
CA TYR C 316 -27.46 -11.51 -20.74
C TYR C 316 -28.36 -10.34 -20.41
N PHE C 317 -29.31 -10.56 -19.52
CA PHE C 317 -30.28 -9.55 -19.14
C PHE C 317 -30.30 -9.31 -17.64
N PRO C 318 -29.50 -8.32 -17.17
CA PRO C 318 -29.41 -7.95 -15.75
C PRO C 318 -30.55 -7.04 -15.29
N GLU C 319 -31.22 -6.40 -16.24
CA GLU C 319 -32.29 -5.46 -15.90
C GLU C 319 -33.59 -6.16 -15.49
N ASP C 320 -34.54 -5.39 -14.99
CA ASP C 320 -35.75 -5.95 -14.40
C ASP C 320 -36.96 -6.01 -15.35
N ASN C 321 -36.74 -5.69 -16.62
CA ASN C 321 -37.83 -5.71 -17.58
C ASN C 321 -38.10 -7.09 -18.16
N CYS C 322 -37.57 -8.11 -17.48
CA CYS C 322 -37.81 -9.51 -17.85
C CYS C 322 -37.43 -10.40 -16.68
N PRO C 323 -38.04 -11.60 -16.62
CA PRO C 323 -37.73 -12.54 -15.53
C PRO C 323 -36.45 -13.33 -15.79
N PHE C 324 -36.18 -13.66 -17.04
CA PHE C 324 -35.02 -14.47 -17.39
C PHE C 324 -33.70 -13.71 -17.29
N TYR C 325 -32.61 -14.44 -17.02
CA TYR C 325 -31.29 -13.83 -16.94
C TYR C 325 -30.48 -14.06 -18.21
N ARG C 326 -30.70 -15.20 -18.87
CA ARG C 326 -29.97 -15.53 -20.09
C ARG C 326 -30.85 -16.05 -21.20
N ALA C 327 -30.46 -15.73 -22.44
CA ALA C 327 -31.23 -16.08 -23.62
C ALA C 327 -30.32 -16.42 -24.78
N THR C 328 -30.72 -17.41 -25.58
CA THR C 328 -29.92 -17.86 -26.71
C THR C 328 -30.77 -18.00 -27.97
N ILE C 329 -30.24 -17.51 -29.09
CA ILE C 329 -30.92 -17.68 -30.37
C ILE C 329 -30.59 -19.06 -30.93
N PHE C 330 -31.14 -20.09 -30.27
CA PHE C 330 -30.81 -21.49 -30.53
C PHE C 330 -30.83 -21.88 -32.00
N SER C 331 -31.69 -21.23 -32.78
CA SER C 331 -31.80 -21.54 -34.21
C SER C 331 -30.52 -21.25 -35.00
N ASN C 332 -29.74 -20.28 -34.53
CA ASN C 332 -28.47 -19.94 -35.15
C ASN C 332 -27.40 -21.03 -35.01
N TYR C 333 -27.57 -21.90 -34.01
CA TYR C 333 -26.57 -22.94 -33.78
C TYR C 333 -26.62 -24.01 -34.86
N SER C 334 -27.82 -24.43 -35.24
CA SER C 334 -27.99 -25.41 -36.30
C SER C 334 -29.34 -25.30 -36.99
N PRO C 335 -29.35 -25.43 -38.32
CA PRO C 335 -30.59 -25.39 -39.10
C PRO C 335 -31.55 -26.51 -38.74
N TYR C 336 -31.04 -27.57 -38.11
CA TYR C 336 -31.87 -28.71 -37.74
C TYR C 336 -32.44 -28.61 -36.32
N ASN C 337 -32.28 -27.46 -35.67
CA ASN C 337 -32.86 -27.27 -34.35
C ASN C 337 -34.34 -26.89 -34.41
N GLN C 338 -34.82 -26.58 -35.61
CA GLN C 338 -36.22 -26.23 -35.83
C GLN C 338 -36.69 -26.85 -37.15
N PRO C 339 -38.01 -26.87 -37.39
CA PRO C 339 -38.57 -27.45 -38.63
C PRO C 339 -38.03 -26.78 -39.89
N GLU C 340 -38.14 -27.46 -41.02
CA GLU C 340 -37.73 -26.88 -42.31
C GLU C 340 -38.75 -25.86 -42.81
N ALA C 341 -38.28 -24.88 -43.55
CA ALA C 341 -39.15 -23.79 -44.03
C ALA C 341 -40.46 -24.26 -44.67
N SER C 342 -40.46 -25.46 -45.24
CA SER C 342 -41.64 -25.95 -45.95
C SER C 342 -42.73 -26.49 -45.02
N LYS C 343 -42.36 -26.96 -43.82
CA LYS C 343 -43.36 -27.49 -42.90
C LYS C 343 -44.35 -26.42 -42.45
N LYS C 344 -45.63 -26.75 -42.50
CA LYS C 344 -46.67 -25.79 -42.16
C LYS C 344 -47.13 -25.92 -40.72
N LEU C 345 -47.16 -24.79 -40.02
CA LEU C 345 -47.58 -24.75 -38.62
C LEU C 345 -48.51 -23.57 -38.35
N PRO C 346 -49.58 -23.81 -37.59
CA PRO C 346 -50.47 -22.72 -37.21
C PRO C 346 -49.81 -21.86 -36.13
N THR C 347 -50.12 -20.57 -36.14
CA THR C 347 -49.65 -19.67 -35.08
C THR C 347 -50.48 -19.87 -33.82
N MET C 348 -49.80 -20.09 -32.69
CA MET C 348 -50.48 -20.32 -31.43
C MET C 348 -50.87 -18.99 -30.77
N GLN C 349 -50.09 -17.95 -31.03
CA GLN C 349 -50.35 -16.63 -30.47
C GLN C 349 -49.37 -15.60 -30.99
N LEU C 350 -49.65 -14.33 -30.73
CA LEU C 350 -48.74 -13.25 -31.09
C LEU C 350 -47.86 -12.90 -29.91
N ALA C 351 -46.72 -12.28 -30.17
CA ALA C 351 -45.77 -11.99 -29.10
C ALA C 351 -46.35 -11.07 -28.02
N ASP C 352 -47.34 -10.26 -28.39
CA ASP C 352 -47.94 -9.33 -27.44
C ASP C 352 -48.92 -10.02 -26.51
N GLY C 353 -49.36 -11.22 -26.90
CA GLY C 353 -50.26 -12.01 -26.08
C GLY C 353 -51.59 -12.30 -26.74
N SER C 354 -51.89 -11.58 -27.82
CA SER C 354 -53.18 -11.74 -28.48
C SER C 354 -53.25 -12.97 -29.37
N ARG C 355 -54.46 -13.33 -29.79
CA ARG C 355 -54.64 -14.40 -30.77
C ARG C 355 -54.06 -13.97 -32.11
N PRO C 356 -53.70 -14.95 -32.94
CA PRO C 356 -53.08 -14.68 -34.24
C PRO C 356 -54.03 -14.08 -35.26
N GLN C 357 -53.48 -13.36 -36.22
CA GLN C 357 -54.24 -12.87 -37.36
C GLN C 357 -54.97 -14.05 -37.99
N SER C 358 -54.20 -15.02 -38.46
CA SER C 358 -54.73 -16.24 -39.07
C SER C 358 -54.31 -17.46 -38.27
N THR C 359 -55.16 -18.48 -38.24
CA THR C 359 -54.83 -19.72 -37.53
C THR C 359 -54.68 -20.88 -38.52
N GLU C 360 -54.35 -20.56 -39.76
CA GLU C 360 -54.12 -21.59 -40.76
C GLU C 360 -52.68 -22.07 -40.71
N ALA C 361 -52.43 -23.23 -41.30
CA ALA C 361 -51.10 -23.82 -41.33
C ALA C 361 -50.25 -23.16 -42.40
N LYS C 362 -49.48 -22.15 -42.00
CA LYS C 362 -48.61 -21.46 -42.94
C LYS C 362 -47.19 -22.00 -42.89
N GLU C 363 -46.39 -21.63 -43.89
CA GLU C 363 -45.01 -22.10 -43.98
C GLU C 363 -44.05 -21.22 -43.18
N GLY C 364 -42.82 -21.68 -43.04
CA GLY C 364 -41.81 -20.93 -42.34
C GLY C 364 -41.18 -19.87 -43.22
N PRO C 365 -39.84 -19.71 -43.12
CA PRO C 365 -39.00 -20.53 -42.25
C PRO C 365 -39.08 -20.06 -40.81
N TYR C 366 -38.49 -20.80 -39.87
CA TYR C 366 -38.62 -20.48 -38.45
C TYR C 366 -37.30 -20.21 -37.76
N TRP C 367 -37.36 -19.47 -36.65
CA TRP C 367 -36.23 -19.32 -35.75
C TRP C 367 -36.67 -19.58 -34.30
N SER C 368 -35.72 -19.79 -33.41
CA SER C 368 -36.03 -20.28 -32.07
C SER C 368 -35.22 -19.59 -30.98
N ILE C 369 -35.86 -19.33 -29.84
CA ILE C 369 -35.23 -18.65 -28.70
C ILE C 369 -35.32 -19.49 -27.43
N MET C 370 -34.23 -19.56 -26.68
CA MET C 370 -34.21 -20.29 -25.42
C MET C 370 -33.91 -19.37 -24.23
N LEU C 371 -34.65 -19.53 -23.13
CA LEU C 371 -34.50 -18.67 -21.95
C LEU C 371 -34.33 -19.47 -20.65
N GLU C 372 -33.64 -18.88 -19.69
CA GLU C 372 -33.55 -19.47 -18.37
C GLU C 372 -34.00 -18.51 -17.27
N VAL C 373 -34.85 -19.03 -16.39
CA VAL C 373 -35.32 -18.28 -15.23
C VAL C 373 -34.96 -19.06 -13.97
N SER C 374 -34.38 -18.38 -12.99
CA SER C 374 -33.96 -19.06 -11.76
C SER C 374 -35.02 -18.99 -10.67
N GLU C 375 -35.05 -19.99 -9.80
CA GLU C 375 -36.01 -20.05 -8.71
C GLU C 375 -35.39 -20.63 -7.46
N SER C 376 -35.57 -19.95 -6.34
CA SER C 376 -35.13 -20.47 -5.04
C SER C 376 -36.06 -19.98 -3.92
N SER C 377 -35.79 -20.48 -2.73
CA SER C 377 -36.52 -20.03 -1.54
C SER C 377 -36.48 -18.51 -1.40
N MET C 378 -35.43 -17.88 -1.93
CA MET C 378 -35.28 -16.43 -1.83
C MET C 378 -35.76 -15.72 -3.09
N LYS C 379 -36.10 -16.49 -4.12
CA LYS C 379 -36.59 -15.90 -5.37
C LYS C 379 -37.65 -16.77 -6.02
N PRO C 380 -38.89 -16.69 -5.54
CA PRO C 380 -39.97 -17.56 -6.04
C PRO C 380 -40.45 -17.13 -7.42
N VAL C 381 -40.95 -18.09 -8.18
CA VAL C 381 -41.54 -17.81 -9.48
C VAL C 381 -42.88 -18.53 -9.60
N ASN C 382 -43.85 -17.89 -10.24
CA ASN C 382 -45.17 -18.48 -10.42
C ASN C 382 -45.17 -19.48 -11.58
N GLN C 383 -45.24 -20.76 -11.26
CA GLN C 383 -45.07 -21.80 -12.26
C GLN C 383 -46.13 -21.72 -13.37
N GLU C 384 -47.27 -21.11 -13.05
CA GLU C 384 -48.38 -21.03 -14.00
C GLU C 384 -48.28 -19.82 -14.92
N THR C 385 -47.56 -18.80 -14.49
CA THR C 385 -47.52 -17.55 -15.25
C THR C 385 -46.18 -17.23 -15.90
N ILE C 386 -45.15 -17.99 -15.55
CA ILE C 386 -43.79 -17.66 -15.99
C ILE C 386 -43.66 -17.60 -17.51
N LEU C 387 -44.32 -18.52 -18.20
CA LEU C 387 -44.25 -18.57 -19.66
C LEU C 387 -44.71 -17.27 -20.28
N ALA C 388 -45.83 -16.75 -19.77
CA ALA C 388 -46.37 -15.49 -20.25
C ALA C 388 -45.44 -14.34 -19.91
N ASP C 389 -44.96 -14.32 -18.67
CA ASP C 389 -44.02 -13.29 -18.23
C ASP C 389 -42.78 -13.24 -19.10
N CYS C 390 -42.37 -14.40 -19.59
CA CYS C 390 -41.17 -14.48 -20.40
C CYS C 390 -41.38 -13.90 -21.78
N ILE C 391 -42.43 -14.37 -22.46
CA ILE C 391 -42.73 -13.87 -23.80
C ILE C 391 -42.85 -12.35 -23.78
N GLN C 392 -43.55 -11.81 -22.78
CA GLN C 392 -43.67 -10.36 -22.64
C GLN C 392 -42.30 -9.74 -22.39
N GLY C 393 -41.51 -10.39 -21.55
CA GLY C 393 -40.15 -9.95 -21.31
C GLY C 393 -39.40 -9.93 -22.62
N LEU C 394 -39.75 -10.85 -23.51
CA LEU C 394 -39.13 -10.88 -24.83
C LEU C 394 -39.54 -9.66 -25.64
N VAL C 395 -40.73 -9.16 -25.37
CA VAL C 395 -41.21 -7.93 -26.02
C VAL C 395 -40.51 -6.71 -25.43
N ASN C 396 -40.50 -6.63 -24.11
CA ASN C 396 -39.92 -5.47 -23.41
C ASN C 396 -38.45 -5.28 -23.74
N THR C 397 -37.81 -6.33 -24.23
CA THR C 397 -36.38 -6.29 -24.56
C THR C 397 -36.13 -6.12 -26.06
N GLU C 398 -37.21 -5.97 -26.83
CA GLU C 398 -37.09 -5.84 -28.28
C GLU C 398 -36.41 -7.06 -28.90
N MET C 399 -36.75 -8.24 -28.39
CA MET C 399 -36.29 -9.49 -28.99
C MET C 399 -37.35 -9.93 -29.98
N LEU C 400 -38.61 -9.66 -29.64
CA LEU C 400 -39.73 -9.95 -30.51
C LEU C 400 -40.62 -8.72 -30.64
N LYS C 401 -41.18 -8.53 -31.84
CA LYS C 401 -42.22 -7.53 -32.05
C LYS C 401 -43.54 -8.11 -31.57
N PRO C 402 -44.39 -7.27 -30.96
CA PRO C 402 -45.74 -7.69 -30.56
C PRO C 402 -46.45 -8.44 -31.68
N THR C 403 -46.07 -8.17 -32.92
CA THR C 403 -46.73 -8.79 -34.07
C THR C 403 -46.17 -10.17 -34.42
N ASP C 404 -44.97 -10.47 -33.93
CA ASP C 404 -44.29 -11.72 -34.27
C ASP C 404 -45.14 -12.96 -33.99
N GLU C 405 -45.19 -13.86 -34.95
CA GLU C 405 -46.00 -15.07 -34.84
C GLU C 405 -45.27 -16.20 -34.10
N ILE C 406 -45.79 -16.56 -32.94
CA ILE C 406 -45.24 -17.65 -32.13
C ILE C 406 -45.91 -18.98 -32.45
N VAL C 407 -45.11 -19.94 -32.91
CA VAL C 407 -45.63 -21.20 -33.43
C VAL C 407 -45.42 -22.39 -32.48
N SER C 408 -44.49 -22.27 -31.55
CA SER C 408 -44.23 -23.35 -30.61
C SER C 408 -43.81 -22.80 -29.24
N THR C 409 -44.11 -23.55 -28.18
CA THR C 409 -43.73 -23.16 -26.83
C THR C 409 -43.21 -24.34 -26.03
N TYR C 410 -42.20 -24.09 -25.21
CA TYR C 410 -41.60 -25.11 -24.37
C TYR C 410 -41.35 -24.59 -22.95
N HIS C 411 -41.67 -25.40 -21.94
CA HIS C 411 -41.45 -25.02 -20.56
C HIS C 411 -41.18 -26.22 -19.67
N ARG C 412 -40.06 -26.19 -18.96
CA ARG C 412 -39.74 -27.28 -18.04
C ARG C 412 -38.99 -26.79 -16.80
N ARG C 413 -39.35 -27.36 -15.66
CA ARG C 413 -38.75 -26.97 -14.39
C ARG C 413 -37.84 -28.07 -13.82
N PHE C 414 -36.56 -27.77 -13.75
CA PHE C 414 -35.58 -28.69 -13.18
C PHE C 414 -35.31 -28.29 -11.73
N ASP C 415 -35.63 -29.19 -10.81
CA ASP C 415 -35.50 -28.92 -9.38
C ASP C 415 -34.08 -28.54 -8.99
N HIS C 416 -33.12 -29.37 -9.39
CA HIS C 416 -31.70 -29.08 -9.21
C HIS C 416 -31.14 -28.52 -10.51
N GLY C 417 -30.91 -27.21 -10.54
CA GLY C 417 -30.36 -26.56 -11.71
C GLY C 417 -28.92 -26.14 -11.51
N TYR C 418 -28.70 -25.25 -10.56
CA TYR C 418 -27.36 -24.79 -10.23
C TYR C 418 -26.99 -25.17 -8.80
N PRO C 419 -25.79 -25.74 -8.61
CA PRO C 419 -25.26 -26.00 -7.27
C PRO C 419 -24.69 -24.71 -6.67
N THR C 420 -25.49 -24.05 -5.84
CA THR C 420 -25.15 -22.75 -5.29
C THR C 420 -23.87 -22.76 -4.46
N PRO C 421 -22.89 -21.91 -4.84
CA PRO C 421 -21.64 -21.75 -4.10
C PRO C 421 -21.83 -20.78 -2.94
N THR C 422 -22.55 -21.23 -1.92
CA THR C 422 -22.74 -20.43 -0.72
C THR C 422 -21.46 -20.38 0.12
N LEU C 423 -21.50 -19.58 1.18
CA LEU C 423 -20.36 -19.45 2.08
C LEU C 423 -20.20 -20.67 2.97
N GLU C 424 -21.27 -21.44 3.12
CA GLU C 424 -21.24 -22.61 3.98
C GLU C 424 -20.95 -23.87 3.17
N ARG C 425 -20.83 -23.72 1.86
CA ARG C 425 -20.66 -24.87 0.97
C ARG C 425 -19.45 -25.71 1.33
N GLU C 426 -18.27 -25.11 1.29
CA GLU C 426 -17.03 -25.85 1.51
C GLU C 426 -17.00 -26.47 2.90
N GLY C 427 -17.57 -25.77 3.87
CA GLY C 427 -17.65 -26.29 5.22
C GLY C 427 -18.32 -27.65 5.23
N ALA C 428 -19.39 -27.79 4.45
CA ALA C 428 -20.14 -29.04 4.38
C ALA C 428 -19.45 -30.09 3.48
N LEU C 429 -19.08 -29.68 2.27
CA LEU C 429 -18.42 -30.61 1.34
C LEU C 429 -17.20 -31.30 1.94
N THR C 430 -16.47 -30.60 2.81
CA THR C 430 -15.26 -31.17 3.40
C THR C 430 -15.54 -32.21 4.47
N GLN C 431 -16.81 -32.40 4.80
CA GLN C 431 -17.19 -33.52 5.66
C GLN C 431 -17.85 -34.63 4.83
N ILE C 432 -18.84 -34.25 4.03
CA ILE C 432 -19.59 -35.21 3.23
C ILE C 432 -18.73 -36.09 2.32
N LEU C 433 -17.89 -35.46 1.48
CA LEU C 433 -17.15 -36.21 0.48
C LEU C 433 -16.16 -37.21 1.07
N PRO C 434 -15.39 -36.79 2.08
CA PRO C 434 -14.45 -37.72 2.73
C PRO C 434 -15.16 -38.82 3.52
N LYS C 435 -16.35 -38.52 4.06
CA LYS C 435 -17.13 -39.55 4.75
C LYS C 435 -17.62 -40.60 3.76
N LEU C 436 -17.93 -40.15 2.55
CA LEU C 436 -18.41 -41.07 1.52
C LEU C 436 -17.26 -41.86 0.92
N GLN C 437 -16.11 -41.21 0.76
CA GLN C 437 -14.93 -41.87 0.24
C GLN C 437 -14.49 -42.98 1.18
N ASP C 438 -14.77 -42.82 2.47
CA ASP C 438 -14.44 -43.83 3.46
C ASP C 438 -15.43 -44.98 3.45
N LYS C 439 -16.48 -44.84 2.65
CA LYS C 439 -17.40 -45.95 2.40
C LYS C 439 -17.23 -46.45 0.96
N ASP C 440 -16.08 -46.10 0.37
CA ASP C 440 -15.75 -46.44 -1.00
C ASP C 440 -16.80 -45.92 -1.97
N ILE C 441 -17.16 -44.66 -1.80
CA ILE C 441 -18.17 -44.02 -2.66
C ILE C 441 -17.67 -42.70 -3.20
N TRP C 442 -17.40 -42.67 -4.51
CA TRP C 442 -16.97 -41.45 -5.18
C TRP C 442 -18.18 -40.67 -5.68
N SER C 443 -18.70 -39.78 -4.84
CA SER C 443 -19.78 -38.90 -5.26
C SER C 443 -19.20 -37.74 -6.07
N ARG C 444 -19.64 -37.64 -7.33
CA ARG C 444 -18.98 -36.77 -8.29
C ARG C 444 -19.96 -36.19 -9.30
N GLY C 445 -19.71 -34.95 -9.71
CA GLY C 445 -20.51 -34.32 -10.74
C GLY C 445 -21.17 -33.04 -10.27
N ARG C 446 -21.93 -32.40 -11.17
CA ARG C 446 -22.57 -31.12 -10.89
C ARG C 446 -23.32 -31.12 -9.56
N PHE C 447 -24.00 -32.23 -9.26
CA PHE C 447 -24.69 -32.36 -7.98
C PHE C 447 -24.18 -33.54 -7.18
N GLY C 448 -23.13 -34.18 -7.69
CA GLY C 448 -22.49 -35.26 -6.98
C GLY C 448 -21.38 -34.75 -6.10
N SER C 449 -20.73 -33.68 -6.55
CA SER C 449 -19.66 -33.05 -5.76
C SER C 449 -19.99 -31.60 -5.45
N TRP C 450 -21.01 -31.07 -6.13
CA TRP C 450 -21.65 -29.82 -5.73
C TRP C 450 -20.75 -28.59 -5.88
N ARG C 451 -19.83 -28.62 -6.84
CA ARG C 451 -18.95 -27.47 -7.08
C ARG C 451 -19.15 -26.88 -8.47
N TYR C 452 -19.78 -25.72 -8.52
CA TYR C 452 -20.06 -25.06 -9.79
C TYR C 452 -18.80 -24.82 -10.64
N GLU C 453 -17.67 -24.50 -10.02
CA GLU C 453 -16.45 -24.19 -10.78
C GLU C 453 -16.17 -25.31 -11.76
N VAL C 454 -16.53 -26.51 -11.36
CA VAL C 454 -16.17 -27.71 -12.08
C VAL C 454 -17.44 -28.39 -12.61
N GLY C 455 -18.54 -27.67 -12.54
CA GLY C 455 -19.73 -28.01 -13.31
C GLY C 455 -19.36 -27.70 -14.75
N ASN C 456 -20.23 -28.04 -15.68
CA ASN C 456 -19.94 -27.92 -17.11
C ASN C 456 -19.57 -29.26 -17.68
N GLN C 457 -19.97 -29.50 -18.92
CA GLN C 457 -19.91 -30.83 -19.49
C GLN C 457 -18.52 -31.43 -19.48
N ASP C 458 -17.52 -30.69 -19.95
CA ASP C 458 -16.16 -31.24 -20.00
C ASP C 458 -15.61 -31.51 -18.60
N HIS C 459 -15.80 -30.58 -17.67
CA HIS C 459 -15.41 -30.79 -16.28
C HIS C 459 -16.14 -31.99 -15.69
N SER C 460 -17.44 -32.03 -15.89
CA SER C 460 -18.25 -33.11 -15.34
C SER C 460 -17.80 -34.44 -15.91
N PHE C 461 -17.65 -34.50 -17.22
CA PHE C 461 -17.23 -35.70 -17.90
C PHE C 461 -15.90 -36.15 -17.30
N MET C 462 -15.04 -35.20 -16.97
CA MET C 462 -13.72 -35.54 -16.46
C MET C 462 -13.70 -36.02 -15.01
N LEU C 463 -14.54 -35.44 -14.17
CA LEU C 463 -14.67 -35.90 -12.78
C LEU C 463 -14.96 -37.40 -12.78
N GLY C 464 -15.62 -37.86 -13.84
CA GLY C 464 -15.93 -39.28 -13.95
C GLY C 464 -14.75 -40.09 -14.43
N VAL C 465 -14.03 -39.56 -15.41
CA VAL C 465 -12.80 -40.20 -15.89
C VAL C 465 -11.78 -40.25 -14.76
N GLU C 466 -11.58 -39.14 -14.07
CA GLU C 466 -10.56 -39.05 -13.03
C GLU C 466 -10.90 -39.87 -11.78
N ALA C 467 -12.19 -40.07 -11.52
CA ALA C 467 -12.59 -40.88 -10.38
C ALA C 467 -12.26 -42.35 -10.64
N VAL C 468 -12.50 -42.80 -11.86
CA VAL C 468 -12.12 -44.16 -12.27
C VAL C 468 -10.60 -44.37 -12.22
N ASP C 469 -9.85 -43.40 -12.72
CA ASP C 469 -8.40 -43.50 -12.73
C ASP C 469 -7.86 -43.60 -11.31
N ASN C 470 -8.53 -42.92 -10.39
CA ASN C 470 -8.11 -42.90 -9.00
C ASN C 470 -8.38 -44.25 -8.34
N ILE C 471 -9.52 -44.84 -8.67
CA ILE C 471 -9.92 -46.13 -8.14
C ILE C 471 -9.07 -47.26 -8.70
N VAL C 472 -8.64 -47.12 -9.95
CA VAL C 472 -7.94 -48.20 -10.62
C VAL C 472 -6.42 -48.03 -10.70
N ASN C 473 -5.96 -46.85 -11.09
CA ASN C 473 -4.53 -46.64 -11.33
C ASN C 473 -3.83 -45.79 -10.28
N GLY C 474 -4.61 -45.20 -9.38
CA GLY C 474 -4.05 -44.40 -8.31
C GLY C 474 -3.80 -42.95 -8.70
N ALA C 475 -4.48 -42.49 -9.76
CA ALA C 475 -4.34 -41.11 -10.21
C ALA C 475 -4.88 -40.13 -9.17
N VAL C 476 -4.38 -38.90 -9.22
CA VAL C 476 -4.88 -37.86 -8.33
C VAL C 476 -6.05 -37.14 -9.02
N GLU C 477 -7.09 -36.85 -8.25
CA GLU C 477 -8.27 -36.18 -8.79
C GLU C 477 -8.05 -34.66 -8.85
N LEU C 478 -7.54 -34.20 -9.98
CA LEU C 478 -7.15 -32.82 -10.15
C LEU C 478 -8.35 -31.89 -10.31
N THR C 479 -9.21 -32.22 -11.25
CA THR C 479 -10.39 -31.40 -11.52
C THR C 479 -11.19 -31.16 -10.25
N LEU C 480 -11.47 -32.22 -9.50
CA LEU C 480 -12.19 -32.12 -8.23
C LEU C 480 -11.52 -31.13 -7.26
N ASN C 481 -10.27 -31.40 -6.92
CA ASN C 481 -9.60 -30.64 -5.88
C ASN C 481 -8.90 -29.36 -6.29
N TYR C 482 -8.54 -29.23 -7.56
CA TYR C 482 -7.76 -28.08 -8.02
C TYR C 482 -8.29 -27.47 -9.32
N PRO C 483 -9.45 -26.81 -9.25
CA PRO C 483 -10.09 -26.20 -10.42
C PRO C 483 -9.17 -25.25 -11.19
N ASP C 484 -8.64 -24.25 -10.49
CA ASP C 484 -7.78 -23.27 -11.14
C ASP C 484 -6.66 -23.96 -11.92
N PHE C 485 -6.09 -25.00 -11.33
CA PHE C 485 -4.97 -25.70 -11.94
C PHE C 485 -5.33 -26.31 -13.30
N VAL C 486 -6.42 -27.05 -13.37
CA VAL C 486 -6.81 -27.71 -14.63
C VAL C 486 -7.35 -26.72 -15.66
N ASN C 487 -7.96 -25.64 -15.19
CA ASN C 487 -8.54 -24.66 -16.09
C ASN C 487 -7.49 -23.81 -16.80
N GLY C 488 -6.34 -23.66 -16.18
CA GLY C 488 -5.30 -22.81 -16.72
C GLY C 488 -4.18 -23.55 -17.44
N ARG C 489 -4.32 -24.87 -17.55
CA ARG C 489 -3.27 -25.67 -18.18
C ARG C 489 -3.76 -26.45 -19.39
N GLN C 490 -2.80 -26.97 -20.15
CA GLN C 490 -3.08 -27.83 -21.29
C GLN C 490 -3.16 -29.28 -20.84
N ASN C 491 -4.37 -29.82 -20.77
CA ASN C 491 -4.58 -31.21 -20.35
C ASN C 491 -4.54 -32.16 -21.54
N THR C 492 -3.35 -32.64 -21.88
CA THR C 492 -3.15 -33.38 -23.12
C THR C 492 -2.63 -34.78 -22.89
N GLU C 493 -2.30 -35.11 -21.64
CA GLU C 493 -1.67 -36.39 -21.35
C GLU C 493 -2.64 -37.54 -21.58
N ARG C 494 -3.73 -37.53 -20.83
CA ARG C 494 -4.73 -38.59 -20.93
C ARG C 494 -5.44 -38.55 -22.27
N ARG C 495 -5.43 -39.68 -22.97
CA ARG C 495 -6.04 -39.77 -24.28
C ARG C 495 -6.93 -41.01 -24.37
N LEU C 496 -7.78 -41.06 -25.39
CA LEU C 496 -8.70 -42.18 -25.52
C LEU C 496 -7.93 -43.45 -25.89
N VAL C 497 -6.75 -43.28 -26.47
CA VAL C 497 -5.84 -44.41 -26.67
C VAL C 497 -4.51 -44.12 -25.96
N ASP C 498 -4.29 -44.81 -24.86
CA ASP C 498 -3.06 -44.69 -24.08
C ASP C 498 -2.12 -45.87 -24.35
N GLY C 499 -0.94 -45.82 -23.78
CA GLY C 499 0.04 -46.87 -23.97
C GLY C 499 -0.50 -48.25 -23.63
N ALA C 500 -1.18 -48.33 -22.49
CA ALA C 500 -1.75 -49.59 -21.99
C ALA C 500 -2.55 -50.35 -23.04
N GLN C 501 -3.21 -49.62 -23.93
CA GLN C 501 -3.96 -50.25 -25.00
C GLN C 501 -3.03 -50.64 -26.16
N VAL C 502 -2.03 -49.79 -26.41
CA VAL C 502 -1.10 -50.01 -27.49
C VAL C 502 -0.19 -51.21 -27.26
N PHE C 503 0.32 -51.36 -26.05
CA PHE C 503 1.23 -52.46 -25.72
C PHE C 503 0.53 -53.80 -25.68
N ALA C 504 -0.72 -53.80 -25.25
CA ALA C 504 -1.56 -54.98 -25.31
C ALA C 504 -1.84 -55.33 -26.78
N LYS C 505 -2.02 -54.30 -27.59
CA LYS C 505 -2.25 -54.44 -29.03
C LYS C 505 -1.04 -55.02 -29.76
N SER C 506 0.15 -54.79 -29.21
CA SER C 506 1.39 -55.22 -29.85
C SER C 506 1.90 -56.54 -29.26
N LYS C 507 1.59 -56.77 -27.99
CA LYS C 507 1.96 -58.03 -27.33
C LYS C 507 1.10 -59.17 -27.85
N ALA C 508 -0.16 -58.87 -28.18
CA ALA C 508 -1.03 -59.84 -28.82
C ALA C 508 -0.67 -59.95 -30.30
N GLN C 509 -0.08 -58.88 -30.82
CA GLN C 509 0.40 -58.83 -32.19
C GLN C 509 1.66 -59.67 -32.34
N LEU C 510 2.42 -59.77 -31.26
CA LEU C 510 3.60 -60.64 -31.22
C LEU C 510 3.21 -62.10 -31.05
N GLU C 511 2.21 -62.34 -30.20
CA GLU C 511 1.72 -63.70 -29.98
C GLU C 511 1.12 -64.25 -31.26
N HIS C 512 0.73 -63.36 -32.16
CA HIS C 512 0.27 -63.73 -33.50
C HIS C 512 1.48 -64.03 -34.38
N HIS C 513 2.60 -63.37 -34.11
CA HIS C 513 3.84 -63.58 -34.83
C HIS C 513 4.49 -64.90 -34.38
N HIS C 514 3.72 -65.72 -33.70
CA HIS C 514 4.18 -67.01 -33.20
C HIS C 514 3.17 -68.12 -33.47
N HIS C 515 1.89 -67.77 -33.38
CA HIS C 515 0.77 -68.72 -33.53
C HIS C 515 1.10 -69.95 -34.38
N HIS C 516 1.38 -69.73 -35.66
CA HIS C 516 1.68 -70.83 -36.56
C HIS C 516 3.15 -70.84 -36.99
N THR D 1 32.26 60.52 11.15
CA THR D 1 31.42 61.69 10.93
C THR D 1 29.97 61.29 10.65
N HIS D 2 29.03 62.09 11.16
CA HIS D 2 27.61 61.80 11.02
C HIS D 2 27.05 62.10 9.63
N PRO D 3 26.15 61.23 9.15
CA PRO D 3 25.56 61.28 7.81
C PRO D 3 24.75 62.53 7.58
N ASP D 4 24.49 62.85 6.31
CA ASP D 4 23.69 64.02 5.97
C ASP D 4 22.28 63.90 6.56
N ILE D 5 21.75 62.69 6.55
CA ILE D 5 20.41 62.42 7.07
C ILE D 5 20.39 61.16 7.95
N SER D 6 19.45 61.11 8.88
CA SER D 6 19.34 59.97 9.78
C SER D 6 17.89 59.55 10.06
N VAL D 7 17.59 58.29 9.76
CA VAL D 7 16.27 57.72 10.04
C VAL D 7 16.41 56.40 10.78
N ASP D 8 15.31 55.93 11.36
CA ASP D 8 15.30 54.63 12.03
C ASP D 8 15.31 53.51 10.99
N VAL D 9 14.44 53.63 10.00
CA VAL D 9 14.28 52.62 8.97
C VAL D 9 14.44 53.22 7.57
N LEU D 10 15.43 52.74 6.83
CA LEU D 10 15.63 53.20 5.45
C LEU D 10 15.15 52.15 4.46
N VAL D 11 14.19 52.53 3.61
CA VAL D 11 13.71 51.64 2.57
C VAL D 11 14.34 51.97 1.23
N ILE D 12 15.00 51.00 0.63
CA ILE D 12 15.61 51.20 -0.68
C ILE D 12 14.76 50.55 -1.76
N GLY D 13 14.38 51.35 -2.76
CA GLY D 13 13.58 50.88 -3.88
C GLY D 13 12.12 51.25 -3.66
N ALA D 14 11.41 51.50 -4.75
CA ALA D 14 10.00 51.90 -4.65
C ALA D 14 9.09 51.09 -5.59
N GLY D 15 9.40 49.81 -5.75
CA GLY D 15 8.47 48.90 -6.38
C GLY D 15 7.44 48.49 -5.34
N PRO D 16 6.62 47.48 -5.66
CA PRO D 16 5.61 46.98 -4.72
C PRO D 16 6.18 46.69 -3.32
N THR D 17 7.36 46.08 -3.25
CA THR D 17 7.97 45.76 -1.96
C THR D 17 8.28 47.03 -1.17
N GLY D 18 8.95 47.98 -1.82
CA GLY D 18 9.31 49.23 -1.19
C GLY D 18 8.13 50.03 -0.65
N LEU D 19 7.11 50.21 -1.49
CA LEU D 19 5.92 50.95 -1.08
C LEU D 19 5.15 50.21 0.01
N GLY D 20 5.26 48.88 -0.03
CA GLY D 20 4.67 48.06 1.02
C GLY D 20 5.26 48.44 2.37
N ALA D 21 6.58 48.39 2.45
CA ALA D 21 7.28 48.87 3.64
C ALA D 21 6.77 50.27 4.05
N ALA D 22 6.80 51.19 3.10
CA ALA D 22 6.43 52.59 3.37
C ALA D 22 5.00 52.76 3.87
N LYS D 23 4.05 52.01 3.32
CA LYS D 23 2.67 52.14 3.76
C LYS D 23 2.53 51.76 5.23
N ARG D 24 3.08 50.62 5.61
CA ARG D 24 3.00 50.20 7.00
C ARG D 24 3.73 51.18 7.90
N LEU D 25 4.90 51.64 7.44
CA LEU D 25 5.66 52.63 8.17
C LEU D 25 4.81 53.88 8.41
N ASN D 26 4.22 54.37 7.33
CA ASN D 26 3.36 55.53 7.41
C ASN D 26 2.16 55.32 8.33
N GLN D 27 1.62 54.10 8.32
CA GLN D 27 0.46 53.76 9.14
C GLN D 27 0.77 53.76 10.65
N ILE D 28 1.89 53.15 10.99
CA ILE D 28 2.31 53.11 12.39
C ILE D 28 2.70 54.51 12.85
N ASP D 29 3.36 55.26 11.97
CA ASP D 29 3.73 56.64 12.25
C ASP D 29 4.53 56.73 13.54
N GLY D 30 5.39 55.74 13.77
CA GLY D 30 6.22 55.69 14.97
C GLY D 30 7.65 56.05 14.65
N PRO D 31 8.47 55.04 14.33
CA PRO D 31 9.87 55.22 13.93
C PRO D 31 10.02 56.14 12.75
N SER D 32 11.11 56.92 12.70
CA SER D 32 11.35 57.79 11.55
C SER D 32 11.80 56.96 10.35
N TRP D 33 11.29 57.28 9.17
CA TRP D 33 11.59 56.46 8.00
C TRP D 33 11.71 57.27 6.71
N MET D 34 12.41 56.69 5.74
CA MET D 34 12.65 57.33 4.47
C MET D 34 12.74 56.32 3.35
N ILE D 35 12.12 56.63 2.22
CA ILE D 35 12.19 55.75 1.06
C ILE D 35 12.85 56.43 -0.14
N VAL D 36 13.82 55.74 -0.73
CA VAL D 36 14.58 56.25 -1.86
C VAL D 36 14.44 55.33 -3.08
N ASP D 37 14.51 55.91 -4.27
CA ASP D 37 14.49 55.11 -5.50
C ASP D 37 15.19 55.86 -6.63
N SER D 38 15.99 55.13 -7.41
CA SER D 38 16.75 55.72 -8.50
C SER D 38 15.83 56.16 -9.64
N ASN D 39 14.58 55.71 -9.60
CA ASN D 39 13.60 56.06 -10.62
C ASN D 39 12.67 57.16 -10.13
N GLU D 40 12.48 58.19 -10.96
CA GLU D 40 11.59 59.30 -10.62
C GLU D 40 10.13 58.89 -10.61
N THR D 41 9.85 57.67 -11.03
CA THR D 41 8.48 57.16 -10.99
C THR D 41 8.42 55.81 -10.28
N PRO D 42 7.60 55.75 -9.22
CA PRO D 42 7.44 54.54 -8.42
C PRO D 42 6.73 53.43 -9.19
N GLY D 43 6.92 52.19 -8.75
CA GLY D 43 6.29 51.05 -9.39
C GLY D 43 7.27 49.95 -9.79
N GLY D 44 8.53 50.33 -9.98
CA GLY D 44 9.55 49.37 -10.38
C GLY D 44 9.16 48.50 -11.56
N LEU D 45 9.28 47.18 -11.39
CA LEU D 45 8.96 46.23 -12.46
C LEU D 45 7.46 46.05 -12.61
N ALA D 46 6.68 46.90 -11.95
CA ALA D 46 5.23 46.87 -12.08
C ALA D 46 4.77 48.17 -12.69
N SER D 47 5.66 48.77 -13.47
CA SER D 47 5.38 50.04 -14.13
C SER D 47 4.85 49.81 -15.53
N THR D 48 4.26 50.84 -16.11
CA THR D 48 3.75 50.78 -17.47
C THR D 48 4.55 51.72 -18.38
N ASP D 49 4.79 51.27 -19.61
CA ASP D 49 5.43 52.14 -20.60
C ASP D 49 4.44 52.48 -21.71
N VAL D 50 4.64 53.63 -22.35
CA VAL D 50 3.76 54.04 -23.43
C VAL D 50 4.53 54.26 -24.72
N THR D 51 3.98 53.76 -25.83
CA THR D 51 4.58 53.92 -27.14
C THR D 51 4.30 55.32 -27.68
N PRO D 52 5.15 55.80 -28.60
CA PRO D 52 4.92 57.11 -29.23
C PRO D 52 3.56 57.16 -29.90
N GLU D 53 2.93 56.00 -30.09
CA GLU D 53 1.63 55.93 -30.73
C GLU D 53 0.49 55.97 -29.70
N GLY D 54 0.82 55.70 -28.44
CA GLY D 54 -0.16 55.78 -27.37
C GLY D 54 -0.65 54.45 -26.84
N PHE D 55 0.13 53.38 -27.06
CA PHE D 55 -0.22 52.08 -26.51
C PHE D 55 0.48 51.85 -25.18
N LEU D 56 -0.28 51.45 -24.17
CA LEU D 56 0.30 51.09 -22.88
C LEU D 56 0.71 49.63 -22.88
N TYR D 57 1.82 49.35 -22.20
CA TYR D 57 2.29 47.99 -21.99
C TYR D 57 2.88 47.85 -20.60
N ASP D 58 2.35 46.88 -19.83
CA ASP D 58 2.92 46.54 -18.54
C ASP D 58 4.25 45.83 -18.78
N VAL D 59 4.84 45.29 -17.72
CA VAL D 59 6.04 44.47 -17.88
C VAL D 59 5.65 43.01 -18.07
N GLY D 60 5.11 42.71 -19.25
CA GLY D 60 4.64 41.38 -19.58
C GLY D 60 3.17 41.19 -19.28
N GLY D 61 2.45 42.28 -19.07
CA GLY D 61 1.08 42.22 -18.61
C GLY D 61 1.04 41.77 -17.17
N HIS D 62 0.09 42.30 -16.40
CA HIS D 62 0.01 41.95 -14.99
C HIS D 62 -1.43 41.71 -14.54
N VAL D 63 -1.59 40.82 -13.56
CA VAL D 63 -2.91 40.51 -13.04
C VAL D 63 -2.92 40.69 -11.52
N ILE D 64 -4.03 41.20 -11.01
CA ILE D 64 -4.17 41.45 -9.58
C ILE D 64 -5.14 40.45 -8.95
N PHE D 65 -4.60 39.56 -8.13
CA PHE D 65 -5.43 38.65 -7.33
C PHE D 65 -4.78 38.53 -5.96
N SER D 66 -5.43 39.10 -4.96
CA SER D 66 -4.81 39.23 -3.64
C SER D 66 -5.12 38.09 -2.68
N HIS D 67 -4.11 37.69 -1.92
CA HIS D 67 -4.31 36.77 -0.81
C HIS D 67 -4.42 37.59 0.47
N TYR D 68 -4.33 38.91 0.33
CA TYR D 68 -4.22 39.79 1.48
C TYR D 68 -5.25 40.91 1.49
N LYS D 69 -5.92 41.09 2.61
CA LYS D 69 -6.89 42.17 2.76
C LYS D 69 -6.19 43.52 2.87
N TYR D 70 -4.97 43.53 3.40
CA TYR D 70 -4.21 44.76 3.53
C TYR D 70 -3.89 45.31 2.15
N PHE D 71 -3.51 44.41 1.25
CA PHE D 71 -3.21 44.79 -0.13
C PHE D 71 -4.43 45.45 -0.76
N ASP D 72 -5.61 44.89 -0.50
CA ASP D 72 -6.86 45.43 -1.02
C ASP D 72 -7.14 46.83 -0.46
N ASP D 73 -6.97 46.98 0.86
CA ASP D 73 -7.21 48.27 1.52
C ASP D 73 -6.39 49.38 0.87
N CYS D 74 -5.11 49.12 0.67
CA CYS D 74 -4.21 50.10 0.08
C CYS D 74 -4.62 50.47 -1.35
N LEU D 75 -5.02 49.48 -2.15
CA LEU D 75 -5.48 49.76 -3.50
C LEU D 75 -6.74 50.63 -3.48
N ASP D 76 -7.72 50.23 -2.68
CA ASP D 76 -8.94 51.01 -2.51
C ASP D 76 -8.65 52.43 -2.05
N GLU D 77 -7.57 52.60 -1.31
CA GLU D 77 -7.21 53.93 -0.82
C GLU D 77 -6.64 54.80 -1.93
N ALA D 78 -5.95 54.20 -2.90
CA ALA D 78 -5.33 54.97 -3.97
C ALA D 78 -6.29 55.20 -5.14
N LEU D 79 -7.18 54.24 -5.36
CA LEU D 79 -8.21 54.36 -6.38
C LEU D 79 -9.57 54.01 -5.77
N PRO D 80 -10.16 54.95 -5.03
CA PRO D 80 -11.40 54.75 -4.28
C PRO D 80 -12.64 54.74 -5.17
N LYS D 81 -12.57 55.45 -6.30
CA LYS D 81 -13.70 55.52 -7.22
C LYS D 81 -14.02 54.14 -7.78
N GLU D 82 -15.29 53.85 -7.99
CA GLU D 82 -15.67 52.53 -8.49
C GLU D 82 -15.45 52.39 -10.00
N ASP D 83 -15.27 53.52 -10.67
CA ASP D 83 -14.94 53.49 -12.09
C ASP D 83 -13.44 53.62 -12.29
N ASP D 84 -12.68 53.43 -11.22
CA ASP D 84 -11.23 53.40 -11.30
C ASP D 84 -10.76 52.00 -11.63
N TRP D 85 -11.70 51.05 -11.61
CA TRP D 85 -11.36 49.65 -11.79
C TRP D 85 -12.22 48.95 -12.86
N TYR D 86 -11.75 47.81 -13.31
CA TYR D 86 -12.52 46.90 -14.15
C TYR D 86 -12.35 45.50 -13.60
N THR D 87 -13.45 44.76 -13.46
CA THR D 87 -13.34 43.39 -12.98
C THR D 87 -13.52 42.38 -14.12
N HIS D 88 -12.56 41.46 -14.21
CA HIS D 88 -12.54 40.48 -15.29
C HIS D 88 -12.56 39.06 -14.72
N GLN D 89 -13.01 38.12 -15.55
CA GLN D 89 -12.93 36.71 -15.22
C GLN D 89 -11.88 36.08 -16.11
N ARG D 90 -11.02 35.24 -15.54
CA ARG D 90 -9.93 34.66 -16.30
C ARG D 90 -10.43 33.80 -17.47
N ILE D 91 -9.98 34.14 -18.67
CA ILE D 91 -10.20 33.31 -19.84
C ILE D 91 -8.84 32.94 -20.41
N SER D 92 -8.28 31.84 -19.91
CA SER D 92 -6.93 31.45 -20.29
C SER D 92 -6.90 30.12 -21.05
N TYR D 93 -6.25 30.11 -22.20
CA TYR D 93 -6.16 28.91 -23.01
C TYR D 93 -4.71 28.58 -23.33
N VAL D 94 -4.48 27.37 -23.80
CA VAL D 94 -3.14 26.92 -24.17
C VAL D 94 -3.10 26.50 -25.63
N ARG D 95 -2.12 27.01 -26.37
CA ARG D 95 -1.98 26.70 -27.79
C ARG D 95 -1.30 25.35 -27.98
N CYS D 96 -2.09 24.32 -28.26
CA CYS D 96 -1.54 22.98 -28.46
C CYS D 96 -2.16 22.26 -29.66
N GLN D 97 -1.31 21.72 -30.51
CA GLN D 97 -1.74 20.97 -31.71
C GLN D 97 -2.75 21.73 -32.56
N GLY D 98 -2.58 23.05 -32.64
CA GLY D 98 -3.46 23.87 -33.45
C GLY D 98 -4.78 24.21 -32.79
N GLN D 99 -4.91 23.89 -31.50
CA GLN D 99 -6.15 24.13 -30.79
C GLN D 99 -5.96 24.92 -29.50
N TRP D 100 -7.05 25.52 -29.03
CA TRP D 100 -7.05 26.26 -27.77
C TRP D 100 -7.55 25.38 -26.63
N VAL D 101 -6.61 24.86 -25.84
CA VAL D 101 -6.93 24.02 -24.70
C VAL D 101 -7.09 24.88 -23.46
N PRO D 102 -8.29 24.89 -22.88
CA PRO D 102 -8.58 25.71 -21.70
C PRO D 102 -7.65 25.40 -20.55
N TYR D 103 -7.18 26.45 -19.89
CA TYR D 103 -6.33 26.32 -18.70
C TYR D 103 -7.18 25.95 -17.49
N PRO D 104 -6.63 25.08 -16.61
CA PRO D 104 -5.31 24.46 -16.77
C PRO D 104 -5.33 23.29 -17.76
N PHE D 105 -4.21 23.07 -18.42
CA PHE D 105 -4.09 22.05 -19.47
C PHE D 105 -4.42 20.66 -18.95
N GLN D 106 -3.81 20.30 -17.83
CA GLN D 106 -3.91 18.94 -17.27
C GLN D 106 -5.32 18.57 -16.81
N ASN D 107 -6.28 19.45 -17.03
CA ASN D 107 -7.66 19.16 -16.65
C ASN D 107 -8.60 19.21 -17.85
N ASN D 108 -8.03 19.52 -19.01
CA ASN D 108 -8.82 19.67 -20.24
C ASN D 108 -8.31 18.81 -21.38
N ILE D 109 -7.67 17.69 -21.03
CA ILE D 109 -7.18 16.74 -22.02
C ILE D 109 -8.26 16.48 -23.06
N SER D 110 -9.50 16.69 -22.65
CA SER D 110 -10.65 16.47 -23.50
C SER D 110 -10.54 17.14 -24.87
N MET D 111 -9.95 18.34 -24.89
CA MET D 111 -9.89 19.14 -26.10
C MET D 111 -8.84 18.67 -27.11
N LEU D 112 -7.86 17.91 -26.64
CA LEU D 112 -6.79 17.41 -27.49
C LEU D 112 -7.31 16.39 -28.51
N PRO D 113 -6.49 16.10 -29.53
CA PRO D 113 -6.79 15.00 -30.46
C PRO D 113 -6.93 13.69 -29.68
N LYS D 114 -7.79 12.79 -30.15
CA LYS D 114 -7.96 11.50 -29.49
C LYS D 114 -6.63 10.78 -29.33
N GLU D 115 -5.81 10.83 -30.39
CA GLU D 115 -4.51 10.17 -30.40
C GLU D 115 -3.65 10.61 -29.21
N GLU D 116 -3.72 11.89 -28.86
CA GLU D 116 -2.92 12.44 -27.77
C GLU D 116 -3.56 12.21 -26.41
N GLN D 117 -4.89 12.32 -26.34
CA GLN D 117 -5.61 12.05 -25.12
C GLN D 117 -5.23 10.68 -24.56
N VAL D 118 -5.08 9.70 -25.44
CA VAL D 118 -4.72 8.35 -25.00
C VAL D 118 -3.30 8.33 -24.42
N LYS D 119 -2.41 9.12 -24.98
CA LYS D 119 -1.04 9.22 -24.45
C LYS D 119 -1.07 9.77 -23.03
N CYS D 120 -1.87 10.80 -22.83
CA CYS D 120 -1.91 11.52 -21.56
C CYS D 120 -2.55 10.72 -20.44
N ILE D 121 -3.66 10.05 -20.75
CA ILE D 121 -4.37 9.29 -19.73
C ILE D 121 -3.60 8.04 -19.33
N ASP D 122 -2.84 7.48 -20.27
CA ASP D 122 -1.98 6.35 -19.99
C ASP D 122 -0.92 6.73 -18.97
N GLY D 123 -0.47 7.98 -19.05
CA GLY D 123 0.55 8.47 -18.16
C GLY D 123 0.00 8.77 -16.78
N MET D 124 -1.19 9.37 -16.74
CA MET D 124 -1.82 9.68 -15.46
C MET D 124 -2.18 8.40 -14.73
N ILE D 125 -2.53 7.37 -15.48
CA ILE D 125 -2.84 6.08 -14.87
C ILE D 125 -1.59 5.48 -14.23
N ASP D 126 -0.51 5.39 -14.99
CA ASP D 126 0.76 4.90 -14.44
C ASP D 126 1.19 5.77 -13.26
N ALA D 127 1.02 7.08 -13.41
CA ALA D 127 1.40 8.02 -12.35
C ALA D 127 0.55 7.82 -11.10
N ALA D 128 -0.77 7.74 -11.29
CA ALA D 128 -1.70 7.60 -10.17
C ALA D 128 -1.45 6.34 -9.35
N LEU D 129 -1.03 5.26 -10.01
CA LEU D 129 -0.79 3.99 -9.34
C LEU D 129 0.47 4.04 -8.48
N GLU D 130 1.53 4.60 -9.04
CA GLU D 130 2.78 4.78 -8.31
C GLU D 130 2.60 5.73 -7.13
N ALA D 131 1.77 6.75 -7.30
CA ALA D 131 1.50 7.68 -6.23
C ALA D 131 0.77 6.98 -5.08
N ARG D 132 -0.10 6.03 -5.43
CA ARG D 132 -0.87 5.30 -4.44
C ARG D 132 0.04 4.47 -3.53
N VAL D 133 1.34 4.51 -3.83
CA VAL D 133 2.29 3.66 -3.13
C VAL D 133 3.53 4.41 -2.67
N ALA D 134 3.83 5.53 -3.33
CA ALA D 134 5.00 6.33 -3.00
C ALA D 134 4.97 6.79 -1.55
N ASN D 135 6.15 6.90 -0.96
CA ASN D 135 6.27 7.42 0.40
C ASN D 135 7.37 8.47 0.47
N THR D 136 8.23 8.48 -0.54
CA THR D 136 9.31 9.45 -0.64
C THR D 136 8.83 10.74 -1.28
N LYS D 137 9.72 11.72 -1.39
CA LYS D 137 9.37 13.03 -1.92
C LYS D 137 10.19 13.33 -3.18
N PRO D 138 9.59 14.01 -4.15
CA PRO D 138 10.27 14.36 -5.40
C PRO D 138 11.47 15.29 -5.15
N LYS D 139 12.61 14.96 -5.76
CA LYS D 139 13.80 15.79 -5.61
C LYS D 139 13.73 17.00 -6.52
N THR D 140 13.52 16.76 -7.82
CA THR D 140 13.50 17.82 -8.81
C THR D 140 12.10 18.15 -9.29
N PHE D 141 11.97 19.29 -9.96
CA PHE D 141 10.71 19.72 -10.55
C PHE D 141 10.21 18.62 -11.50
N ASP D 142 11.13 18.10 -12.31
CA ASP D 142 10.81 17.05 -13.29
C ASP D 142 10.18 15.81 -12.66
N GLU D 143 10.83 15.28 -11.63
CA GLU D 143 10.29 14.12 -10.90
C GLU D 143 8.86 14.42 -10.45
N TRP D 144 8.63 15.63 -9.98
CA TRP D 144 7.31 16.06 -9.55
C TRP D 144 6.30 15.97 -10.69
N ILE D 145 6.62 16.61 -11.80
CA ILE D 145 5.73 16.61 -12.95
C ILE D 145 5.35 15.18 -13.35
N VAL D 146 6.36 14.34 -13.50
CA VAL D 146 6.16 12.96 -13.91
C VAL D 146 5.24 12.20 -12.96
N ARG D 147 5.39 12.48 -11.66
CA ARG D 147 4.60 11.79 -10.64
C ARG D 147 3.16 12.25 -10.58
N MET D 148 2.92 13.52 -10.91
CA MET D 148 1.59 14.09 -10.79
C MET D 148 0.84 14.15 -12.14
N MET D 149 1.58 14.20 -13.23
CA MET D 149 0.97 14.34 -14.55
C MET D 149 1.09 13.06 -15.38
N GLY D 150 2.20 12.34 -15.20
CA GLY D 150 2.51 11.20 -16.04
C GLY D 150 3.42 11.64 -17.18
N THR D 151 4.09 10.68 -17.80
CA THR D 151 5.05 10.98 -18.87
C THR D 151 4.40 11.64 -20.08
N GLY D 152 3.14 11.28 -20.34
CA GLY D 152 2.42 11.80 -21.49
C GLY D 152 2.29 13.31 -21.49
N ILE D 153 1.63 13.84 -20.47
CA ILE D 153 1.47 15.29 -20.31
C ILE D 153 2.81 16.00 -20.17
N ALA D 154 3.81 15.29 -19.63
CA ALA D 154 5.12 15.87 -19.42
C ALA D 154 5.82 16.18 -20.74
N ASP D 155 5.74 15.24 -21.68
CA ASP D 155 6.38 15.40 -22.98
C ASP D 155 5.56 16.27 -23.92
N LEU D 156 4.24 16.27 -23.72
CA LEU D 156 3.35 17.02 -24.56
C LEU D 156 3.27 18.51 -24.21
N PHE D 157 3.60 18.86 -22.97
CA PHE D 157 3.40 20.24 -22.52
C PHE D 157 4.34 20.71 -21.40
N MET D 158 4.31 20.03 -20.26
CA MET D 158 5.05 20.47 -19.09
C MET D 158 6.52 20.77 -19.39
N ARG D 159 7.26 19.74 -19.77
CA ARG D 159 8.68 19.92 -20.08
C ARG D 159 8.95 21.05 -21.07
N PRO D 160 8.46 20.92 -22.31
CA PRO D 160 8.81 21.91 -23.33
C PRO D 160 8.40 23.33 -22.94
N TYR D 161 7.28 23.47 -22.25
CA TYR D 161 6.85 24.79 -21.83
C TYR D 161 7.72 25.38 -20.73
N ASN D 162 8.01 24.57 -19.71
CA ASN D 162 8.78 25.03 -18.57
C ASN D 162 10.18 25.49 -18.93
N PHE D 163 10.74 24.92 -20.00
CA PHE D 163 12.03 25.40 -20.48
C PHE D 163 11.84 26.73 -21.19
N LYS D 164 10.71 26.85 -21.90
CA LYS D 164 10.45 28.02 -22.72
C LYS D 164 10.29 29.28 -21.86
N VAL D 165 9.76 29.12 -20.66
CA VAL D 165 9.53 30.26 -19.77
C VAL D 165 10.66 30.48 -18.76
N TRP D 166 11.18 29.39 -18.20
CA TRP D 166 12.24 29.46 -17.19
C TRP D 166 13.63 29.60 -17.80
N ALA D 167 13.74 29.28 -19.09
CA ALA D 167 15.01 29.29 -19.80
C ALA D 167 15.99 28.26 -19.26
N VAL D 168 15.51 27.39 -18.37
CA VAL D 168 16.30 26.26 -17.89
C VAL D 168 15.43 24.99 -17.90
N PRO D 169 16.07 23.81 -17.99
CA PRO D 169 15.36 22.52 -18.01
C PRO D 169 14.69 22.18 -16.67
N THR D 170 13.62 21.40 -16.75
CA THR D 170 12.87 21.01 -15.56
C THR D 170 13.70 20.22 -14.54
N THR D 171 14.60 19.39 -15.02
CA THR D 171 15.43 18.54 -14.15
C THR D 171 16.33 19.37 -13.23
N LYS D 172 16.51 20.64 -13.54
CA LYS D 172 17.44 21.49 -12.81
C LYS D 172 16.77 22.45 -11.84
N MET D 173 15.46 22.29 -11.63
CA MET D 173 14.73 23.11 -10.67
C MET D 173 14.20 22.27 -9.52
N GLN D 174 13.96 22.92 -8.37
CA GLN D 174 13.34 22.25 -7.24
C GLN D 174 11.83 22.18 -7.44
N CYS D 175 11.13 21.55 -6.51
CA CYS D 175 9.67 21.45 -6.62
C CYS D 175 8.95 21.82 -5.32
N ALA D 176 9.57 22.68 -4.52
CA ALA D 176 8.97 23.14 -3.26
C ALA D 176 8.25 24.46 -3.45
N TRP D 177 8.16 24.89 -4.70
CA TRP D 177 7.68 26.24 -5.02
C TRP D 177 6.33 26.24 -5.72
N LEU D 178 5.89 25.07 -6.17
CA LEU D 178 4.73 25.00 -7.05
C LEU D 178 3.40 24.67 -6.35
N GLY D 179 3.22 25.22 -5.16
CA GLY D 179 1.99 25.02 -4.42
C GLY D 179 0.75 25.43 -5.20
N GLU D 180 0.57 26.74 -5.39
CA GLU D 180 -0.60 27.26 -6.06
C GLU D 180 -0.29 27.65 -7.51
N LYS D 181 0.87 27.21 -8.00
CA LYS D 181 1.30 27.57 -9.34
C LYS D 181 1.00 26.47 -10.37
N VAL D 182 1.25 25.23 -9.99
CA VAL D 182 1.04 24.10 -10.90
C VAL D 182 -0.02 23.13 -10.37
N ALA D 183 -1.10 22.97 -11.13
CA ALA D 183 -2.22 22.14 -10.70
C ALA D 183 -1.90 20.65 -10.85
N ALA D 184 -2.17 19.88 -9.79
CA ALA D 184 -2.01 18.43 -9.84
C ALA D 184 -3.32 17.77 -10.23
N PRO D 185 -3.36 17.19 -11.44
CA PRO D 185 -4.60 16.66 -12.01
C PRO D 185 -5.13 15.43 -11.27
N ASN D 186 -6.43 15.42 -11.02
CA ASN D 186 -7.10 14.30 -10.37
C ASN D 186 -7.64 13.33 -11.42
N LEU D 187 -7.26 12.06 -11.30
CA LEU D 187 -7.59 11.07 -12.32
C LEU D 187 -9.10 10.98 -12.56
N LYS D 188 -9.87 10.88 -11.49
CA LYS D 188 -11.31 10.83 -11.60
C LYS D 188 -11.85 12.01 -12.41
N ALA D 189 -11.44 13.22 -12.02
CA ALA D 189 -11.90 14.43 -12.69
C ALA D 189 -11.56 14.46 -14.17
N VAL D 190 -10.30 14.19 -14.50
CA VAL D 190 -9.81 14.28 -15.87
C VAL D 190 -10.57 13.36 -16.83
N THR D 191 -10.67 12.07 -16.48
CA THR D 191 -11.39 11.12 -17.32
C THR D 191 -12.84 11.53 -17.50
N THR D 192 -13.52 11.78 -16.38
CA THR D 192 -14.90 12.26 -16.42
C THR D 192 -15.09 13.33 -17.49
N ASN D 193 -14.21 14.34 -17.49
CA ASN D 193 -14.27 15.39 -18.50
C ASN D 193 -14.03 14.89 -19.92
N VAL D 194 -13.11 13.94 -20.09
CA VAL D 194 -12.84 13.37 -21.39
C VAL D 194 -14.09 12.69 -21.94
N ILE D 195 -14.79 11.97 -21.07
CA ILE D 195 -16.03 11.29 -21.44
C ILE D 195 -17.12 12.29 -21.80
N LEU D 196 -17.47 13.13 -20.84
CA LEU D 196 -18.55 14.10 -21.01
C LEU D 196 -18.24 15.15 -22.08
N GLY D 197 -17.00 15.60 -22.11
CA GLY D 197 -16.59 16.63 -23.06
C GLY D 197 -16.73 18.01 -22.45
N LYS D 198 -16.72 18.07 -21.12
CA LYS D 198 -16.82 19.34 -20.41
C LYS D 198 -15.45 19.97 -20.22
N THR D 199 -15.43 21.18 -19.66
CA THR D 199 -14.18 21.89 -19.42
C THR D 199 -14.02 22.27 -17.95
N ALA D 200 -12.79 22.32 -17.50
CA ALA D 200 -12.48 22.76 -16.14
C ALA D 200 -11.52 23.94 -16.17
N GLY D 201 -12.05 25.14 -16.03
CA GLY D 201 -11.24 26.35 -16.09
C GLY D 201 -11.40 27.27 -14.89
N ASN D 202 -11.76 26.69 -13.75
CA ASN D 202 -11.93 27.47 -12.52
C ASN D 202 -10.70 27.42 -11.60
N TRP D 203 -9.87 26.40 -11.79
CA TRP D 203 -8.68 26.21 -10.97
C TRP D 203 -7.78 27.45 -10.97
N GLY D 204 -7.16 27.71 -9.82
CA GLY D 204 -6.17 28.77 -9.72
C GLY D 204 -6.60 30.00 -8.94
N PRO D 205 -5.62 30.76 -8.45
CA PRO D 205 -5.86 32.03 -7.75
C PRO D 205 -6.16 33.13 -8.76
N ASN D 206 -6.20 32.76 -10.04
CA ASN D 206 -6.42 33.73 -11.12
C ASN D 206 -7.87 33.88 -11.54
N ALA D 207 -8.70 32.90 -11.17
CA ALA D 207 -10.11 32.85 -11.57
C ALA D 207 -10.68 34.22 -11.95
N THR D 208 -10.96 35.04 -10.95
CA THR D 208 -11.43 36.40 -11.19
C THR D 208 -10.40 37.42 -10.68
N PHE D 209 -10.42 38.61 -11.26
CA PHE D 209 -9.48 39.65 -10.87
C PHE D 209 -9.93 41.04 -11.31
N ARG D 210 -9.19 42.06 -10.89
CA ARG D 210 -9.51 43.42 -11.28
C ARG D 210 -8.30 44.12 -11.87
N PHE D 211 -8.56 45.04 -12.80
CA PHE D 211 -7.50 45.79 -13.45
C PHE D 211 -7.83 47.27 -13.42
N PRO D 212 -6.78 48.12 -13.35
CA PRO D 212 -6.94 49.57 -13.29
C PRO D 212 -7.40 50.18 -14.61
N ALA D 213 -8.46 50.98 -14.56
CA ALA D 213 -8.99 51.63 -15.75
C ALA D 213 -7.90 52.40 -16.50
N ARG D 214 -7.06 53.11 -15.75
CA ARG D 214 -6.10 54.03 -16.35
C ARG D 214 -4.68 53.87 -15.82
N GLY D 215 -3.71 54.01 -16.71
CA GLY D 215 -2.30 53.99 -16.35
C GLY D 215 -1.66 52.61 -16.29
N GLY D 216 -2.44 51.58 -16.59
CA GLY D 216 -1.97 50.21 -16.43
C GLY D 216 -1.75 49.89 -14.96
N THR D 217 -0.96 48.86 -14.66
CA THR D 217 -0.67 48.52 -13.28
C THR D 217 0.17 49.62 -12.64
N GLY D 218 1.03 50.24 -13.44
CA GLY D 218 1.89 51.32 -12.97
C GLY D 218 1.10 52.49 -12.42
N GLY D 219 -0.15 52.63 -12.85
CA GLY D 219 -1.02 53.69 -12.37
C GLY D 219 -1.36 53.47 -10.91
N ILE D 220 -1.60 52.22 -10.57
CA ILE D 220 -1.81 51.81 -9.18
C ILE D 220 -0.70 52.33 -8.27
N TRP D 221 0.54 51.99 -8.60
CA TRP D 221 1.67 52.32 -7.73
C TRP D 221 2.02 53.81 -7.66
N ILE D 222 1.72 54.53 -8.73
CA ILE D 222 1.82 55.98 -8.70
C ILE D 222 0.80 56.52 -7.68
N ALA D 223 -0.41 55.99 -7.75
CA ALA D 223 -1.48 56.38 -6.84
C ALA D 223 -1.15 55.99 -5.40
N VAL D 224 -0.45 54.87 -5.23
CA VAL D 224 -0.10 54.43 -3.89
C VAL D 224 0.95 55.33 -3.28
N ALA D 225 1.97 55.69 -4.06
CA ALA D 225 3.04 56.57 -3.59
C ALA D 225 2.53 57.98 -3.26
N ASN D 226 1.43 58.39 -3.86
CA ASN D 226 0.87 59.71 -3.62
C ASN D 226 0.25 59.86 -2.24
N THR D 227 -0.12 58.74 -1.65
CA THR D 227 -0.72 58.74 -0.31
C THR D 227 0.34 58.89 0.78
N LEU D 228 1.61 58.75 0.39
CA LEU D 228 2.70 58.91 1.33
C LEU D 228 3.14 60.36 1.37
N PRO D 229 3.67 60.80 2.53
CA PRO D 229 4.20 62.16 2.62
C PRO D 229 5.40 62.31 1.70
N LYS D 230 5.38 63.34 0.87
CA LYS D 230 6.42 63.54 -0.14
C LYS D 230 7.80 63.73 0.47
N GLU D 231 7.86 64.45 1.59
CA GLU D 231 9.13 64.79 2.23
C GLU D 231 9.89 63.56 2.69
N LYS D 232 9.20 62.43 2.79
CA LYS D 232 9.84 61.20 3.22
C LYS D 232 10.26 60.34 2.02
N THR D 233 9.99 60.85 0.83
CA THR D 233 10.41 60.17 -0.39
C THR D 233 11.61 60.87 -1.00
N ARG D 234 12.22 60.21 -1.98
CA ARG D 234 13.35 60.77 -2.69
C ARG D 234 13.57 59.93 -3.96
N PHE D 235 12.94 60.36 -5.04
CA PHE D 235 12.86 59.58 -6.27
C PHE D 235 13.62 60.22 -7.43
N GLY D 236 14.40 59.42 -8.14
CA GLY D 236 15.14 59.90 -9.29
C GLY D 236 16.64 59.74 -9.15
N GLU D 237 17.40 60.55 -9.87
CA GLU D 237 18.85 60.50 -9.81
C GLU D 237 19.33 60.81 -8.41
N LYS D 238 18.52 61.55 -7.66
CA LYS D 238 18.85 61.93 -6.29
C LYS D 238 18.63 60.77 -5.30
N GLY D 239 17.90 59.75 -5.74
CA GLY D 239 17.59 58.62 -4.88
C GLY D 239 18.33 57.34 -5.20
N LYS D 240 19.29 57.39 -6.12
CA LYS D 240 20.05 56.19 -6.49
C LYS D 240 21.13 55.86 -5.47
N VAL D 241 21.07 54.65 -4.93
CA VAL D 241 22.06 54.18 -3.97
C VAL D 241 23.28 53.63 -4.70
N THR D 242 24.45 54.20 -4.42
CA THR D 242 25.68 53.76 -5.07
C THR D 242 26.57 52.96 -4.11
N LYS D 243 26.39 53.17 -2.82
CA LYS D 243 27.21 52.48 -1.84
C LYS D 243 26.44 52.20 -0.54
N VAL D 244 26.62 50.99 -0.02
CA VAL D 244 25.98 50.61 1.23
C VAL D 244 27.04 50.16 2.22
N ASN D 245 27.22 50.94 3.28
CA ASN D 245 28.18 50.57 4.31
C ASN D 245 27.47 49.91 5.48
N ALA D 246 27.50 48.58 5.48
CA ALA D 246 26.79 47.81 6.50
C ALA D 246 27.38 48.01 7.89
N ASN D 247 28.70 48.04 7.98
CA ASN D 247 29.38 48.13 9.27
C ASN D 247 29.02 49.38 10.07
N ASN D 248 29.19 50.56 9.48
CA ASN D 248 28.79 51.79 10.17
C ASN D 248 27.37 52.23 9.80
N LYS D 249 26.67 51.35 9.08
CA LYS D 249 25.23 51.51 8.81
C LYS D 249 24.86 52.80 8.08
N THR D 250 25.54 53.09 6.98
CA THR D 250 25.22 54.29 6.21
C THR D 250 25.10 53.98 4.73
N VAL D 251 24.27 54.77 4.07
CA VAL D 251 24.05 54.60 2.64
C VAL D 251 24.43 55.87 1.89
N THR D 252 25.23 55.71 0.84
CA THR D 252 25.59 56.85 0.00
C THR D 252 24.78 56.80 -1.28
N LEU D 253 24.39 57.98 -1.74
CA LEU D 253 23.58 58.08 -2.95
C LEU D 253 24.41 58.55 -4.13
N GLN D 254 23.74 58.84 -5.24
CA GLN D 254 24.40 59.26 -6.47
C GLN D 254 25.04 60.63 -6.30
N ASP D 255 24.27 61.57 -5.76
CA ASP D 255 24.78 62.92 -5.56
C ASP D 255 25.59 63.01 -4.27
N GLY D 256 26.05 61.86 -3.79
CA GLY D 256 26.96 61.80 -2.66
C GLY D 256 26.34 62.08 -1.31
N THR D 257 25.01 62.18 -1.26
CA THR D 257 24.31 62.37 0.01
C THR D 257 24.32 61.06 0.81
N THR D 258 24.67 61.13 2.09
CA THR D 258 24.74 59.93 2.93
C THR D 258 23.57 59.84 3.90
N ILE D 259 23.01 58.64 4.02
CA ILE D 259 21.87 58.42 4.90
C ILE D 259 22.25 57.42 5.99
N GLY D 260 21.85 57.74 7.23
CA GLY D 260 22.11 56.86 8.35
C GLY D 260 20.85 56.12 8.73
N TYR D 261 21.00 54.85 9.12
CA TYR D 261 19.86 54.03 9.48
C TYR D 261 20.17 53.10 10.65
N LYS D 262 19.13 52.64 11.33
CA LYS D 262 19.28 51.57 12.31
C LYS D 262 18.85 50.25 11.67
N LYS D 263 17.77 50.32 10.89
CA LYS D 263 17.27 49.16 10.17
C LYS D 263 17.17 49.50 8.68
N LEU D 264 17.60 48.56 7.84
CA LEU D 264 17.49 48.74 6.39
C LEU D 264 16.54 47.74 5.74
N VAL D 265 15.50 48.25 5.07
CA VAL D 265 14.71 47.41 4.19
C VAL D 265 15.21 47.63 2.76
N SER D 266 15.70 46.57 2.14
CA SER D 266 16.28 46.68 0.80
C SER D 266 15.56 45.78 -0.20
N THR D 267 14.98 46.41 -1.21
CA THR D 267 14.20 45.69 -2.21
C THR D 267 14.94 45.51 -3.53
N MET D 268 16.16 46.03 -3.60
CA MET D 268 16.95 45.88 -4.82
C MET D 268 17.42 44.44 -4.95
N ALA D 269 17.70 44.02 -6.19
CA ALA D 269 18.20 42.68 -6.43
C ALA D 269 19.33 42.40 -5.46
N VAL D 270 19.32 41.21 -4.85
CA VAL D 270 20.27 40.91 -3.79
C VAL D 270 21.71 40.83 -4.31
N ASP D 271 21.87 40.54 -5.60
CA ASP D 271 23.19 40.46 -6.19
C ASP D 271 23.82 41.85 -6.40
N PHE D 272 22.97 42.83 -6.70
CA PHE D 272 23.43 44.22 -6.76
C PHE D 272 23.76 44.71 -5.35
N LEU D 273 22.87 44.43 -4.41
CA LEU D 273 23.10 44.82 -3.02
C LEU D 273 24.46 44.34 -2.54
N ALA D 274 24.80 43.09 -2.86
CA ALA D 274 26.10 42.54 -2.47
C ALA D 274 27.26 43.37 -3.01
N GLU D 275 27.14 43.80 -4.25
CA GLU D 275 28.14 44.66 -4.86
C GLU D 275 28.27 45.97 -4.08
N ALA D 276 27.13 46.62 -3.84
CA ALA D 276 27.10 47.90 -3.11
C ALA D 276 27.72 47.80 -1.72
N MET D 277 27.72 46.59 -1.15
CA MET D 277 28.29 46.35 0.17
C MET D 277 29.77 46.01 0.06
N ASN D 278 30.27 45.90 -1.17
CA ASN D 278 31.64 45.49 -1.40
C ASN D 278 32.02 44.34 -0.46
N ASP D 279 31.10 43.38 -0.34
CA ASP D 279 31.29 42.23 0.55
C ASP D 279 31.62 40.97 -0.26
N GLN D 280 32.88 40.56 -0.23
CA GLN D 280 33.34 39.45 -1.05
C GLN D 280 32.67 38.12 -0.71
N GLU D 281 32.21 37.97 0.52
CA GLU D 281 31.56 36.73 0.92
C GLU D 281 30.15 36.64 0.33
N LEU D 282 29.33 37.64 0.57
CA LEU D 282 27.99 37.68 0.01
C LEU D 282 28.02 37.67 -1.51
N VAL D 283 29.07 38.26 -2.10
CA VAL D 283 29.18 38.31 -3.55
C VAL D 283 29.33 36.90 -4.12
N GLY D 284 30.14 36.08 -3.47
CA GLY D 284 30.28 34.70 -3.87
C GLY D 284 28.97 33.95 -3.72
N LEU D 285 28.26 34.26 -2.64
CA LEU D 285 26.99 33.61 -2.37
C LEU D 285 25.90 33.97 -3.38
N THR D 286 25.73 35.25 -3.66
CA THR D 286 24.67 35.69 -4.56
C THR D 286 24.88 35.18 -5.98
N LYS D 287 26.12 34.91 -6.34
CA LYS D 287 26.39 34.42 -7.69
C LYS D 287 26.17 32.90 -7.79
N GLN D 288 25.61 32.33 -6.74
CA GLN D 288 25.13 30.94 -6.79
C GLN D 288 23.68 30.95 -7.24
N LEU D 289 23.09 32.14 -7.22
CA LEU D 289 21.70 32.31 -7.65
C LEU D 289 21.61 32.45 -9.15
N PHE D 290 20.54 31.93 -9.72
CA PHE D 290 20.35 31.96 -11.16
C PHE D 290 19.06 32.70 -11.46
N TYR D 291 19.04 33.39 -12.60
CA TYR D 291 17.87 34.14 -13.02
C TYR D 291 17.83 34.24 -14.53
N SER D 292 16.63 34.31 -15.08
CA SER D 292 16.47 34.51 -16.51
C SER D 292 16.14 35.98 -16.81
N SER D 293 16.38 36.40 -18.05
CA SER D 293 16.03 37.74 -18.50
C SER D 293 14.72 37.69 -19.27
N THR D 294 14.00 38.81 -19.30
CA THR D 294 12.72 38.84 -19.99
C THR D 294 12.66 39.93 -21.06
N HIS D 295 12.34 39.53 -22.28
CA HIS D 295 11.96 40.49 -23.32
C HIS D 295 10.44 40.65 -23.29
N VAL D 296 9.99 41.89 -23.34
CA VAL D 296 8.56 42.15 -23.47
C VAL D 296 8.31 42.80 -24.82
N ILE D 297 7.46 42.17 -25.63
CA ILE D 297 7.13 42.68 -26.95
C ILE D 297 5.68 43.14 -27.02
N GLY D 298 5.46 44.39 -27.42
CA GLY D 298 4.12 44.92 -27.58
C GLY D 298 3.77 45.25 -29.02
N VAL D 299 2.62 44.77 -29.47
CA VAL D 299 2.13 45.07 -30.82
C VAL D 299 0.76 45.72 -30.76
N GLY D 300 0.63 46.85 -31.47
CA GLY D 300 -0.66 47.51 -31.60
C GLY D 300 -1.21 47.30 -33.00
N VAL D 301 -2.43 46.79 -33.08
CA VAL D 301 -3.05 46.48 -34.36
C VAL D 301 -4.39 47.17 -34.55
N ARG D 302 -4.61 47.66 -35.76
CA ARG D 302 -5.83 48.38 -36.13
C ARG D 302 -6.98 47.43 -36.40
N GLY D 303 -8.21 47.88 -36.13
CA GLY D 303 -9.39 47.07 -36.33
C GLY D 303 -10.04 46.68 -35.02
N SER D 304 -11.34 46.41 -35.06
CA SER D 304 -12.05 45.93 -33.87
C SER D 304 -11.48 44.59 -33.43
N ARG D 305 -11.68 44.25 -32.17
CA ARG D 305 -11.18 42.97 -31.67
C ARG D 305 -11.72 41.84 -32.52
N PRO D 306 -10.82 41.00 -33.05
CA PRO D 306 -11.21 39.85 -33.87
C PRO D 306 -12.02 38.81 -33.09
N GLU D 307 -12.88 38.09 -33.79
CA GLU D 307 -13.77 37.11 -33.17
C GLU D 307 -13.00 35.87 -32.73
N ARG D 308 -11.86 35.60 -33.39
CA ARG D 308 -11.02 34.48 -33.02
C ARG D 308 -10.32 34.74 -31.68
N ILE D 309 -10.07 36.02 -31.41
CA ILE D 309 -9.46 36.45 -30.16
C ILE D 309 -10.50 36.46 -29.03
N GLY D 310 -11.67 37.02 -29.31
CA GLY D 310 -12.76 37.05 -28.35
C GLY D 310 -12.34 37.60 -27.01
N ASP D 311 -12.91 37.04 -25.94
CA ASP D 311 -12.67 37.52 -24.58
C ASP D 311 -11.43 36.89 -23.96
N LYS D 312 -10.50 36.45 -24.80
CA LYS D 312 -9.29 35.81 -24.29
C LYS D 312 -8.43 36.78 -23.49
N CYS D 313 -7.86 36.29 -22.39
CA CYS D 313 -7.00 37.10 -21.54
C CYS D 313 -5.52 36.82 -21.85
N TRP D 314 -4.94 35.85 -21.15
CA TRP D 314 -3.58 35.45 -21.47
C TRP D 314 -3.52 34.01 -21.95
N LEU D 315 -2.66 33.77 -22.94
CA LEU D 315 -2.57 32.47 -23.59
C LEU D 315 -1.16 31.89 -23.48
N TYR D 316 -1.08 30.56 -23.47
CA TYR D 316 0.20 29.87 -23.32
C TYR D 316 0.62 29.14 -24.60
N PHE D 317 1.93 29.15 -24.85
CA PHE D 317 2.46 28.60 -26.09
C PHE D 317 3.65 27.70 -25.83
N PRO D 318 3.39 26.42 -25.58
CA PRO D 318 4.43 25.41 -25.33
C PRO D 318 5.18 25.02 -26.60
N GLU D 319 4.46 24.95 -27.71
CA GLU D 319 5.04 24.56 -29.00
C GLU D 319 6.13 25.51 -29.47
N ASP D 320 6.95 25.04 -30.40
CA ASP D 320 8.16 25.78 -30.81
C ASP D 320 7.97 26.63 -32.06
N ASN D 321 6.72 26.83 -32.48
CA ASN D 321 6.45 27.65 -33.66
C ASN D 321 6.36 29.14 -33.33
N CYS D 322 7.08 29.55 -32.29
CA CYS D 322 7.09 30.94 -31.85
C CYS D 322 7.96 31.09 -30.61
N PRO D 323 8.69 32.21 -30.50
CA PRO D 323 9.64 32.43 -29.41
C PRO D 323 8.97 32.63 -28.05
N PHE D 324 7.90 33.41 -28.01
CA PHE D 324 7.21 33.72 -26.75
C PHE D 324 6.51 32.52 -26.12
N TYR D 325 6.44 32.53 -24.79
CA TYR D 325 5.81 31.43 -24.07
C TYR D 325 4.41 31.81 -23.63
N ARG D 326 4.16 33.11 -23.49
CA ARG D 326 2.86 33.59 -23.07
C ARG D 326 2.49 34.87 -23.80
N ALA D 327 1.18 35.08 -23.96
CA ALA D 327 0.68 36.20 -24.75
C ALA D 327 -0.57 36.76 -24.10
N THR D 328 -0.71 38.08 -24.14
CA THR D 328 -1.85 38.72 -23.51
C THR D 328 -2.57 39.68 -24.45
N ILE D 329 -3.89 39.55 -24.53
CA ILE D 329 -4.70 40.52 -25.24
C ILE D 329 -4.89 41.72 -24.32
N PHE D 330 -3.86 42.55 -24.24
CA PHE D 330 -3.83 43.66 -23.30
C PHE D 330 -4.96 44.64 -23.51
N SER D 331 -5.55 44.62 -24.70
CA SER D 331 -6.60 45.59 -25.02
C SER D 331 -7.92 45.25 -24.35
N ASN D 332 -8.07 44.00 -23.92
CA ASN D 332 -9.28 43.58 -23.22
C ASN D 332 -9.30 44.00 -21.75
N TYR D 333 -8.14 44.28 -21.19
CA TYR D 333 -8.06 44.67 -19.77
C TYR D 333 -8.64 46.06 -19.51
N SER D 334 -8.37 46.99 -20.41
CA SER D 334 -8.94 48.33 -20.31
C SER D 334 -8.98 49.03 -21.67
N PRO D 335 -10.10 49.72 -21.96
CA PRO D 335 -10.24 50.49 -23.19
C PRO D 335 -9.29 51.68 -23.25
N TYR D 336 -8.52 51.91 -22.18
CA TYR D 336 -7.54 52.99 -22.18
C TYR D 336 -6.10 52.47 -22.24
N ASN D 337 -5.94 51.22 -22.65
CA ASN D 337 -4.60 50.67 -22.88
C ASN D 337 -4.15 50.84 -24.33
N GLN D 338 -4.99 51.48 -25.12
CA GLN D 338 -4.67 51.85 -26.50
C GLN D 338 -5.45 53.11 -26.79
N PRO D 339 -5.11 53.82 -27.88
CA PRO D 339 -5.81 55.07 -28.20
C PRO D 339 -7.29 54.83 -28.54
N GLU D 340 -8.05 55.91 -28.67
CA GLU D 340 -9.44 55.81 -29.09
C GLU D 340 -9.55 55.73 -30.61
N ALA D 341 -10.70 55.24 -31.09
CA ALA D 341 -10.92 55.04 -32.51
C ALA D 341 -10.66 56.29 -33.36
N SER D 342 -10.93 57.46 -32.78
CA SER D 342 -10.79 58.72 -33.50
C SER D 342 -9.32 59.07 -33.80
N LYS D 343 -8.42 58.61 -32.95
CA LYS D 343 -7.00 58.89 -33.13
C LYS D 343 -6.51 58.28 -34.44
N LYS D 344 -5.88 59.11 -35.26
CA LYS D 344 -5.35 58.67 -36.55
C LYS D 344 -3.89 58.29 -36.44
N LEU D 345 -3.55 57.12 -36.99
CA LEU D 345 -2.19 56.63 -36.97
C LEU D 345 -1.91 55.86 -38.25
N PRO D 346 -0.69 56.00 -38.79
CA PRO D 346 -0.29 55.30 -40.01
C PRO D 346 0.12 53.86 -39.74
N THR D 347 -0.32 52.95 -40.58
CA THR D 347 0.13 51.57 -40.49
C THR D 347 1.63 51.50 -40.80
N MET D 348 2.38 50.83 -39.93
CA MET D 348 3.82 50.71 -40.08
C MET D 348 4.16 49.55 -41.01
N GLN D 349 3.31 48.53 -40.98
CA GLN D 349 3.54 47.32 -41.74
C GLN D 349 2.42 46.35 -41.49
N LEU D 350 2.39 45.27 -42.27
CA LEU D 350 1.41 44.22 -42.06
C LEU D 350 2.02 43.12 -41.20
N ALA D 351 1.19 42.18 -40.78
CA ALA D 351 1.64 41.09 -39.93
C ALA D 351 2.70 40.21 -40.59
N ASP D 352 2.59 40.02 -41.90
CA ASP D 352 3.51 39.13 -42.62
C ASP D 352 4.88 39.78 -42.82
N GLY D 353 4.93 41.09 -42.68
CA GLY D 353 6.19 41.83 -42.83
C GLY D 353 6.17 42.75 -44.04
N SER D 354 5.22 42.52 -44.94
CA SER D 354 5.08 43.34 -46.13
C SER D 354 4.56 44.72 -45.78
N ARG D 355 4.93 45.72 -46.58
CA ARG D 355 4.49 47.08 -46.35
C ARG D 355 2.97 47.18 -46.53
N PRO D 356 2.32 48.06 -45.75
CA PRO D 356 0.86 48.15 -45.71
C PRO D 356 0.28 48.72 -47.01
N GLN D 357 -0.99 48.42 -47.28
CA GLN D 357 -1.64 48.88 -48.49
C GLN D 357 -1.61 50.39 -48.60
N SER D 358 -1.70 51.06 -47.46
CA SER D 358 -1.70 52.51 -47.43
C SER D 358 -1.01 53.04 -46.15
N THR D 359 -0.10 53.99 -46.33
CA THR D 359 0.64 54.54 -45.20
C THR D 359 0.04 55.86 -44.68
N GLU D 360 -1.22 56.12 -45.02
CA GLU D 360 -1.90 57.32 -44.55
C GLU D 360 -2.40 57.11 -43.14
N ALA D 361 -2.50 58.20 -42.38
CA ALA D 361 -2.94 58.14 -40.99
C ALA D 361 -4.45 57.87 -40.87
N LYS D 362 -4.80 56.60 -40.72
CA LYS D 362 -6.21 56.21 -40.65
C LYS D 362 -6.69 56.14 -39.21
N GLU D 363 -7.97 55.82 -39.03
CA GLU D 363 -8.55 55.76 -37.69
C GLU D 363 -8.63 54.33 -37.18
N GLY D 364 -8.86 54.21 -35.87
CA GLY D 364 -9.04 52.91 -35.24
C GLY D 364 -10.39 52.33 -35.56
N PRO D 365 -10.99 51.59 -34.61
CA PRO D 365 -10.45 51.30 -33.28
C PRO D 365 -9.21 50.42 -33.33
N TYR D 366 -8.48 50.38 -32.23
CA TYR D 366 -7.29 49.56 -32.17
C TYR D 366 -7.41 48.50 -31.08
N TRP D 367 -6.57 47.48 -31.17
CA TRP D 367 -6.41 46.53 -30.08
C TRP D 367 -4.92 46.24 -29.88
N SER D 368 -4.59 45.46 -28.85
CA SER D 368 -3.19 45.34 -28.43
C SER D 368 -2.81 43.91 -28.00
N ILE D 369 -1.59 43.50 -28.34
CA ILE D 369 -1.05 42.21 -27.93
C ILE D 369 0.25 42.34 -27.14
N MET D 370 0.36 41.58 -26.06
CA MET D 370 1.57 41.60 -25.23
C MET D 370 2.16 40.19 -25.14
N LEU D 371 3.46 40.10 -25.36
CA LEU D 371 4.15 38.82 -25.40
C LEU D 371 5.38 38.86 -24.51
N GLU D 372 5.77 37.69 -23.99
CA GLU D 372 6.98 37.61 -23.19
C GLU D 372 7.87 36.51 -23.71
N VAL D 373 9.16 36.84 -23.89
CA VAL D 373 10.15 35.85 -24.30
C VAL D 373 11.26 35.81 -23.25
N SER D 374 11.63 34.60 -22.83
CA SER D 374 12.67 34.43 -21.83
C SER D 374 14.04 34.26 -22.47
N GLU D 375 15.08 34.62 -21.72
CA GLU D 375 16.46 34.49 -22.18
C GLU D 375 17.37 34.18 -21.00
N SER D 376 18.25 33.19 -21.17
CA SER D 376 19.24 32.89 -20.15
C SER D 376 20.51 32.29 -20.75
N SER D 377 21.52 32.09 -19.92
CA SER D 377 22.79 31.55 -20.37
C SER D 377 22.69 30.09 -20.84
N MET D 378 21.45 29.59 -20.94
CA MET D 378 21.20 28.27 -21.49
C MET D 378 20.28 28.40 -22.71
N LYS D 379 19.64 29.55 -22.85
CA LYS D 379 18.74 29.79 -23.96
C LYS D 379 18.89 31.22 -24.46
N PRO D 380 19.73 31.39 -25.48
CA PRO D 380 20.01 32.71 -26.05
C PRO D 380 18.93 33.14 -27.05
N VAL D 381 18.74 34.46 -27.15
CA VAL D 381 17.87 35.02 -28.16
C VAL D 381 18.61 36.18 -28.81
N ASN D 382 18.43 36.34 -30.12
CA ASN D 382 19.01 37.46 -30.83
C ASN D 382 18.13 38.69 -30.63
N GLN D 383 18.69 39.69 -29.95
CA GLN D 383 17.91 40.87 -29.59
C GLN D 383 17.43 41.66 -30.82
N GLU D 384 18.22 41.65 -31.89
CA GLU D 384 17.90 42.45 -33.07
C GLU D 384 16.82 41.81 -33.96
N THR D 385 16.65 40.51 -33.86
CA THR D 385 15.69 39.79 -34.71
C THR D 385 14.49 39.22 -33.96
N ILE D 386 14.40 39.49 -32.66
CA ILE D 386 13.31 38.94 -31.86
C ILE D 386 11.97 39.62 -32.14
N LEU D 387 12.00 40.94 -32.35
CA LEU D 387 10.78 41.70 -32.62
C LEU D 387 10.06 41.16 -33.85
N ALA D 388 10.84 40.84 -34.88
CA ALA D 388 10.29 40.25 -36.10
C ALA D 388 9.84 38.83 -35.82
N ASP D 389 10.67 38.09 -35.06
CA ASP D 389 10.36 36.70 -34.72
C ASP D 389 9.00 36.55 -34.05
N CYS D 390 8.65 37.51 -33.19
CA CYS D 390 7.39 37.46 -32.46
C CYS D 390 6.19 37.71 -33.38
N ILE D 391 6.30 38.75 -34.19
CA ILE D 391 5.24 39.06 -35.15
C ILE D 391 5.04 37.87 -36.10
N GLN D 392 6.14 37.20 -36.43
CA GLN D 392 6.06 35.99 -37.24
C GLN D 392 5.35 34.90 -36.44
N GLY D 393 5.73 34.76 -35.17
CA GLY D 393 5.13 33.80 -34.28
C GLY D 393 3.65 34.06 -34.06
N LEU D 394 3.25 35.32 -34.14
CA LEU D 394 1.84 35.68 -33.98
C LEU D 394 1.03 35.20 -35.18
N VAL D 395 1.67 35.17 -36.34
CA VAL D 395 1.03 34.64 -37.54
C VAL D 395 0.94 33.13 -37.46
N ASN D 396 2.04 32.48 -37.09
CA ASN D 396 2.11 31.03 -37.05
C ASN D 396 1.09 30.41 -36.10
N THR D 397 0.70 31.17 -35.09
CA THR D 397 -0.23 30.70 -34.08
C THR D 397 -1.64 31.21 -34.36
N GLU D 398 -1.80 31.85 -35.50
CA GLU D 398 -3.10 32.38 -35.94
C GLU D 398 -3.61 33.47 -35.01
N MET D 399 -2.69 34.18 -34.36
CA MET D 399 -3.05 35.32 -33.53
C MET D 399 -3.31 36.54 -34.42
N LEU D 400 -2.63 36.54 -35.57
CA LEU D 400 -2.76 37.62 -36.53
C LEU D 400 -2.89 37.07 -37.94
N LYS D 401 -3.75 37.70 -38.73
CA LYS D 401 -3.79 37.42 -40.15
C LYS D 401 -2.60 38.12 -40.80
N PRO D 402 -1.98 37.48 -41.80
CA PRO D 402 -0.86 38.10 -42.54
C PRO D 402 -1.20 39.53 -42.93
N THR D 403 -2.49 39.80 -43.13
CA THR D 403 -2.95 41.09 -43.64
C THR D 403 -3.24 42.11 -42.53
N ASP D 404 -3.10 41.70 -41.27
CA ASP D 404 -3.39 42.60 -40.14
C ASP D 404 -2.46 43.82 -40.08
N GLU D 405 -3.05 44.99 -39.91
CA GLU D 405 -2.31 46.25 -39.93
C GLU D 405 -1.67 46.54 -38.58
N ILE D 406 -0.35 46.54 -38.55
CA ILE D 406 0.37 46.86 -37.32
C ILE D 406 0.68 48.35 -37.25
N VAL D 407 0.21 48.99 -36.18
CA VAL D 407 0.29 50.43 -36.06
C VAL D 407 1.17 50.85 -34.88
N SER D 408 1.78 49.88 -34.20
CA SER D 408 2.66 50.18 -33.08
C SER D 408 3.40 48.97 -32.56
N THR D 409 4.70 49.12 -32.35
CA THR D 409 5.51 48.05 -31.77
C THR D 409 6.20 48.53 -30.50
N TYR D 410 6.52 47.57 -29.63
CA TYR D 410 7.20 47.88 -28.38
C TYR D 410 8.13 46.75 -27.99
N HIS D 411 9.38 47.10 -27.69
CA HIS D 411 10.35 46.10 -27.28
C HIS D 411 11.21 46.62 -26.13
N ARG D 412 11.34 45.79 -25.09
CA ARG D 412 12.22 46.12 -23.97
C ARG D 412 12.76 44.86 -23.31
N ARG D 413 14.03 44.92 -22.90
CA ARG D 413 14.67 43.81 -22.22
C ARG D 413 14.89 44.13 -20.74
N PHE D 414 14.35 43.31 -19.86
CA PHE D 414 14.57 43.46 -18.41
C PHE D 414 15.58 42.42 -17.94
N ASP D 415 16.82 42.85 -17.74
CA ASP D 415 17.90 41.92 -17.38
C ASP D 415 17.50 40.93 -16.30
N HIS D 416 16.92 41.44 -15.21
CA HIS D 416 16.37 40.58 -14.17
C HIS D 416 14.87 40.38 -14.38
N GLY D 417 14.49 39.20 -14.85
CA GLY D 417 13.09 38.91 -15.11
C GLY D 417 12.48 37.97 -14.09
N TYR D 418 12.93 36.72 -14.10
CA TYR D 418 12.42 35.72 -13.17
C TYR D 418 13.51 35.20 -12.23
N PRO D 419 13.21 35.17 -10.93
CA PRO D 419 14.07 34.52 -9.94
C PRO D 419 13.91 33.01 -10.06
N THR D 420 14.89 32.37 -10.66
CA THR D 420 14.79 30.95 -10.99
C THR D 420 14.90 30.06 -9.76
N PRO D 421 13.88 29.22 -9.52
CA PRO D 421 13.83 28.30 -8.39
C PRO D 421 14.68 27.07 -8.63
N THR D 422 16.00 27.27 -8.71
CA THR D 422 16.92 26.18 -8.99
C THR D 422 17.11 25.26 -7.79
N LEU D 423 17.84 24.18 -7.99
CA LEU D 423 18.08 23.22 -6.93
C LEU D 423 19.04 23.74 -5.86
N GLU D 424 19.78 24.79 -6.18
CA GLU D 424 20.80 25.32 -5.28
C GLU D 424 20.31 26.58 -4.55
N ARG D 425 19.22 27.16 -5.05
CA ARG D 425 18.69 28.42 -4.53
C ARG D 425 18.57 28.48 -3.01
N GLU D 426 17.92 27.46 -2.43
CA GLU D 426 17.72 27.43 -0.98
C GLU D 426 19.04 27.36 -0.23
N GLY D 427 19.87 26.39 -0.58
CA GLY D 427 21.18 26.27 0.04
C GLY D 427 21.91 27.60 0.06
N ALA D 428 21.60 28.45 -0.92
CA ALA D 428 22.28 29.74 -1.04
C ALA D 428 21.55 30.83 -0.26
N LEU D 429 20.23 30.77 -0.26
CA LEU D 429 19.43 31.79 0.41
C LEU D 429 19.43 31.64 1.93
N THR D 430 19.44 30.40 2.41
CA THR D 430 19.47 30.14 3.84
C THR D 430 20.78 30.60 4.47
N GLN D 431 21.72 31.00 3.62
CA GLN D 431 22.95 31.63 4.08
C GLN D 431 22.85 33.14 3.95
N ILE D 432 22.54 33.59 2.75
CA ILE D 432 22.50 35.01 2.41
C ILE D 432 21.58 35.82 3.32
N LEU D 433 20.33 35.40 3.43
CA LEU D 433 19.32 36.21 4.12
C LEU D 433 19.56 36.39 5.63
N PRO D 434 19.79 35.28 6.36
CA PRO D 434 20.11 35.42 7.78
C PRO D 434 21.35 36.29 8.03
N LYS D 435 22.40 36.11 7.22
CA LYS D 435 23.60 36.91 7.36
C LYS D 435 23.32 38.41 7.21
N LEU D 436 22.44 38.75 6.27
CA LEU D 436 22.08 40.14 6.03
C LEU D 436 21.27 40.70 7.20
N GLN D 437 20.48 39.83 7.82
CA GLN D 437 19.67 40.26 8.94
C GLN D 437 20.53 40.48 10.18
N ASP D 438 21.60 39.72 10.30
CA ASP D 438 22.55 39.93 11.38
C ASP D 438 23.20 41.30 11.28
N LYS D 439 23.14 41.90 10.09
CA LYS D 439 23.66 43.24 9.89
C LYS D 439 22.52 44.26 9.95
N ASP D 440 21.31 43.78 10.24
CA ASP D 440 20.13 44.62 10.29
C ASP D 440 19.71 45.10 8.91
N ILE D 441 19.76 44.20 7.94
CA ILE D 441 19.29 44.50 6.60
C ILE D 441 18.25 43.50 6.15
N TRP D 442 17.00 43.95 6.08
CA TRP D 442 15.92 43.11 5.57
C TRP D 442 15.87 43.21 4.04
N SER D 443 16.42 42.18 3.37
CA SER D 443 16.48 42.13 1.91
C SER D 443 15.25 41.40 1.39
N ARG D 444 14.29 42.16 0.86
CA ARG D 444 13.00 41.57 0.50
C ARG D 444 12.58 41.91 -0.93
N GLY D 445 11.71 41.07 -1.50
CA GLY D 445 11.17 41.33 -2.81
C GLY D 445 11.43 40.21 -3.82
N ARG D 446 10.81 40.35 -4.99
CA ARG D 446 11.04 39.41 -6.10
C ARG D 446 12.53 39.09 -6.23
N PHE D 447 13.35 40.11 -6.23
CA PHE D 447 14.79 39.93 -6.31
C PHE D 447 15.52 40.30 -5.00
N GLY D 448 14.79 40.91 -4.08
CA GLY D 448 15.32 41.14 -2.74
C GLY D 448 15.52 39.83 -2.01
N SER D 449 14.50 38.97 -2.08
CA SER D 449 14.52 37.68 -1.40
C SER D 449 14.41 36.50 -2.35
N TRP D 450 14.30 36.79 -3.64
CA TRP D 450 14.58 35.81 -4.69
C TRP D 450 13.72 34.55 -4.66
N ARG D 451 12.48 34.63 -4.16
CA ARG D 451 11.59 33.47 -4.11
C ARG D 451 10.39 33.63 -5.01
N TYR D 452 10.34 32.86 -6.09
CA TYR D 452 9.27 32.98 -7.06
C TYR D 452 7.90 32.68 -6.45
N GLU D 453 7.82 31.66 -5.60
CA GLU D 453 6.58 31.30 -4.94
C GLU D 453 5.83 32.53 -4.48
N VAL D 454 6.59 33.53 -4.07
CA VAL D 454 6.05 34.70 -3.42
C VAL D 454 6.56 35.98 -4.10
N GLY D 455 7.05 35.82 -5.31
CA GLY D 455 7.29 36.95 -6.19
C GLY D 455 5.98 37.19 -6.90
N ASN D 456 5.55 38.44 -6.90
CA ASN D 456 4.21 38.83 -7.33
C ASN D 456 3.86 40.12 -6.61
N GLN D 457 2.99 40.92 -7.19
CA GLN D 457 2.73 42.26 -6.67
C GLN D 457 2.21 42.24 -5.24
N ASP D 458 1.12 41.50 -5.00
CA ASP D 458 0.57 41.41 -3.66
C ASP D 458 1.59 40.79 -2.68
N HIS D 459 2.21 39.69 -3.07
CA HIS D 459 3.23 39.05 -2.25
C HIS D 459 4.38 40.02 -1.94
N SER D 460 4.93 40.62 -2.99
CA SER D 460 6.06 41.53 -2.83
C SER D 460 5.68 42.64 -1.88
N PHE D 461 4.52 43.24 -2.13
CA PHE D 461 4.00 44.28 -1.26
C PHE D 461 3.98 43.84 0.20
N MET D 462 3.36 42.69 0.47
CA MET D 462 3.27 42.19 1.83
C MET D 462 4.64 41.85 2.43
N LEU D 463 5.58 41.45 1.58
CA LEU D 463 6.95 41.24 2.02
C LEU D 463 7.50 42.49 2.69
N GLY D 464 7.18 43.65 2.11
CA GLY D 464 7.61 44.93 2.64
C GLY D 464 6.83 45.33 3.87
N VAL D 465 5.53 45.03 3.88
CA VAL D 465 4.71 45.27 5.06
C VAL D 465 5.15 44.44 6.28
N GLU D 466 5.40 43.15 6.06
CA GLU D 466 5.76 42.24 7.14
C GLU D 466 7.18 42.48 7.66
N ALA D 467 8.06 42.99 6.81
CA ALA D 467 9.40 43.33 7.23
C ALA D 467 9.32 44.48 8.24
N VAL D 468 8.48 45.46 7.94
CA VAL D 468 8.32 46.59 8.83
C VAL D 468 7.64 46.17 10.14
N ASP D 469 6.66 45.27 10.04
CA ASP D 469 5.95 44.74 11.20
C ASP D 469 6.86 43.92 12.11
N ASN D 470 7.80 43.19 11.50
CA ASN D 470 8.78 42.41 12.22
C ASN D 470 9.72 43.33 12.97
N ILE D 471 10.15 44.38 12.27
CA ILE D 471 11.11 45.31 12.82
C ILE D 471 10.51 46.07 13.99
N VAL D 472 9.23 46.38 13.90
CA VAL D 472 8.57 47.26 14.84
C VAL D 472 7.72 46.51 15.87
N ASN D 473 6.91 45.57 15.40
CA ASN D 473 6.00 44.88 16.32
C ASN D 473 6.33 43.43 16.63
N GLY D 474 7.46 42.94 16.13
CA GLY D 474 7.90 41.58 16.39
C GLY D 474 7.07 40.53 15.67
N ALA D 475 6.36 40.95 14.63
CA ALA D 475 5.55 40.03 13.84
C ALA D 475 6.41 38.90 13.25
N VAL D 476 5.76 37.80 12.91
CA VAL D 476 6.45 36.70 12.25
C VAL D 476 6.30 36.86 10.74
N GLU D 477 7.41 36.78 10.03
CA GLU D 477 7.39 36.98 8.58
C GLU D 477 6.88 35.73 7.88
N LEU D 478 5.56 35.63 7.78
CA LEU D 478 4.90 34.42 7.29
C LEU D 478 5.11 34.21 5.79
N THR D 479 4.99 35.30 5.04
CA THR D 479 5.01 35.25 3.60
C THR D 479 6.39 34.89 3.04
N LEU D 480 7.43 35.25 3.78
CA LEU D 480 8.80 35.00 3.34
C LEU D 480 9.25 33.57 3.65
N ASN D 481 8.95 33.10 4.85
CA ASN D 481 9.38 31.76 5.27
C ASN D 481 8.38 30.63 4.98
N TYR D 482 7.10 30.98 4.90
CA TYR D 482 6.06 29.97 4.75
C TYR D 482 5.08 30.29 3.63
N PRO D 483 5.56 30.26 2.38
CA PRO D 483 4.71 30.53 1.22
C PRO D 483 3.42 29.72 1.18
N ASP D 484 3.49 28.41 1.43
CA ASP D 484 2.28 27.57 1.36
C ASP D 484 1.26 27.86 2.45
N PHE D 485 1.64 28.69 3.41
CA PHE D 485 0.73 29.07 4.48
C PHE D 485 -0.08 30.30 4.08
N VAL D 486 0.62 31.35 3.65
CA VAL D 486 -0.05 32.58 3.24
C VAL D 486 -0.84 32.36 1.96
N ASN D 487 -0.44 31.35 1.19
CA ASN D 487 -1.11 31.07 -0.08
C ASN D 487 -2.40 30.25 0.07
N GLY D 488 -2.50 29.46 1.12
CA GLY D 488 -3.63 28.56 1.29
C GLY D 488 -4.69 29.07 2.23
N ARG D 489 -4.65 30.37 2.52
CA ARG D 489 -5.59 30.94 3.47
C ARG D 489 -6.04 32.35 3.06
N GLN D 490 -7.07 32.83 3.75
CA GLN D 490 -7.49 34.22 3.63
C GLN D 490 -6.78 35.06 4.67
N ASN D 491 -5.89 35.92 4.22
CA ASN D 491 -5.13 36.77 5.13
C ASN D 491 -5.86 38.08 5.39
N THR D 492 -6.65 38.11 6.47
CA THR D 492 -7.58 39.21 6.71
C THR D 492 -7.29 39.98 7.99
N GLU D 493 -6.38 39.48 8.81
CA GLU D 493 -6.12 40.06 10.13
C GLU D 493 -5.54 41.47 10.04
N ARG D 494 -4.57 41.66 9.15
CA ARG D 494 -3.86 42.93 9.05
C ARG D 494 -4.55 43.88 8.09
N ARG D 495 -4.99 45.03 8.60
CA ARG D 495 -5.72 46.01 7.78
C ARG D 495 -5.04 47.37 7.76
N LEU D 496 -5.40 48.19 6.77
CA LEU D 496 -4.84 49.53 6.64
C LEU D 496 -5.28 50.44 7.80
N VAL D 497 -6.27 49.98 8.55
CA VAL D 497 -6.65 50.64 9.78
C VAL D 497 -6.82 49.59 10.89
N ASP D 498 -5.79 49.45 11.73
CA ASP D 498 -5.85 48.51 12.84
C ASP D 498 -6.35 49.18 14.11
N GLY D 499 -6.48 48.40 15.17
CA GLY D 499 -6.90 48.93 16.45
C GLY D 499 -6.04 50.11 16.88
N ALA D 500 -4.73 49.96 16.70
CA ALA D 500 -3.76 50.97 17.15
C ALA D 500 -4.11 52.38 16.70
N GLN D 501 -4.77 52.49 15.55
CA GLN D 501 -5.15 53.81 15.04
C GLN D 501 -6.53 54.22 15.53
N VAL D 502 -7.46 53.27 15.54
CA VAL D 502 -8.80 53.54 16.05
C VAL D 502 -8.73 54.00 17.49
N PHE D 503 -7.81 53.42 18.25
CA PHE D 503 -7.68 53.70 19.67
C PHE D 503 -7.04 55.05 19.96
N ALA D 504 -5.92 55.34 19.31
CA ALA D 504 -5.24 56.59 19.56
C ALA D 504 -6.13 57.75 19.13
N LYS D 505 -7.08 57.44 18.26
CA LYS D 505 -8.01 58.44 17.73
C LYS D 505 -9.11 58.78 18.72
N SER D 506 -9.55 57.79 19.50
CA SER D 506 -10.52 58.04 20.56
C SER D 506 -9.81 58.53 21.83
N LYS D 507 -8.49 58.40 21.87
CA LYS D 507 -7.70 58.93 22.97
C LYS D 507 -7.40 60.42 22.71
N ALA D 508 -7.64 60.83 21.47
CA ALA D 508 -7.48 62.23 21.08
C ALA D 508 -8.70 63.05 21.49
N GLN D 509 -9.88 62.63 21.02
CA GLN D 509 -11.13 63.23 21.47
C GLN D 509 -11.32 62.87 22.94
N LEU D 510 -11.36 61.58 23.20
CA LEU D 510 -11.26 61.00 24.54
C LEU D 510 -12.20 61.54 25.62
N GLU D 511 -11.76 61.42 26.87
CA GLU D 511 -12.63 61.56 28.04
C GLU D 511 -13.52 60.33 28.14
N HIS D 512 -14.66 60.47 28.82
CA HIS D 512 -15.64 59.40 28.93
C HIS D 512 -15.13 58.25 29.79
N HIS D 513 -16.03 57.69 30.60
CA HIS D 513 -15.70 56.54 31.44
C HIS D 513 -16.97 55.78 31.83
#